data_9H4V
#
_entry.id   9H4V
#
_cell.length_a   84.472
_cell.length_b   99.714
_cell.length_c   198.388
_cell.angle_alpha   90.00
_cell.angle_beta   90.00
_cell.angle_gamma   90.00
#
_symmetry.space_group_name_H-M   'P 21 21 21'
#
loop_
_entity.id
_entity.type
_entity.pdbx_description
1 polymer Serotransferrin
2 non-polymer 'CITRIC ACID'
3 non-polymer 'GOLD ION'
4 non-polymer 2-acetamido-2-deoxy-beta-D-glucopyranose
5 water water
#
_entity_poly.entity_id   1
_entity_poly.type   'polypeptide(L)'
_entity_poly.pdbx_seq_one_letter_code
;VPDKTVRWCAVSEHEATKCQSFRDHMKSVIPSDGPSVACVKKASYLDCIRAIAANEADAVTLDAGLVYDAYLAPNNLKPV
VAEFYGSKEDPQTFYYAVAVVKKDSGFQMNQLRGKKSCHTGLGRSAGWNIPIGLLYCDLPEPRKPLEKAVANFFSGSCAP
CADGTDFPQLCQLCPGCGCSTLNQYFGYSGAFKCLKDGAGDVAFVKHSTIFENLANKADRDQYELLCLDNTRKPVDEYKD
CHLAQVPSHTVVARSMGGKEDLIWELLNQAQEHFGKDKSKEFQLFSSPHGKDLLFKDSAHGFLKVPPRMDAKMYLGYEYV
TAIRNLREGTCPEAPTDECKPVKWCALSHHERLKCDEWSVNSVGKIECVSAETTEDCIAKIMNGEADAMSLDGGFVYIAG
KCGLVPVLAENYNKSDNCEDTPEAGYFAVAVVKKSASDLTWDNLKGKKSCHTAVGRTAGWNIPMGLLYNKINHCRFDEFF
SEGCAPGSKKDSSLCKLCMGSGLNLCEPNNKEGYYGYTGAFRCLVEKGDVAFVKHQTVPQNTGGKNPDPWAKNLNEKDYE
LLCLDGTRKPVEEYANCHLARAPNHAVVTRKDKEACVHKILRQQQHLFGSNVTDCSGNFCLFRSETKDLLFRDDTVCLAK
LHDRNTYEKYLGEEYVKAVGNLRKCSTSSLLEACTFRRP
;
_entity_poly.pdbx_strand_id   A,B
#
loop_
_chem_comp.id
_chem_comp.type
_chem_comp.name
_chem_comp.formula
AU non-polymer 'GOLD ION' 'Au 1'
CIT non-polymer 'CITRIC ACID' 'C6 H8 O7'
NAG D-saccharide, beta linking 2-acetamido-2-deoxy-beta-D-glucopyranose 'C8 H15 N O6'
#
# COMPACT_ATOMS: atom_id res chain seq x y z
N LYS A 4 10.93 -29.46 -3.26
CA LYS A 4 12.05 -28.98 -4.12
C LYS A 4 11.52 -27.97 -5.14
N THR A 5 10.29 -27.50 -4.93
CA THR A 5 9.65 -26.55 -5.82
C THR A 5 9.65 -25.17 -5.18
N VAL A 6 9.93 -24.14 -5.99
CA VAL A 6 9.94 -22.76 -5.55
C VAL A 6 8.69 -22.07 -6.10
N ARG A 7 7.91 -21.48 -5.19
CA ARG A 7 6.71 -20.74 -5.56
C ARG A 7 7.10 -19.29 -5.86
N TRP A 8 7.16 -18.97 -7.16
CA TRP A 8 7.49 -17.64 -7.61
C TRP A 8 6.24 -16.77 -7.62
N CYS A 9 6.38 -15.49 -7.26
CA CYS A 9 5.23 -14.60 -7.16
C CYS A 9 5.26 -13.58 -8.29
N ALA A 10 4.19 -13.59 -9.08
CA ALA A 10 3.98 -12.63 -10.16
C ALA A 10 3.00 -11.56 -9.70
N VAL A 11 3.15 -10.34 -10.24
CA VAL A 11 2.37 -9.19 -9.79
C VAL A 11 1.40 -8.76 -10.89
N SER A 12 1.37 -9.52 -11.99
CA SER A 12 0.48 -9.24 -13.10
C SER A 12 0.10 -10.55 -13.80
N GLU A 13 -0.72 -10.43 -14.86
CA GLU A 13 -1.11 -11.57 -15.67
C GLU A 13 0.03 -11.93 -16.62
N HIS A 14 0.56 -10.91 -17.30
CA HIS A 14 1.69 -11.06 -18.21
C HIS A 14 2.83 -11.79 -17.51
N GLU A 15 3.15 -11.35 -16.28
CA GLU A 15 4.20 -11.97 -15.48
C GLU A 15 3.86 -13.43 -15.19
N ALA A 16 2.61 -13.69 -14.81
CA ALA A 16 2.16 -15.03 -14.47
C ALA A 16 2.45 -15.99 -15.62
N THR A 17 2.20 -15.53 -16.85
CA THR A 17 2.40 -16.31 -18.06
C THR A 17 3.87 -16.66 -18.19
N LYS A 18 4.74 -15.66 -18.05
CA LYS A 18 6.18 -15.85 -18.17
C LYS A 18 6.63 -16.88 -17.14
N CYS A 19 6.14 -16.74 -15.91
CA CYS A 19 6.42 -17.69 -14.84
C CYS A 19 6.02 -19.09 -15.26
N GLN A 20 4.89 -19.18 -15.98
CA GLN A 20 4.30 -20.46 -16.35
C GLN A 20 5.18 -21.19 -17.36
N SER A 21 5.63 -20.46 -18.39
CA SER A 21 6.54 -21.03 -19.38
C SER A 21 7.93 -21.19 -18.79
N PHE A 22 8.23 -20.43 -17.74
CA PHE A 22 9.45 -20.60 -16.96
C PHE A 22 9.38 -21.93 -16.21
N ARG A 23 8.17 -22.31 -15.79
CA ARG A 23 7.93 -23.60 -15.14
C ARG A 23 8.12 -24.72 -16.14
N ASP A 24 7.49 -24.58 -17.32
CA ASP A 24 7.43 -25.62 -18.34
C ASP A 24 8.82 -25.89 -18.92
N HIS A 25 9.55 -24.81 -19.24
CA HIS A 25 10.85 -24.91 -19.88
C HIS A 25 11.87 -25.50 -18.91
N MET A 26 11.71 -25.19 -17.62
CA MET A 26 12.58 -25.73 -16.58
C MET A 26 12.10 -27.13 -16.17
N LYS A 27 10.93 -27.52 -16.68
CA LYS A 27 10.38 -28.84 -16.41
C LYS A 27 11.02 -29.85 -17.36
N SER A 28 11.45 -29.36 -18.53
CA SER A 28 11.95 -30.20 -19.61
C SER A 28 13.44 -30.48 -19.44
N VAL A 29 14.23 -29.42 -19.24
CA VAL A 29 15.69 -29.52 -19.26
C VAL A 29 16.19 -30.19 -17.98
N ILE A 30 15.55 -29.89 -16.84
CA ILE A 30 16.07 -30.31 -15.55
C ILE A 30 15.60 -31.74 -15.26
N PRO A 31 16.48 -32.62 -14.75
CA PRO A 31 16.08 -33.98 -14.34
C PRO A 31 15.24 -33.97 -13.07
N SER A 32 14.70 -35.15 -12.72
CA SER A 32 13.85 -35.32 -11.56
C SER A 32 14.44 -34.62 -10.33
N ASP A 33 15.74 -34.87 -10.09
CA ASP A 33 16.45 -34.31 -8.94
C ASP A 33 16.87 -32.88 -9.24
N GLY A 34 15.95 -32.12 -9.85
CA GLY A 34 16.23 -30.74 -10.24
C GLY A 34 15.15 -29.79 -9.70
N PRO A 35 15.47 -28.47 -9.59
CA PRO A 35 14.51 -27.48 -9.11
C PRO A 35 13.34 -27.28 -10.08
N SER A 36 12.16 -27.00 -9.51
CA SER A 36 10.95 -26.78 -10.28
C SER A 36 10.30 -25.46 -9.86
N VAL A 37 9.58 -24.84 -10.80
CA VAL A 37 9.00 -23.53 -10.61
C VAL A 37 7.49 -23.67 -10.43
N ALA A 38 6.95 -22.96 -9.43
CA ALA A 38 5.51 -22.80 -9.24
C ALA A 38 5.15 -21.34 -9.45
N CYS A 39 3.88 -21.07 -9.78
CA CYS A 39 3.46 -19.74 -10.18
C CYS A 39 2.25 -19.28 -9.36
N VAL A 40 2.53 -18.72 -8.18
CA VAL A 40 1.55 -17.99 -7.39
C VAL A 40 1.36 -16.63 -8.05
N LYS A 41 0.11 -16.11 -8.01
CA LYS A 41 -0.20 -14.85 -8.65
C LYS A 41 -1.01 -13.97 -7.71
N LYS A 42 -0.48 -12.77 -7.45
CA LYS A 42 -1.10 -11.79 -6.59
C LYS A 42 -1.30 -10.49 -7.38
N ALA A 43 -1.73 -9.43 -6.67
CA ALA A 43 -2.24 -8.23 -7.30
C ALA A 43 -1.16 -7.15 -7.40
N SER A 44 -0.20 -7.16 -6.47
CA SER A 44 0.82 -6.12 -6.40
C SER A 44 2.10 -6.68 -5.79
N TYR A 45 3.11 -5.80 -5.63
CA TYR A 45 4.36 -6.17 -5.00
C TYR A 45 4.15 -6.36 -3.50
N LEU A 46 3.30 -5.51 -2.90
CA LEU A 46 2.99 -5.57 -1.49
C LEU A 46 2.33 -6.91 -1.13
N ASP A 47 1.47 -7.39 -2.04
CA ASP A 47 0.75 -8.64 -1.84
C ASP A 47 1.73 -9.81 -1.90
N CYS A 48 2.60 -9.80 -2.91
CA CYS A 48 3.63 -10.83 -3.06
C CYS A 48 4.49 -10.89 -1.80
N ILE A 49 4.75 -9.73 -1.20
CA ILE A 49 5.60 -9.61 -0.01
C ILE A 49 4.91 -10.28 1.17
N ARG A 50 3.61 -10.00 1.36
CA ARG A 50 2.85 -10.52 2.48
C ARG A 50 2.62 -12.02 2.29
N ALA A 51 2.54 -12.45 1.03
CA ALA A 51 2.31 -13.84 0.68
C ALA A 51 3.53 -14.68 1.05
N ILE A 52 4.72 -14.17 0.71
CA ILE A 52 5.97 -14.84 1.02
C ILE A 52 6.14 -14.91 2.54
N ALA A 53 5.68 -13.86 3.23
CA ALA A 53 5.74 -13.77 4.68
C ALA A 53 4.75 -14.75 5.31
N ALA A 54 3.60 -14.91 4.67
CA ALA A 54 2.54 -15.80 5.15
C ALA A 54 2.83 -17.25 4.76
N ASN A 55 3.99 -17.46 4.13
CA ASN A 55 4.47 -18.78 3.71
C ASN A 55 3.56 -19.34 2.61
N GLU A 56 3.06 -18.44 1.74
CA GLU A 56 2.18 -18.84 0.65
C GLU A 56 2.94 -18.82 -0.68
N ALA A 57 4.05 -18.05 -0.71
CA ALA A 57 4.97 -18.03 -1.84
C ALA A 57 6.40 -18.00 -1.30
N ASP A 58 7.39 -18.04 -2.21
CA ASP A 58 8.76 -18.25 -1.79
C ASP A 58 9.66 -17.07 -2.17
N ALA A 59 9.51 -16.56 -3.40
CA ALA A 59 10.44 -15.57 -3.90
C ALA A 59 9.75 -14.58 -4.84
N VAL A 60 10.20 -13.32 -4.76
CA VAL A 60 9.83 -12.25 -5.68
C VAL A 60 11.03 -11.31 -5.82
N THR A 61 11.10 -10.61 -6.95
CA THR A 61 12.26 -9.78 -7.26
C THR A 61 11.84 -8.30 -7.30
N LEU A 62 12.45 -7.51 -6.41
CA LEU A 62 11.98 -6.18 -6.09
C LEU A 62 13.04 -5.14 -6.44
N ASP A 63 12.59 -3.89 -6.62
CA ASP A 63 13.45 -2.72 -6.65
C ASP A 63 13.82 -2.37 -5.20
N ALA A 64 14.74 -1.42 -5.04
CA ALA A 64 15.35 -1.11 -3.76
C ALA A 64 14.30 -0.67 -2.73
N GLY A 65 13.36 0.17 -3.17
CA GLY A 65 12.31 0.68 -2.29
C GLY A 65 11.51 -0.44 -1.63
N LEU A 66 11.19 -1.47 -2.42
CA LEU A 66 10.41 -2.60 -1.96
C LEU A 66 11.27 -3.54 -1.13
N VAL A 67 12.59 -3.57 -1.40
CA VAL A 67 13.52 -4.39 -0.64
C VAL A 67 13.47 -3.94 0.82
N TYR A 68 13.32 -2.62 1.02
CA TYR A 68 13.20 -2.03 2.34
C TYR A 68 11.85 -2.41 2.95
N ASP A 69 10.78 -2.13 2.21
CA ASP A 69 9.43 -2.45 2.63
C ASP A 69 9.33 -3.90 3.09
N ALA A 70 10.00 -4.79 2.34
CA ALA A 70 9.93 -6.23 2.56
C ALA A 70 10.57 -6.62 3.88
N TYR A 71 11.62 -5.90 4.30
CA TYR A 71 12.41 -6.30 5.45
C TYR A 71 11.70 -5.86 6.74
N LEU A 72 10.85 -4.83 6.62
CA LEU A 72 10.15 -4.25 7.76
C LEU A 72 9.19 -5.27 8.36
N ALA A 73 9.05 -5.19 9.69
CA ALA A 73 8.05 -5.96 10.42
C ALA A 73 6.67 -5.60 9.87
N PRO A 74 5.72 -6.57 9.73
CA PRO A 74 5.91 -7.94 10.22
C PRO A 74 6.46 -8.95 9.22
N ASN A 75 6.96 -8.45 8.08
CA ASN A 75 7.35 -9.29 6.97
C ASN A 75 8.73 -9.88 7.22
N ASN A 76 9.71 -9.01 7.47
CA ASN A 76 11.09 -9.39 7.72
C ASN A 76 11.55 -10.36 6.64
N LEU A 77 11.67 -9.84 5.41
CA LEU A 77 12.25 -10.58 4.30
C LEU A 77 13.70 -10.13 4.12
N LYS A 78 14.50 -10.94 3.41
CA LYS A 78 15.90 -10.63 3.21
C LYS A 78 16.31 -10.88 1.76
N PRO A 79 17.28 -10.11 1.21
CA PRO A 79 17.83 -10.36 -0.12
C PRO A 79 18.62 -11.67 -0.16
N VAL A 80 18.51 -12.40 -1.27
CA VAL A 80 19.09 -13.73 -1.35
C VAL A 80 19.84 -13.91 -2.68
N VAL A 81 19.28 -13.36 -3.77
CA VAL A 81 19.87 -13.48 -5.09
C VAL A 81 19.71 -12.15 -5.82
N ALA A 82 20.76 -11.73 -6.54
CA ALA A 82 20.77 -10.42 -7.19
C ALA A 82 20.96 -10.54 -8.70
N GLU A 83 20.36 -9.62 -9.44
CA GLU A 83 20.58 -9.46 -10.86
C GLU A 83 21.84 -8.61 -11.07
N PHE A 84 22.64 -8.99 -12.08
CA PHE A 84 23.79 -8.20 -12.50
C PHE A 84 23.60 -7.80 -13.98
N TYR A 85 24.37 -6.80 -14.42
CA TYR A 85 24.01 -6.03 -15.61
C TYR A 85 25.20 -5.78 -16.53
N GLY A 86 26.29 -6.54 -16.38
CA GLY A 86 27.48 -6.32 -17.19
C GLY A 86 28.12 -7.62 -17.67
N SER A 87 29.30 -7.93 -17.11
CA SER A 87 29.95 -9.21 -17.27
C SER A 87 30.14 -9.84 -15.89
N LYS A 88 30.90 -10.95 -15.81
CA LYS A 88 31.09 -11.63 -14.54
C LYS A 88 32.25 -10.98 -13.78
N GLU A 89 33.12 -10.25 -14.49
CA GLU A 89 34.20 -9.51 -13.85
C GLU A 89 33.72 -8.11 -13.49
N ASP A 90 32.88 -7.53 -14.35
CA ASP A 90 32.19 -6.28 -14.06
C ASP A 90 30.70 -6.58 -13.86
N PRO A 91 30.27 -6.99 -12.65
CA PRO A 91 28.90 -7.45 -12.43
C PRO A 91 27.93 -6.27 -12.48
N GLN A 92 28.23 -5.22 -11.71
CA GLN A 92 27.38 -4.05 -11.55
C GLN A 92 26.00 -4.50 -11.09
N THR A 93 25.94 -5.05 -9.87
CA THR A 93 24.67 -5.45 -9.29
C THR A 93 24.02 -4.23 -8.65
N PHE A 94 24.82 -3.17 -8.47
CA PHE A 94 24.37 -1.93 -7.86
C PHE A 94 24.53 -0.78 -8.86
N TYR A 95 23.78 0.29 -8.62
CA TYR A 95 24.04 1.58 -9.25
C TYR A 95 24.40 2.59 -8.17
N TYR A 96 24.86 3.77 -8.60
CA TYR A 96 25.30 4.80 -7.69
C TYR A 96 24.63 6.12 -8.06
N ALA A 97 23.78 6.62 -7.14
CA ALA A 97 23.26 7.96 -7.24
C ALA A 97 24.37 8.95 -6.89
N VAL A 98 24.69 9.83 -7.84
CA VAL A 98 25.78 10.79 -7.68
C VAL A 98 25.20 12.20 -7.77
N ALA A 99 26.06 13.19 -7.47
CA ALA A 99 25.73 14.59 -7.67
C ALA A 99 26.79 15.23 -8.56
N VAL A 100 26.47 15.33 -9.85
CA VAL A 100 27.41 15.80 -10.86
C VAL A 100 27.41 17.33 -10.87
N VAL A 101 28.62 17.91 -10.93
CA VAL A 101 28.83 19.35 -10.91
C VAL A 101 29.92 19.71 -11.91
N LYS A 102 29.93 20.98 -12.34
CA LYS A 102 31.01 21.55 -13.12
C LYS A 102 32.26 21.63 -12.26
N LYS A 103 33.43 21.43 -12.89
CA LYS A 103 34.70 21.70 -12.23
C LYS A 103 34.87 23.21 -12.08
N ASP A 104 34.03 23.96 -12.82
CA ASP A 104 34.13 25.41 -12.93
C ASP A 104 33.51 26.06 -11.68
N SER A 105 32.78 25.27 -10.90
CA SER A 105 32.17 25.75 -9.67
C SER A 105 33.00 25.30 -8.47
N GLY A 106 32.77 25.97 -7.33
CA GLY A 106 33.39 25.60 -6.07
C GLY A 106 32.39 25.71 -4.92
N PHE A 107 31.86 24.54 -4.51
CA PHE A 107 30.95 24.42 -3.38
C PHE A 107 30.85 22.95 -3.01
N GLN A 108 30.40 22.69 -1.78
CA GLN A 108 30.33 21.32 -1.27
C GLN A 108 28.87 20.88 -1.12
N MET A 109 28.69 19.62 -0.71
CA MET A 109 27.37 19.02 -0.52
C MET A 109 26.57 19.85 0.49
N ASN A 110 27.25 20.32 1.55
CA ASN A 110 26.60 21.01 2.65
C ASN A 110 26.39 22.49 2.31
N GLN A 111 26.71 22.87 1.07
CA GLN A 111 26.59 24.25 0.63
C GLN A 111 25.60 24.35 -0.52
N LEU A 112 24.70 23.36 -0.60
CA LEU A 112 23.78 23.25 -1.73
C LEU A 112 22.66 24.27 -1.64
N ARG A 113 22.33 24.69 -0.41
CA ARG A 113 21.26 25.65 -0.17
C ARG A 113 21.51 26.91 -0.98
N GLY A 114 20.60 27.20 -1.91
CA GLY A 114 20.64 28.43 -2.69
C GLY A 114 21.19 28.23 -4.10
N LYS A 115 21.59 26.99 -4.41
CA LYS A 115 22.10 26.65 -5.73
C LYS A 115 20.93 26.28 -6.65
N LYS A 116 21.24 26.04 -7.92
CA LYS A 116 20.25 25.61 -8.91
C LYS A 116 20.43 24.12 -9.18
N SER A 117 19.34 23.36 -9.07
CA SER A 117 19.41 21.92 -9.13
C SER A 117 18.70 21.37 -10.37
N CYS A 118 19.15 20.18 -10.81
CA CYS A 118 18.57 19.48 -11.94
C CYS A 118 18.26 18.04 -11.54
N HIS A 119 16.98 17.69 -11.60
CA HIS A 119 16.50 16.38 -11.17
C HIS A 119 16.05 15.60 -12.40
N THR A 120 16.20 14.26 -12.34
CA THR A 120 15.80 13.42 -13.46
C THR A 120 14.29 13.44 -13.58
N GLY A 121 13.61 13.34 -12.44
CA GLY A 121 12.17 13.49 -12.32
C GLY A 121 11.74 13.33 -10.87
N LEU A 122 10.64 14.01 -10.49
CA LEU A 122 10.09 13.86 -9.16
C LEU A 122 9.64 12.41 -8.99
N GLY A 123 10.11 11.77 -7.91
CA GLY A 123 9.70 10.42 -7.58
C GLY A 123 10.72 9.38 -8.03
N ARG A 124 11.61 9.77 -8.94
CA ARG A 124 12.74 8.94 -9.32
C ARG A 124 13.67 8.83 -8.12
N SER A 125 14.16 7.62 -7.84
CA SER A 125 14.97 7.37 -6.67
C SER A 125 16.27 8.17 -6.74
N ALA A 126 17.03 7.98 -7.83
CA ALA A 126 18.35 8.56 -7.99
C ALA A 126 18.27 10.07 -8.14
N GLY A 127 17.23 10.55 -8.84
CA GLY A 127 17.14 11.95 -9.23
C GLY A 127 16.34 12.80 -8.23
N TRP A 128 15.69 12.15 -7.26
CA TRP A 128 14.83 12.88 -6.34
C TRP A 128 14.88 12.30 -4.93
N ASN A 129 14.36 11.07 -4.76
CA ASN A 129 14.17 10.47 -3.45
C ASN A 129 15.47 10.51 -2.64
N ILE A 130 16.54 9.95 -3.23
CA ILE A 130 17.82 9.82 -2.57
C ILE A 130 18.36 11.19 -2.16
N PRO A 131 18.56 12.14 -3.11
CA PRO A 131 19.10 13.47 -2.76
C PRO A 131 18.27 14.20 -1.72
N ILE A 132 16.97 14.33 -1.99
CA ILE A 132 16.05 15.07 -1.15
C ILE A 132 15.95 14.38 0.22
N GLY A 133 16.06 13.05 0.21
CA GLY A 133 16.07 12.26 1.43
C GLY A 133 17.26 12.63 2.31
N LEU A 134 18.42 12.81 1.69
CA LEU A 134 19.66 13.14 2.38
C LEU A 134 19.66 14.60 2.83
N LEU A 135 18.98 15.45 2.06
CA LEU A 135 19.00 16.90 2.28
C LEU A 135 17.82 17.34 3.15
N TYR A 136 16.99 16.36 3.56
CA TYR A 136 15.70 16.63 4.19
C TYR A 136 15.84 17.64 5.33
N CYS A 137 16.80 17.40 6.22
CA CYS A 137 16.95 18.20 7.44
C CYS A 137 17.47 19.60 7.13
N ASP A 138 18.03 19.78 5.93
CA ASP A 138 18.65 21.04 5.55
C ASP A 138 17.62 21.96 4.90
N LEU A 139 16.42 21.42 4.62
CA LEU A 139 15.33 22.17 4.04
C LEU A 139 14.66 23.00 5.12
N PRO A 140 14.22 24.26 4.83
CA PRO A 140 13.56 25.09 5.85
C PRO A 140 12.14 24.63 6.17
N GLU A 141 11.71 24.85 7.42
CA GLU A 141 10.35 24.52 7.84
C GLU A 141 9.36 25.48 7.16
N PRO A 142 8.15 25.02 6.77
CA PRO A 142 7.76 23.62 6.93
C PRO A 142 8.30 22.71 5.82
N ARG A 143 8.54 21.45 6.19
CA ARG A 143 9.06 20.45 5.27
C ARG A 143 7.89 19.82 4.50
N LYS A 144 6.67 20.09 4.99
CA LYS A 144 5.44 19.64 4.36
C LYS A 144 4.72 20.85 3.75
N PRO A 145 4.34 20.81 2.45
CA PRO A 145 4.70 19.70 1.56
C PRO A 145 6.17 19.76 1.10
N LEU A 146 6.66 18.62 0.62
CA LEU A 146 8.06 18.44 0.27
C LEU A 146 8.42 19.32 -0.92
N GLU A 147 7.55 19.33 -1.93
CA GLU A 147 7.75 20.11 -3.14
C GLU A 147 7.98 21.57 -2.78
N LYS A 148 7.17 22.09 -1.84
CA LYS A 148 7.25 23.46 -1.36
C LYS A 148 8.61 23.71 -0.71
N ALA A 149 9.06 22.75 0.11
CA ALA A 149 10.29 22.88 0.88
C ALA A 149 11.50 22.90 -0.04
N VAL A 150 11.48 22.01 -1.04
CA VAL A 150 12.57 21.88 -2.00
C VAL A 150 12.62 23.13 -2.88
N ALA A 151 11.45 23.75 -3.09
CA ALA A 151 11.36 25.01 -3.81
C ALA A 151 12.06 26.12 -3.02
N ASN A 152 11.99 26.04 -1.69
CA ASN A 152 12.50 27.09 -0.82
C ASN A 152 13.97 26.87 -0.50
N PHE A 153 14.56 25.78 -1.01
CA PHE A 153 15.93 25.42 -0.70
C PHE A 153 16.85 25.81 -1.86
N PHE A 154 16.45 25.42 -3.07
CA PHE A 154 17.16 25.79 -4.28
C PHE A 154 16.60 27.10 -4.81
N SER A 155 17.48 27.99 -5.27
CA SER A 155 17.10 29.27 -5.86
C SER A 155 16.20 29.03 -7.07
N GLY A 156 16.48 27.94 -7.79
CA GLY A 156 15.66 27.46 -8.89
C GLY A 156 15.98 26.00 -9.17
N SER A 157 15.07 25.30 -9.86
CA SER A 157 15.24 23.88 -10.13
C SER A 157 14.59 23.51 -11.46
N CYS A 158 15.02 22.36 -12.00
CA CYS A 158 14.19 21.61 -12.92
C CYS A 158 13.83 20.29 -12.25
N ALA A 159 12.60 20.22 -11.73
CA ALA A 159 12.03 18.99 -11.19
C ALA A 159 10.92 18.52 -12.13
N PRO A 160 11.23 17.68 -13.14
CA PRO A 160 10.20 17.13 -14.02
C PRO A 160 9.14 16.41 -13.21
N CYS A 161 7.87 16.73 -13.50
CA CYS A 161 6.69 16.07 -12.96
C CYS A 161 6.33 16.66 -11.59
N ALA A 162 6.64 17.94 -11.38
CA ALA A 162 6.27 18.63 -10.16
C ALA A 162 5.02 19.47 -10.40
N ASP A 163 4.33 19.84 -9.30
CA ASP A 163 3.16 20.69 -9.37
C ASP A 163 3.61 22.11 -9.72
N GLY A 164 3.94 22.31 -11.00
CA GLY A 164 4.52 23.54 -11.50
C GLY A 164 3.61 24.74 -11.27
N THR A 165 2.30 24.47 -11.21
CA THR A 165 1.30 25.51 -11.05
C THR A 165 1.25 25.97 -9.59
N ASP A 166 1.64 25.09 -8.67
CA ASP A 166 1.64 25.40 -7.24
C ASP A 166 3.03 25.79 -6.77
N PHE A 167 4.06 25.11 -7.31
CA PHE A 167 5.43 25.29 -6.88
C PHE A 167 6.26 25.69 -8.10
N PRO A 168 6.14 26.96 -8.56
CA PRO A 168 6.72 27.36 -9.85
C PRO A 168 8.24 27.29 -9.94
N GLN A 169 8.90 27.56 -8.80
CA GLN A 169 10.35 27.65 -8.73
C GLN A 169 10.99 26.32 -9.13
N LEU A 170 10.26 25.22 -8.86
CA LEU A 170 10.74 23.88 -9.17
C LEU A 170 10.89 23.70 -10.67
N CYS A 171 10.62 24.77 -11.44
CA CYS A 171 10.72 24.70 -12.89
C CYS A 171 11.26 26.01 -13.47
N GLN A 172 11.99 26.75 -12.64
CA GLN A 172 12.69 27.96 -13.04
C GLN A 172 13.67 27.62 -14.17
N LEU A 173 14.08 26.35 -14.24
CA LEU A 173 15.10 25.89 -15.17
C LEU A 173 14.48 25.25 -16.41
N CYS A 174 13.29 24.64 -16.23
CA CYS A 174 12.56 24.01 -17.32
C CYS A 174 11.08 24.37 -17.20
N PRO A 175 10.62 25.48 -17.83
CA PRO A 175 9.29 26.02 -17.54
C PRO A 175 8.17 25.08 -17.96
N GLY A 176 7.33 24.71 -16.99
CA GLY A 176 6.16 23.90 -17.27
C GLY A 176 6.22 22.53 -16.60
N CYS A 177 7.44 22.09 -16.27
CA CYS A 177 7.70 20.84 -15.54
C CYS A 177 7.39 19.63 -16.41
N GLY A 178 7.66 19.75 -17.71
CA GLY A 178 7.37 18.69 -18.68
C GLY A 178 7.91 17.35 -18.20
N CYS A 179 7.02 16.34 -18.18
CA CYS A 179 7.34 15.03 -17.63
C CYS A 179 7.49 14.02 -18.77
N SER A 180 7.92 14.51 -19.94
CA SER A 180 8.19 13.70 -21.10
C SER A 180 9.52 14.14 -21.74
N THR A 181 9.91 13.47 -22.82
CA THR A 181 11.18 13.74 -23.47
C THR A 181 11.08 14.99 -24.35
N LEU A 182 9.98 15.73 -24.19
CA LEU A 182 9.80 16.99 -24.91
C LEU A 182 10.44 18.11 -24.10
N ASN A 183 10.45 17.94 -22.78
CA ASN A 183 11.28 18.75 -21.88
C ASN A 183 12.72 18.25 -22.01
N GLN A 184 13.61 19.16 -22.44
CA GLN A 184 14.99 18.81 -22.77
C GLN A 184 15.79 18.56 -21.49
N TYR A 185 15.22 18.93 -20.33
CA TYR A 185 15.90 18.81 -19.06
C TYR A 185 15.25 17.71 -18.23
N PHE A 186 14.64 16.74 -18.92
CA PHE A 186 13.93 15.63 -18.28
C PHE A 186 14.73 14.35 -18.48
N GLY A 187 14.66 13.45 -17.49
CA GLY A 187 15.27 12.14 -17.57
C GLY A 187 16.73 12.19 -17.15
N TYR A 188 17.49 11.15 -17.54
CA TYR A 188 18.90 11.07 -17.18
C TYR A 188 19.71 12.01 -18.06
N SER A 189 19.56 11.87 -19.38
CA SER A 189 20.29 12.70 -20.34
C SER A 189 19.90 14.17 -20.18
N GLY A 190 18.64 14.41 -19.81
CA GLY A 190 18.09 15.76 -19.68
C GLY A 190 18.62 16.47 -18.45
N ALA A 191 18.55 15.78 -17.29
CA ALA A 191 19.05 16.31 -16.03
C ALA A 191 20.52 16.70 -16.19
N PHE A 192 21.23 15.95 -17.03
CA PHE A 192 22.64 16.20 -17.29
C PHE A 192 22.80 17.44 -18.18
N LYS A 193 21.97 17.53 -19.23
CA LYS A 193 22.02 18.66 -20.14
C LYS A 193 21.68 19.94 -19.38
N CYS A 194 20.85 19.80 -18.33
CA CYS A 194 20.48 20.90 -17.45
C CYS A 194 21.72 21.48 -16.79
N LEU A 195 22.76 20.65 -16.61
CA LEU A 195 24.00 21.06 -15.99
C LEU A 195 24.97 21.57 -17.07
N LYS A 196 25.11 20.79 -18.15
CA LYS A 196 26.04 21.08 -19.24
C LYS A 196 25.78 22.48 -19.80
N ASP A 197 24.49 22.84 -19.92
CA ASP A 197 24.09 24.11 -20.49
C ASP A 197 24.28 25.23 -19.46
N GLY A 198 24.53 24.85 -18.20
CA GLY A 198 24.81 25.81 -17.14
C GLY A 198 23.53 26.47 -16.63
N ALA A 199 22.40 25.79 -16.81
CA ALA A 199 21.12 26.27 -16.31
C ALA A 199 21.05 26.07 -14.79
N GLY A 200 21.56 24.92 -14.33
CA GLY A 200 21.64 24.58 -12.93
C GLY A 200 23.08 24.22 -12.53
N ASP A 201 23.31 24.14 -11.21
CA ASP A 201 24.66 24.01 -10.67
C ASP A 201 24.98 22.54 -10.38
N VAL A 202 23.94 21.70 -10.21
CA VAL A 202 24.13 20.32 -9.81
C VAL A 202 23.09 19.44 -10.47
N ALA A 203 23.49 18.23 -10.87
CA ALA A 203 22.61 17.24 -11.47
C ALA A 203 22.62 15.96 -10.66
N PHE A 204 21.45 15.61 -10.09
CA PHE A 204 21.29 14.38 -9.34
C PHE A 204 20.92 13.26 -10.30
N VAL A 205 21.89 12.38 -10.56
CA VAL A 205 21.79 11.39 -11.61
C VAL A 205 22.52 10.11 -11.18
N LYS A 206 22.60 9.15 -12.10
CA LYS A 206 23.36 7.92 -11.90
C LYS A 206 24.81 8.16 -12.30
N HIS A 207 25.71 7.38 -11.67
CA HIS A 207 27.14 7.40 -11.95
C HIS A 207 27.39 7.25 -13.45
N SER A 208 26.48 6.54 -14.13
CA SER A 208 26.67 6.10 -15.50
C SER A 208 26.16 7.15 -16.49
N THR A 209 25.30 8.06 -16.00
CA THR A 209 24.67 9.08 -16.82
C THR A 209 25.73 9.87 -17.59
N ILE A 210 26.78 10.28 -16.87
CA ILE A 210 27.84 11.12 -17.40
C ILE A 210 28.57 10.40 -18.53
N PHE A 211 28.75 9.07 -18.38
CA PHE A 211 29.45 8.27 -19.38
C PHE A 211 28.57 8.08 -20.60
N GLU A 212 27.26 8.21 -20.42
CA GLU A 212 26.29 7.94 -21.48
C GLU A 212 26.10 9.19 -22.35
N ASN A 213 26.55 10.35 -21.84
CA ASN A 213 26.27 11.62 -22.50
C ASN A 213 27.56 12.28 -23.01
N LEU A 214 28.70 11.84 -22.47
CA LEU A 214 30.00 12.33 -22.91
C LEU A 214 30.91 11.13 -23.12
N ALA A 215 31.32 10.92 -24.37
CA ALA A 215 32.11 9.76 -24.76
C ALA A 215 33.58 9.99 -24.44
N ASN A 216 34.03 11.24 -24.60
CA ASN A 216 35.45 11.59 -24.50
C ASN A 216 35.78 11.98 -23.07
N LYS A 217 36.90 11.44 -22.58
CA LYS A 217 37.36 11.65 -21.22
C LYS A 217 37.73 13.12 -21.01
N ALA A 218 38.01 13.81 -22.13
CA ALA A 218 38.34 15.23 -22.14
C ALA A 218 37.21 16.05 -21.52
N ASP A 219 35.98 15.80 -21.99
CA ASP A 219 34.82 16.61 -21.63
C ASP A 219 34.35 16.23 -20.23
N ARG A 220 34.51 14.95 -19.87
CA ARG A 220 34.07 14.42 -18.59
C ARG A 220 34.87 15.07 -17.46
N ASP A 221 36.08 15.52 -17.79
CA ASP A 221 37.00 16.12 -16.84
C ASP A 221 36.57 17.55 -16.51
N GLN A 222 35.58 18.06 -17.25
CA GLN A 222 35.01 19.36 -16.96
C GLN A 222 33.99 19.22 -15.84
N TYR A 223 33.85 17.98 -15.31
CA TYR A 223 32.84 17.66 -14.32
C TYR A 223 33.46 16.93 -13.13
N GLU A 224 32.78 17.05 -11.98
CA GLU A 224 33.20 16.46 -10.72
C GLU A 224 31.99 15.90 -9.98
N LEU A 225 32.24 15.28 -8.82
CA LEU A 225 31.24 14.65 -7.99
C LEU A 225 31.26 15.27 -6.59
N LEU A 226 30.06 15.52 -6.05
CA LEU A 226 29.89 15.95 -4.67
C LEU A 226 29.87 14.70 -3.78
N CYS A 227 30.87 14.59 -2.90
CA CYS A 227 30.92 13.51 -1.92
C CYS A 227 30.29 14.00 -0.63
N LEU A 228 29.74 13.06 0.15
CA LEU A 228 28.92 13.39 1.31
C LEU A 228 29.76 13.99 2.43
N ASP A 229 31.09 13.90 2.31
CA ASP A 229 31.98 14.38 3.36
C ASP A 229 32.41 15.82 3.07
N ASN A 230 31.79 16.43 2.06
CA ASN A 230 32.05 17.81 1.67
C ASN A 230 33.44 17.91 1.05
N THR A 231 33.76 16.93 0.19
CA THR A 231 34.90 17.00 -0.71
C THR A 231 34.38 16.80 -2.13
N ARG A 232 35.27 16.99 -3.12
CA ARG A 232 34.97 16.67 -4.50
C ARG A 232 35.95 15.63 -5.02
N LYS A 233 35.53 14.87 -6.04
CA LYS A 233 36.34 13.86 -6.68
C LYS A 233 36.03 13.85 -8.18
N PRO A 234 36.98 13.42 -9.04
CA PRO A 234 36.70 13.25 -10.47
C PRO A 234 35.56 12.25 -10.71
N VAL A 235 34.97 12.32 -11.91
CA VAL A 235 33.78 11.57 -12.27
C VAL A 235 34.07 10.07 -12.26
N ASP A 236 35.35 9.71 -12.29
CA ASP A 236 35.77 8.32 -12.42
C ASP A 236 35.63 7.57 -11.09
N GLU A 237 35.60 8.32 -9.98
CA GLU A 237 35.74 7.72 -8.66
C GLU A 237 34.42 7.82 -7.90
N TYR A 238 33.29 7.66 -8.61
CA TYR A 238 31.96 7.64 -8.03
C TYR A 238 31.89 6.60 -6.92
N LYS A 239 32.75 5.58 -7.03
CA LYS A 239 32.76 4.43 -6.12
C LYS A 239 33.14 4.90 -4.72
N ASP A 240 33.73 6.10 -4.63
CA ASP A 240 34.17 6.68 -3.37
C ASP A 240 33.56 8.07 -3.20
N CYS A 241 32.48 8.35 -3.94
CA CYS A 241 31.90 9.69 -3.96
C CYS A 241 30.50 9.63 -4.55
N HIS A 242 29.61 8.86 -3.90
CA HIS A 242 28.24 8.72 -4.33
C HIS A 242 27.31 9.16 -3.20
N LEU A 243 26.03 9.39 -3.54
CA LEU A 243 25.01 9.76 -2.59
C LEU A 243 24.40 8.49 -1.98
N ALA A 244 24.32 7.43 -2.80
CA ALA A 244 23.84 6.13 -2.33
C ALA A 244 24.27 5.03 -3.29
N GLN A 245 24.47 3.83 -2.75
CA GLN A 245 24.71 2.62 -3.51
C GLN A 245 23.44 1.76 -3.46
N VAL A 246 22.83 1.55 -4.63
CA VAL A 246 21.48 1.01 -4.69
C VAL A 246 21.47 -0.30 -5.48
N PRO A 247 20.98 -1.41 -4.87
CA PRO A 247 20.80 -2.68 -5.59
C PRO A 247 19.72 -2.58 -6.65
N SER A 248 20.10 -2.91 -7.89
CA SER A 248 19.30 -2.65 -9.07
C SER A 248 18.00 -3.44 -9.03
N HIS A 249 18.11 -4.77 -8.95
CA HIS A 249 16.95 -5.65 -8.80
C HIS A 249 17.36 -6.84 -7.95
N THR A 250 16.56 -7.15 -6.93
CA THR A 250 16.94 -8.12 -5.91
C THR A 250 15.80 -9.10 -5.63
N VAL A 251 16.16 -10.36 -5.40
CA VAL A 251 15.23 -11.42 -5.04
C VAL A 251 15.22 -11.56 -3.51
N VAL A 252 14.01 -11.52 -2.93
CA VAL A 252 13.83 -11.61 -1.49
C VAL A 252 13.06 -12.88 -1.15
N ALA A 253 13.38 -13.46 0.01
CA ALA A 253 12.68 -14.59 0.58
C ALA A 253 12.54 -14.38 2.09
N ARG A 254 11.96 -15.36 2.78
CA ARG A 254 11.80 -15.28 4.23
C ARG A 254 13.17 -15.22 4.89
N SER A 255 13.28 -14.41 5.95
CA SER A 255 14.50 -14.30 6.73
C SER A 255 14.78 -15.63 7.43
N MET A 256 13.70 -16.32 7.81
CA MET A 256 13.80 -17.64 8.41
C MET A 256 12.89 -18.61 7.64
N GLY A 257 13.47 -19.71 7.17
CA GLY A 257 12.77 -20.71 6.38
C GLY A 257 12.43 -20.18 4.99
N GLY A 258 13.38 -19.47 4.38
CA GLY A 258 13.18 -18.79 3.12
C GLY A 258 13.38 -19.71 1.92
N LYS A 259 14.10 -20.82 2.15
CA LYS A 259 14.49 -21.77 1.12
C LYS A 259 15.46 -21.10 0.15
N GLU A 260 16.30 -20.20 0.68
CA GLU A 260 17.16 -19.33 -0.12
C GLU A 260 18.13 -20.14 -0.98
N ASP A 261 18.38 -21.39 -0.58
CA ASP A 261 19.28 -22.27 -1.30
C ASP A 261 18.59 -22.82 -2.54
N LEU A 262 17.29 -23.11 -2.41
CA LEU A 262 16.49 -23.63 -3.51
C LEU A 262 16.34 -22.56 -4.60
N ILE A 263 16.09 -21.32 -4.17
CA ILE A 263 15.96 -20.21 -5.11
C ILE A 263 17.25 -20.09 -5.92
N TRP A 264 18.41 -20.17 -5.25
CA TRP A 264 19.68 -20.09 -5.95
C TRP A 264 19.87 -21.28 -6.87
N GLU A 265 19.65 -22.48 -6.33
CA GLU A 265 19.80 -23.72 -7.09
C GLU A 265 18.97 -23.63 -8.37
N LEU A 266 17.77 -23.06 -8.25
CA LEU A 266 16.87 -22.85 -9.37
C LEU A 266 17.45 -21.78 -10.29
N LEU A 267 17.56 -20.56 -9.77
CA LEU A 267 17.89 -19.37 -10.55
C LEU A 267 19.23 -19.53 -11.26
N ASN A 268 20.16 -20.28 -10.64
CA ASN A 268 21.47 -20.50 -11.23
C ASN A 268 21.34 -21.42 -12.43
N GLN A 269 20.57 -22.51 -12.28
CA GLN A 269 20.42 -23.51 -13.32
C GLN A 269 19.50 -22.99 -14.43
N ALA A 270 18.77 -21.91 -14.12
CA ALA A 270 17.89 -21.26 -15.08
C ALA A 270 18.71 -20.34 -15.98
N GLN A 271 19.65 -19.60 -15.38
CA GLN A 271 20.45 -18.62 -16.11
C GLN A 271 21.47 -19.33 -16.99
N GLU A 272 21.73 -20.61 -16.71
CA GLU A 272 22.65 -21.38 -17.52
C GLU A 272 21.91 -21.89 -18.77
N HIS A 273 20.74 -22.49 -18.55
CA HIS A 273 19.95 -23.05 -19.64
C HIS A 273 19.27 -21.93 -20.45
N PHE A 274 18.91 -20.83 -19.77
CA PHE A 274 18.10 -19.79 -20.39
C PHE A 274 18.59 -18.40 -20.00
N GLY A 275 19.89 -18.25 -19.73
CA GLY A 275 20.46 -16.98 -19.35
C GLY A 275 20.66 -16.05 -20.55
N LYS A 276 21.69 -15.21 -20.45
CA LYS A 276 22.04 -14.26 -21.51
C LYS A 276 22.61 -15.03 -22.70
N ASP A 277 22.03 -14.78 -23.88
CA ASP A 277 22.49 -15.35 -25.14
C ASP A 277 22.61 -16.86 -25.02
N LYS A 278 21.67 -17.48 -24.29
CA LYS A 278 21.63 -18.92 -24.16
C LYS A 278 20.60 -19.48 -25.13
N SER A 279 19.51 -20.04 -24.61
CA SER A 279 18.49 -20.64 -25.45
C SER A 279 17.52 -19.55 -25.95
N LYS A 280 17.36 -19.51 -27.28
CA LYS A 280 16.39 -18.61 -27.90
C LYS A 280 15.01 -19.26 -27.88
N GLU A 281 14.95 -20.45 -27.26
CA GLU A 281 13.70 -21.16 -27.03
C GLU A 281 12.90 -20.44 -25.96
N PHE A 282 13.58 -20.05 -24.88
CA PHE A 282 12.98 -19.28 -23.80
C PHE A 282 14.05 -18.38 -23.17
N GLN A 283 13.80 -17.06 -23.20
CA GLN A 283 14.69 -16.08 -22.59
C GLN A 283 14.16 -15.74 -21.19
N LEU A 284 15.03 -15.91 -20.20
CA LEU A 284 14.75 -15.60 -18.82
C LEU A 284 14.68 -14.08 -18.64
N PHE A 285 15.44 -13.36 -19.48
CA PHE A 285 15.55 -11.92 -19.38
C PHE A 285 14.90 -11.27 -20.59
N SER A 286 13.89 -11.94 -21.16
CA SER A 286 13.10 -11.37 -22.24
C SER A 286 11.67 -11.88 -22.20
N SER A 287 10.72 -10.95 -22.38
CA SER A 287 9.31 -11.24 -22.27
C SER A 287 8.69 -11.23 -23.67
N PRO A 288 8.02 -12.33 -24.09
CA PRO A 288 7.19 -12.29 -25.29
C PRO A 288 5.91 -11.51 -25.02
N HIS A 289 5.58 -11.36 -23.72
CA HIS A 289 4.34 -10.75 -23.29
C HIS A 289 4.62 -9.51 -22.44
N GLY A 290 5.41 -8.57 -22.98
CA GLY A 290 5.68 -7.32 -22.28
C GLY A 290 7.18 -7.09 -22.11
N LYS A 291 7.55 -6.40 -21.02
CA LYS A 291 8.94 -6.07 -20.74
C LYS A 291 9.15 -5.94 -19.23
N ASP A 292 10.28 -6.50 -18.77
CA ASP A 292 10.72 -6.49 -17.38
C ASP A 292 9.81 -7.40 -16.53
N LEU A 293 9.25 -8.43 -17.17
CA LEU A 293 8.45 -9.44 -16.49
C LEU A 293 9.36 -10.31 -15.63
N LEU A 294 9.05 -10.35 -14.33
CA LEU A 294 9.78 -11.15 -13.35
C LEU A 294 11.19 -10.59 -13.13
N PHE A 295 11.88 -10.25 -14.21
CA PHE A 295 13.25 -9.80 -14.14
C PHE A 295 13.47 -8.66 -15.14
N LYS A 296 14.39 -7.75 -14.80
CA LYS A 296 14.79 -6.71 -15.72
C LYS A 296 15.44 -7.37 -16.94
N ASP A 297 15.01 -6.96 -18.13
CA ASP A 297 15.53 -7.47 -19.39
C ASP A 297 16.99 -7.04 -19.53
N SER A 298 17.35 -5.96 -18.83
CA SER A 298 18.71 -5.46 -18.73
C SER A 298 19.65 -6.57 -18.26
N ALA A 299 19.17 -7.36 -17.30
CA ALA A 299 19.97 -8.33 -16.56
C ALA A 299 20.77 -9.23 -17.50
N HIS A 300 21.97 -9.58 -17.03
CA HIS A 300 22.86 -10.47 -17.75
C HIS A 300 23.16 -11.71 -16.89
N GLY A 301 22.42 -11.87 -15.79
CA GLY A 301 22.51 -13.07 -14.97
C GLY A 301 22.20 -12.81 -13.49
N PHE A 302 22.55 -13.79 -12.65
CA PHE A 302 22.30 -13.73 -11.22
C PHE A 302 23.60 -13.97 -10.44
N LEU A 303 23.61 -13.48 -9.19
CA LEU A 303 24.65 -13.75 -8.22
C LEU A 303 23.99 -14.09 -6.89
N LYS A 304 24.62 -14.98 -6.12
CA LYS A 304 24.11 -15.34 -4.81
C LYS A 304 24.59 -14.32 -3.78
N VAL A 305 23.64 -13.77 -3.02
CA VAL A 305 23.92 -12.81 -1.96
C VAL A 305 24.49 -13.57 -0.77
N PRO A 306 25.68 -13.17 -0.24
CA PRO A 306 26.26 -13.82 0.93
C PRO A 306 25.30 -13.82 2.11
N PRO A 307 25.23 -14.91 2.90
CA PRO A 307 24.15 -15.07 3.89
C PRO A 307 24.20 -14.18 5.13
N ARG A 308 25.29 -13.42 5.30
CA ARG A 308 25.43 -12.55 6.46
C ARG A 308 24.73 -11.22 6.23
N MET A 309 24.07 -11.10 5.06
CA MET A 309 23.55 -9.83 4.59
C MET A 309 22.09 -9.67 5.05
N ASP A 310 21.84 -8.65 5.87
CA ASP A 310 20.49 -8.19 6.12
C ASP A 310 20.18 -7.04 5.16
N ALA A 311 18.89 -6.66 5.10
CA ALA A 311 18.44 -5.70 4.10
C ALA A 311 19.07 -4.33 4.33
N LYS A 312 19.21 -3.94 5.60
CA LYS A 312 19.77 -2.64 5.98
C LYS A 312 21.22 -2.54 5.54
N MET A 313 21.93 -3.69 5.56
CA MET A 313 23.32 -3.74 5.14
C MET A 313 23.38 -3.66 3.61
N TYR A 314 22.41 -4.29 2.95
CA TYR A 314 22.44 -4.47 1.51
C TYR A 314 22.12 -3.16 0.80
N LEU A 315 21.20 -2.39 1.38
CA LEU A 315 20.80 -1.10 0.83
C LEU A 315 21.87 -0.06 1.16
N GLY A 316 22.43 -0.15 2.38
CA GLY A 316 23.47 0.77 2.81
C GLY A 316 22.91 1.91 3.65
N TYR A 317 23.75 2.42 4.56
CA TYR A 317 23.39 3.46 5.51
C TYR A 317 22.70 4.62 4.81
N GLU A 318 23.34 5.12 3.75
CA GLU A 318 22.91 6.31 3.03
C GLU A 318 21.51 6.09 2.45
N TYR A 319 21.30 4.92 1.84
CA TYR A 319 20.04 4.63 1.17
C TYR A 319 18.91 4.56 2.20
N VAL A 320 19.15 3.87 3.32
CA VAL A 320 18.11 3.66 4.32
C VAL A 320 17.82 4.98 5.02
N THR A 321 18.83 5.87 5.09
CA THR A 321 18.67 7.18 5.71
C THR A 321 17.77 8.05 4.83
N ALA A 322 17.99 7.98 3.52
CA ALA A 322 17.25 8.77 2.56
C ALA A 322 15.76 8.52 2.68
N ILE A 323 15.37 7.24 2.64
CA ILE A 323 13.97 6.85 2.63
C ILE A 323 13.40 6.90 4.03
N ARG A 324 14.28 6.76 5.03
CA ARG A 324 13.87 6.81 6.43
C ARG A 324 13.45 8.23 6.78
N ASN A 325 14.15 9.22 6.19
CA ASN A 325 13.82 10.63 6.35
C ASN A 325 12.52 10.96 5.64
N LEU A 326 12.36 10.44 4.41
CA LEU A 326 11.20 10.74 3.59
C LEU A 326 9.93 10.23 4.26
N ARG A 327 10.03 9.11 4.98
CA ARG A 327 8.88 8.47 5.61
C ARG A 327 8.68 9.02 7.02
N GLU A 328 9.71 8.91 7.86
CA GLU A 328 9.61 9.33 9.25
C GLU A 328 9.52 10.85 9.33
N GLY A 329 10.42 11.53 8.61
CA GLY A 329 10.43 12.99 8.54
C GLY A 329 10.70 13.62 9.89
N THR A 330 11.61 13.00 10.67
CA THR A 330 11.91 13.46 12.02
C THR A 330 13.34 13.98 12.06
N CYS A 331 13.47 15.30 11.98
CA CYS A 331 14.74 15.99 12.19
C CYS A 331 14.85 16.41 13.66
N PRO A 332 16.06 16.61 14.20
CA PRO A 332 16.23 17.09 15.58
C PRO A 332 15.94 18.59 15.68
N GLU A 333 16.23 19.16 16.84
CA GLU A 333 16.06 20.59 17.07
C GLU A 333 17.17 21.10 17.99
N ALA A 334 18.04 20.17 18.42
CA ALA A 334 19.22 20.50 19.20
C ALA A 334 20.15 21.39 18.39
N PRO A 335 20.93 22.29 19.02
CA PRO A 335 21.88 23.14 18.30
C PRO A 335 22.68 22.33 17.28
N THR A 336 22.62 22.76 16.02
CA THR A 336 23.18 22.04 14.89
C THR A 336 24.71 22.02 14.99
N ASP A 337 25.24 22.71 15.99
CA ASP A 337 26.68 22.83 16.21
C ASP A 337 27.16 21.71 17.15
N GLU A 338 26.39 21.48 18.22
CA GLU A 338 26.77 20.57 19.30
C GLU A 338 26.69 19.13 18.82
N CYS A 339 27.69 18.33 19.23
CA CYS A 339 27.76 16.91 18.88
C CYS A 339 26.72 16.12 19.67
N LYS A 340 25.98 15.27 18.95
CA LYS A 340 25.11 14.27 19.55
C LYS A 340 25.99 13.23 20.24
N PRO A 341 25.49 12.54 21.30
CA PRO A 341 26.29 11.54 22.01
C PRO A 341 26.80 10.43 21.10
N VAL A 342 27.91 9.80 21.49
CA VAL A 342 28.53 8.76 20.69
C VAL A 342 28.25 7.39 21.31
N LYS A 343 27.56 6.54 20.55
CA LYS A 343 27.14 5.22 20.99
C LYS A 343 28.29 4.24 20.82
N TRP A 344 28.90 3.84 21.93
CA TRP A 344 30.02 2.91 21.91
C TRP A 344 29.50 1.48 21.94
N CYS A 345 30.19 0.57 21.23
CA CYS A 345 29.73 -0.79 21.09
C CYS A 345 30.54 -1.73 21.99
N ALA A 346 29.82 -2.47 22.84
CA ALA A 346 30.41 -3.43 23.77
C ALA A 346 30.07 -4.85 23.31
N LEU A 347 30.99 -5.79 23.58
CA LEU A 347 30.86 -7.15 23.06
C LEU A 347 31.13 -8.19 24.14
N SER A 348 31.22 -7.73 25.40
CA SER A 348 31.22 -8.63 26.55
C SER A 348 30.44 -7.97 27.68
N HIS A 349 30.01 -8.80 28.66
CA HIS A 349 29.27 -8.32 29.82
C HIS A 349 30.10 -7.27 30.54
N HIS A 350 31.39 -7.59 30.74
CA HIS A 350 32.33 -6.70 31.40
C HIS A 350 32.57 -5.44 30.57
N GLU A 351 32.57 -5.59 29.24
CA GLU A 351 32.69 -4.45 28.35
C GLU A 351 31.48 -3.53 28.51
N ARG A 352 30.30 -4.12 28.68
CA ARG A 352 29.06 -3.36 28.82
C ARG A 352 29.07 -2.61 30.14
N LEU A 353 29.58 -3.27 31.20
CA LEU A 353 29.61 -2.69 32.53
C LEU A 353 30.54 -1.48 32.54
N LYS A 354 31.76 -1.66 32.02
CA LYS A 354 32.75 -0.60 31.96
C LYS A 354 32.19 0.59 31.18
N CYS A 355 31.55 0.29 30.04
CA CYS A 355 30.96 1.29 29.18
C CYS A 355 29.91 2.09 29.94
N ASP A 356 29.06 1.37 30.70
CA ASP A 356 27.97 1.98 31.45
C ASP A 356 28.51 3.03 32.42
N GLU A 357 29.54 2.66 33.19
CA GLU A 357 30.17 3.56 34.14
C GLU A 357 30.71 4.77 33.40
N TRP A 358 31.34 4.54 32.25
CA TRP A 358 31.88 5.60 31.41
C TRP A 358 30.78 6.60 31.05
N SER A 359 29.62 6.07 30.65
CA SER A 359 28.51 6.85 30.15
C SER A 359 27.97 7.82 31.21
N VAL A 360 27.95 7.37 32.46
CA VAL A 360 27.34 8.13 33.54
C VAL A 360 28.27 9.28 33.93
N ASN A 361 29.57 9.00 33.95
CA ASN A 361 30.58 10.01 34.26
C ASN A 361 30.79 10.92 33.06
N SER A 362 30.48 10.40 31.86
CA SER A 362 30.62 11.16 30.62
C SER A 362 29.53 12.22 30.53
N VAL A 363 28.71 12.31 31.58
CA VAL A 363 27.60 13.23 31.71
C VAL A 363 26.63 13.05 30.52
N GLY A 364 26.55 11.82 30.02
CA GLY A 364 25.59 11.44 29.00
C GLY A 364 26.07 11.75 27.58
N LYS A 365 27.40 11.96 27.44
CA LYS A 365 27.99 12.28 26.16
C LYS A 365 28.47 11.01 25.48
N ILE A 366 28.76 9.98 26.28
CA ILE A 366 28.99 8.63 25.80
C ILE A 366 27.75 7.80 26.12
N GLU A 367 27.32 7.00 25.14
CA GLU A 367 26.25 6.02 25.34
C GLU A 367 26.82 4.62 25.06
N CYS A 368 26.01 3.59 25.32
CA CYS A 368 26.50 2.22 25.23
C CYS A 368 25.50 1.34 24.46
N VAL A 369 26.04 0.43 23.64
CA VAL A 369 25.27 -0.51 22.85
C VAL A 369 25.93 -1.88 22.94
N SER A 370 25.13 -2.91 23.27
CA SER A 370 25.61 -4.27 23.35
C SER A 370 25.36 -5.00 22.03
N ALA A 371 26.36 -5.80 21.62
CA ALA A 371 26.26 -6.69 20.46
C ALA A 371 27.04 -7.97 20.75
N GLU A 372 26.68 -9.04 20.04
CA GLU A 372 27.11 -10.39 20.41
C GLU A 372 28.60 -10.58 20.13
N THR A 373 29.02 -10.23 18.90
CA THR A 373 30.39 -10.45 18.47
C THR A 373 30.97 -9.12 17.99
N THR A 374 32.26 -9.14 17.63
CA THR A 374 32.94 -7.98 17.06
C THR A 374 32.30 -7.66 15.71
N GLU A 375 32.03 -8.72 14.92
CA GLU A 375 31.45 -8.59 13.59
C GLU A 375 30.05 -8.00 13.69
N ASP A 376 29.39 -8.22 14.85
CA ASP A 376 28.07 -7.69 15.10
C ASP A 376 28.17 -6.20 15.43
N CYS A 377 29.17 -5.85 16.24
CA CYS A 377 29.41 -4.46 16.62
C CYS A 377 29.73 -3.62 15.39
N ILE A 378 30.55 -4.17 14.49
CA ILE A 378 30.96 -3.48 13.27
C ILE A 378 29.72 -3.20 12.42
N ALA A 379 28.82 -4.19 12.33
CA ALA A 379 27.59 -4.08 11.58
C ALA A 379 26.72 -2.95 12.12
N LYS A 380 26.74 -2.78 13.45
CA LYS A 380 25.97 -1.76 14.14
C LYS A 380 26.53 -0.38 13.79
N ILE A 381 27.87 -0.28 13.70
CA ILE A 381 28.53 0.95 13.30
C ILE A 381 28.07 1.30 11.89
N MET A 382 27.99 0.26 11.04
CA MET A 382 27.76 0.43 9.61
C MET A 382 26.37 1.01 9.36
N ASN A 383 25.38 0.52 10.11
CA ASN A 383 23.99 0.83 9.84
C ASN A 383 23.45 1.83 10.86
N GLY A 384 24.31 2.26 11.79
CA GLY A 384 24.02 3.41 12.63
C GLY A 384 23.41 3.04 13.99
N GLU A 385 23.40 1.75 14.32
CA GLU A 385 22.90 1.28 15.61
C GLU A 385 23.91 1.64 16.70
N ALA A 386 25.19 1.65 16.32
CA ALA A 386 26.28 2.09 17.19
C ALA A 386 27.16 3.08 16.43
N ASP A 387 28.09 3.71 17.15
CA ASP A 387 28.88 4.81 16.59
C ASP A 387 30.35 4.44 16.49
N ALA A 388 30.94 3.90 17.57
CA ALA A 388 32.37 3.72 17.63
C ALA A 388 32.76 2.47 18.42
N MET A 389 33.99 2.01 18.17
CA MET A 389 34.60 0.88 18.87
C MET A 389 36.07 0.78 18.45
N SER A 390 36.88 0.13 19.30
CA SER A 390 38.30 -0.05 19.04
C SER A 390 38.55 -1.44 18.49
N LEU A 391 39.36 -1.52 17.42
CA LEU A 391 39.58 -2.76 16.69
C LEU A 391 41.08 -3.04 16.56
N ASP A 392 41.43 -4.33 16.53
CA ASP A 392 42.77 -4.76 16.18
C ASP A 392 42.96 -4.64 14.67
N GLY A 393 44.22 -4.72 14.23
CA GLY A 393 44.59 -4.56 12.83
C GLY A 393 43.73 -5.41 11.89
N GLY A 394 43.51 -6.67 12.30
CA GLY A 394 42.70 -7.61 11.53
C GLY A 394 41.29 -7.07 11.29
N PHE A 395 40.72 -6.43 12.31
CA PHE A 395 39.34 -5.95 12.27
C PHE A 395 39.27 -4.56 11.65
N VAL A 396 40.31 -3.74 11.86
CA VAL A 396 40.40 -2.43 11.23
C VAL A 396 40.34 -2.63 9.71
N TYR A 397 40.85 -3.79 9.27
CA TYR A 397 40.83 -4.17 7.87
C TYR A 397 39.40 -4.51 7.42
N ILE A 398 38.73 -5.36 8.20
CA ILE A 398 37.39 -5.82 7.86
C ILE A 398 36.41 -4.63 7.91
N ALA A 399 36.56 -3.78 8.93
CA ALA A 399 35.76 -2.58 9.07
C ALA A 399 35.96 -1.67 7.86
N GLY A 400 37.20 -1.60 7.37
CA GLY A 400 37.56 -0.79 6.23
C GLY A 400 36.93 -1.31 4.93
N LYS A 401 36.92 -2.64 4.78
CA LYS A 401 36.29 -3.28 3.62
C LYS A 401 34.79 -3.03 3.64
N CYS A 402 34.27 -2.71 4.85
CA CYS A 402 32.86 -2.43 5.05
C CYS A 402 32.61 -0.93 4.97
N GLY A 403 33.69 -0.14 4.98
CA GLY A 403 33.60 1.29 4.72
C GLY A 403 33.52 2.11 6.01
N LEU A 404 34.04 1.55 7.11
CA LEU A 404 34.30 2.33 8.31
C LEU A 404 35.71 2.90 8.21
N VAL A 405 35.98 3.98 8.95
CA VAL A 405 37.25 4.67 8.85
C VAL A 405 37.93 4.72 10.22
N PRO A 406 39.26 4.44 10.28
CA PRO A 406 40.03 4.68 11.50
C PRO A 406 40.18 6.17 11.77
N VAL A 407 40.00 6.57 13.03
CA VAL A 407 40.00 7.98 13.39
C VAL A 407 40.99 8.24 14.52
N LEU A 408 41.14 7.27 15.41
CA LEU A 408 41.99 7.43 16.58
C LEU A 408 42.81 6.15 16.81
N ALA A 409 44.13 6.33 16.97
CA ALA A 409 45.02 5.21 17.25
C ALA A 409 45.31 5.12 18.74
N GLU A 410 45.33 3.89 19.25
CA GLU A 410 45.74 3.62 20.62
C GLU A 410 47.25 3.79 20.73
N ASN A 411 47.66 4.77 21.54
CA ASN A 411 49.08 5.01 21.80
C ASN A 411 49.51 4.27 23.06
N TYR A 412 50.68 3.64 23.00
CA TYR A 412 51.16 2.80 24.09
C TYR A 412 52.41 3.40 24.72
N ASN A 413 53.23 4.09 23.90
CA ASN A 413 54.45 4.73 24.37
C ASN A 413 54.10 6.07 25.02
N LYS A 414 54.73 6.35 26.17
CA LYS A 414 54.56 7.60 26.88
C LYS A 414 55.23 8.73 26.10
N SER A 415 54.38 9.55 25.46
CA SER A 415 54.83 10.72 24.72
C SER A 415 54.18 11.97 25.30
N ASP A 416 54.98 13.03 25.47
CA ASP A 416 54.54 14.28 26.05
C ASP A 416 53.33 14.82 25.31
N ASN A 417 53.40 14.81 23.98
CA ASN A 417 52.32 15.31 23.14
C ASN A 417 51.82 14.19 22.23
N CYS A 418 51.42 13.08 22.85
CA CYS A 418 51.05 11.86 22.14
C CYS A 418 49.73 12.04 21.41
N GLU A 419 48.92 13.01 21.86
CA GLU A 419 47.64 13.31 21.26
C GLU A 419 47.84 13.87 19.85
N ASP A 420 49.09 14.24 19.53
CA ASP A 420 49.40 14.96 18.31
C ASP A 420 50.29 14.10 17.42
N THR A 421 50.29 12.78 17.67
CA THR A 421 51.17 11.86 16.95
C THR A 421 50.63 10.43 17.02
N PRO A 422 50.20 9.87 15.87
CA PRO A 422 49.98 8.42 15.75
C PRO A 422 51.30 7.66 15.87
N GLU A 423 51.22 6.36 16.14
CA GLU A 423 52.41 5.55 16.39
C GLU A 423 52.83 4.79 15.13
N ALA A 424 51.84 4.21 14.43
CA ALA A 424 52.05 3.39 13.25
C ALA A 424 52.66 2.03 13.62
N GLY A 425 52.70 1.74 14.93
CA GLY A 425 52.97 0.40 15.45
C GLY A 425 54.44 0.01 15.36
N TYR A 426 54.70 -1.28 15.56
CA TYR A 426 56.03 -1.87 15.48
C TYR A 426 56.23 -2.45 14.09
N PHE A 427 57.33 -3.20 13.91
CA PHE A 427 57.70 -3.75 12.62
C PHE A 427 57.86 -5.26 12.72
N ALA A 428 57.16 -5.98 11.85
CA ALA A 428 57.29 -7.43 11.74
C ALA A 428 58.51 -7.76 10.91
N VAL A 429 59.48 -8.43 11.55
CA VAL A 429 60.74 -8.76 10.92
C VAL A 429 60.91 -10.28 10.90
N ALA A 430 61.52 -10.76 9.82
CA ALA A 430 62.00 -12.13 9.75
C ALA A 430 63.50 -12.13 10.03
N VAL A 431 63.89 -12.76 11.15
CA VAL A 431 65.28 -12.79 11.57
C VAL A 431 65.88 -14.15 11.24
N VAL A 432 67.16 -14.13 10.85
CA VAL A 432 67.92 -15.33 10.52
C VAL A 432 69.40 -15.03 10.79
N LYS A 433 70.12 -16.04 11.28
CA LYS A 433 71.54 -15.90 11.60
C LYS A 433 72.36 -15.76 10.32
N LYS A 434 73.44 -14.97 10.40
CA LYS A 434 74.33 -14.70 9.29
C LYS A 434 75.12 -15.96 8.95
N SER A 435 74.97 -16.98 9.81
CA SER A 435 75.67 -18.25 9.71
C SER A 435 75.19 -19.02 8.48
N ALA A 436 73.94 -19.51 8.53
CA ALA A 436 73.26 -20.01 7.34
C ALA A 436 73.10 -18.86 6.36
N SER A 437 74.02 -18.79 5.39
CA SER A 437 74.37 -17.54 4.74
C SER A 437 73.78 -17.44 3.33
N ASP A 438 73.16 -18.53 2.86
CA ASP A 438 72.59 -18.56 1.53
C ASP A 438 71.07 -18.39 1.61
N LEU A 439 70.59 -18.03 2.80
CA LEU A 439 69.17 -17.85 3.05
C LEU A 439 68.72 -16.48 2.53
N THR A 440 67.78 -16.51 1.57
CA THR A 440 67.06 -15.34 1.11
C THR A 440 65.57 -15.61 1.28
N TRP A 441 64.76 -14.54 1.17
CA TRP A 441 63.31 -14.58 1.35
C TRP A 441 62.70 -15.69 0.50
N ASP A 442 63.31 -15.96 -0.66
CA ASP A 442 62.74 -16.85 -1.67
C ASP A 442 62.86 -18.31 -1.23
N ASN A 443 64.05 -18.71 -0.77
CA ASN A 443 64.34 -20.12 -0.51
C ASN A 443 63.99 -20.49 0.93
N LEU A 444 62.85 -19.99 1.41
CA LEU A 444 62.32 -20.38 2.71
C LEU A 444 61.55 -21.69 2.60
N LYS A 445 61.23 -22.08 1.35
CA LYS A 445 60.50 -23.32 1.09
C LYS A 445 61.26 -24.50 1.69
N GLY A 446 60.61 -25.18 2.65
CA GLY A 446 61.14 -26.41 3.22
C GLY A 446 62.17 -26.16 4.33
N LYS A 447 62.38 -24.88 4.67
CA LYS A 447 63.25 -24.52 5.78
C LYS A 447 62.51 -24.76 7.10
N LYS A 448 63.25 -24.73 8.21
CA LYS A 448 62.65 -24.85 9.53
C LYS A 448 62.45 -23.46 10.12
N SER A 449 61.31 -23.27 10.79
CA SER A 449 60.84 -21.94 11.18
C SER A 449 60.52 -21.89 12.67
N CYS A 450 60.27 -20.66 13.15
CA CYS A 450 60.03 -20.39 14.56
C CYS A 450 59.08 -19.20 14.69
N HIS A 451 57.84 -19.49 15.12
CA HIS A 451 56.79 -18.50 15.19
C HIS A 451 56.49 -18.21 16.66
N THR A 452 56.05 -16.98 16.95
CA THR A 452 55.68 -16.58 18.30
C THR A 452 54.50 -17.44 18.77
N ALA A 453 53.48 -17.55 17.91
CA ALA A 453 52.35 -18.44 18.05
C ALA A 453 51.40 -18.25 16.87
N VAL A 454 50.73 -19.34 16.46
CA VAL A 454 49.78 -19.27 15.36
C VAL A 454 48.65 -18.30 15.73
N GLY A 455 48.38 -17.36 14.82
CA GLY A 455 47.33 -16.37 15.03
C GLY A 455 47.90 -15.06 15.57
N ARG A 456 49.17 -15.07 15.98
CA ARG A 456 49.84 -13.86 16.40
C ARG A 456 50.25 -13.06 15.16
N THR A 457 50.28 -11.74 15.31
CA THR A 457 50.44 -10.82 14.19
C THR A 457 51.82 -11.00 13.56
N ALA A 458 52.86 -10.70 14.34
CA ALA A 458 54.24 -10.68 13.84
C ALA A 458 54.76 -12.11 13.64
N GLY A 459 54.20 -13.05 14.40
CA GLY A 459 54.70 -14.41 14.44
C GLY A 459 54.12 -15.29 13.33
N TRP A 460 52.83 -15.08 13.01
CA TRP A 460 52.12 -15.96 12.11
C TRP A 460 51.45 -15.19 10.98
N ASN A 461 50.59 -14.24 11.34
CA ASN A 461 49.71 -13.56 10.40
C ASN A 461 50.50 -12.98 9.23
N ILE A 462 51.41 -12.06 9.54
CA ILE A 462 52.15 -11.31 8.53
C ILE A 462 53.00 -12.25 7.68
N PRO A 463 53.95 -13.04 8.26
CA PRO A 463 54.84 -13.89 7.47
C PRO A 463 54.12 -14.84 6.53
N MET A 464 53.19 -15.63 7.08
CA MET A 464 52.46 -16.64 6.33
C MET A 464 51.49 -15.97 5.35
N GLY A 465 51.00 -14.78 5.73
CA GLY A 465 50.13 -13.99 4.87
C GLY A 465 50.83 -13.61 3.57
N LEU A 466 52.13 -13.28 3.67
CA LEU A 466 52.93 -12.86 2.53
C LEU A 466 53.47 -14.07 1.79
N LEU A 467 53.65 -15.17 2.51
CA LEU A 467 54.12 -16.42 1.92
C LEU A 467 52.94 -17.14 1.26
N TYR A 468 51.76 -16.51 1.28
CA TYR A 468 50.54 -17.15 0.82
C TYR A 468 50.59 -17.41 -0.68
N ASN A 469 51.11 -16.43 -1.44
CA ASN A 469 51.18 -16.52 -2.89
C ASN A 469 51.74 -17.89 -3.30
N LYS A 470 52.72 -18.37 -2.52
CA LYS A 470 53.30 -19.69 -2.68
C LYS A 470 53.20 -20.46 -1.36
N ILE A 471 51.95 -20.75 -0.94
CA ILE A 471 51.74 -21.38 0.36
C ILE A 471 51.30 -22.82 0.19
N ASN A 472 51.23 -23.28 -1.07
CA ASN A 472 50.84 -24.65 -1.38
C ASN A 472 49.49 -24.95 -0.73
N HIS A 473 48.48 -24.15 -1.08
CA HIS A 473 47.11 -24.34 -0.62
C HIS A 473 46.99 -23.94 0.85
N CYS A 474 45.76 -23.96 1.38
CA CYS A 474 45.47 -23.57 2.76
C CYS A 474 46.15 -24.51 3.76
N ARG A 475 46.85 -25.54 3.23
CA ARG A 475 47.67 -26.40 4.07
C ARG A 475 48.93 -25.64 4.45
N PHE A 476 48.97 -25.15 5.70
CA PHE A 476 49.98 -24.20 6.15
C PHE A 476 51.18 -24.92 6.75
N ASP A 477 51.09 -26.24 6.89
CA ASP A 477 52.15 -27.03 7.50
C ASP A 477 53.06 -27.62 6.44
N GLU A 478 52.67 -27.43 5.16
CA GLU A 478 53.34 -28.07 4.03
C GLU A 478 54.54 -27.24 3.60
N PHE A 479 54.53 -25.94 3.92
CA PHE A 479 55.55 -25.01 3.45
C PHE A 479 56.86 -25.30 4.16
N PHE A 480 56.83 -25.25 5.50
CA PHE A 480 58.00 -25.55 6.33
C PHE A 480 58.03 -27.05 6.60
N SER A 481 59.16 -27.67 6.25
CA SER A 481 59.39 -29.08 6.53
C SER A 481 59.02 -29.39 7.98
N GLU A 482 59.58 -28.57 8.89
CA GLU A 482 59.30 -28.61 10.31
C GLU A 482 59.39 -27.19 10.87
N GLY A 483 58.88 -27.01 12.10
CA GLY A 483 58.97 -25.73 12.78
C GLY A 483 58.33 -25.79 14.17
N CYS A 484 58.20 -24.63 14.80
CA CYS A 484 57.48 -24.50 16.06
C CYS A 484 56.48 -23.36 15.96
N ALA A 485 55.21 -23.73 15.76
CA ALA A 485 54.10 -22.79 15.75
C ALA A 485 53.15 -23.12 16.90
N PRO A 486 53.42 -22.58 18.12
CA PRO A 486 52.58 -22.88 19.29
C PRO A 486 51.11 -22.59 19.04
N GLY A 487 50.28 -23.63 19.21
CA GLY A 487 48.84 -23.51 19.04
C GLY A 487 48.32 -24.46 17.97
N SER A 488 49.20 -24.85 17.04
CA SER A 488 48.88 -25.80 15.98
C SER A 488 48.48 -27.14 16.58
N LYS A 489 47.85 -27.99 15.76
CA LYS A 489 47.49 -29.33 16.18
C LYS A 489 48.75 -30.07 16.60
N LYS A 490 48.64 -30.88 17.66
CA LYS A 490 49.79 -31.42 18.37
C LYS A 490 50.45 -32.56 17.58
N ASP A 491 50.06 -32.71 16.31
CA ASP A 491 50.53 -33.82 15.48
C ASP A 491 51.15 -33.31 14.19
N SER A 492 51.16 -31.98 14.01
CA SER A 492 51.58 -31.36 12.76
C SER A 492 53.08 -31.08 12.77
N SER A 493 53.59 -30.70 11.59
CA SER A 493 55.01 -30.50 11.34
C SER A 493 55.52 -29.24 12.02
N LEU A 494 54.59 -28.34 12.35
CA LEU A 494 54.91 -27.06 12.95
C LEU A 494 54.87 -27.15 14.48
N CYS A 495 54.77 -28.38 14.99
CA CYS A 495 54.83 -28.64 16.42
C CYS A 495 56.01 -29.55 16.74
N LYS A 496 56.86 -29.80 15.74
CA LYS A 496 57.91 -30.81 15.81
C LYS A 496 59.19 -30.23 16.42
N LEU A 497 59.21 -28.91 16.67
CA LEU A 497 60.41 -28.26 17.18
C LEU A 497 60.12 -27.59 18.53
N CYS A 498 58.85 -27.62 18.96
CA CYS A 498 58.43 -26.98 20.19
C CYS A 498 58.90 -27.79 21.40
N MET A 499 59.91 -27.27 22.11
CA MET A 499 60.50 -27.95 23.25
C MET A 499 59.75 -27.56 24.52
N GLY A 500 58.60 -28.20 24.74
CA GLY A 500 57.84 -28.10 25.97
C GLY A 500 57.42 -29.48 26.45
N SER A 501 57.72 -29.80 27.72
CA SER A 501 57.59 -31.17 28.21
C SER A 501 56.17 -31.45 28.67
N GLY A 502 55.56 -32.48 28.06
CA GLY A 502 54.31 -33.05 28.54
C GLY A 502 53.09 -32.43 27.87
N LEU A 503 52.24 -31.81 28.69
CA LEU A 503 50.99 -31.23 28.25
C LEU A 503 51.25 -29.95 27.46
N ASN A 504 52.42 -29.34 27.71
CA ASN A 504 52.76 -28.05 27.17
C ASN A 504 53.71 -28.22 25.98
N LEU A 505 53.47 -29.28 25.19
CA LEU A 505 54.41 -29.70 24.16
C LEU A 505 54.31 -28.78 22.94
N CYS A 506 53.10 -28.27 22.66
CA CYS A 506 52.90 -27.32 21.58
C CYS A 506 51.78 -26.35 21.94
N GLU A 507 51.72 -25.97 23.22
CA GLU A 507 50.67 -25.10 23.73
C GLU A 507 51.15 -23.65 23.71
N PRO A 508 50.26 -22.69 23.32
CA PRO A 508 50.62 -21.27 23.33
C PRO A 508 50.60 -20.63 24.71
N ASN A 509 51.63 -20.95 25.52
CA ASN A 509 51.82 -20.36 26.84
C ASN A 509 53.31 -20.28 27.16
N ASN A 510 53.62 -19.76 28.36
CA ASN A 510 55.00 -19.55 28.82
C ASN A 510 55.73 -20.89 28.93
N LYS A 511 55.01 -21.92 29.39
CA LYS A 511 55.59 -23.22 29.69
C LYS A 511 55.98 -23.95 28.41
N GLU A 512 55.89 -23.24 27.28
CA GLU A 512 56.32 -23.76 25.99
C GLU A 512 57.82 -23.57 25.84
N GLY A 513 58.29 -22.36 26.15
CA GLY A 513 59.72 -22.05 26.08
C GLY A 513 60.14 -21.57 24.69
N TYR A 514 59.48 -22.11 23.66
CA TYR A 514 59.65 -21.63 22.29
C TYR A 514 58.39 -20.89 21.86
N TYR A 515 57.78 -20.17 22.81
CA TYR A 515 56.61 -19.35 22.58
C TYR A 515 56.93 -17.90 22.95
N GLY A 516 56.27 -16.97 22.25
CA GLY A 516 56.46 -15.55 22.48
C GLY A 516 57.54 -14.99 21.55
N TYR A 517 57.75 -13.67 21.64
CA TYR A 517 58.76 -12.99 20.85
C TYR A 517 60.15 -13.49 21.26
N THR A 518 60.39 -13.48 22.57
CA THR A 518 61.65 -13.92 23.15
C THR A 518 61.84 -15.42 22.92
N GLY A 519 60.72 -16.14 22.87
CA GLY A 519 60.71 -17.60 22.73
C GLY A 519 61.07 -18.05 21.31
N ALA A 520 60.39 -17.45 20.32
CA ALA A 520 60.62 -17.76 18.92
C ALA A 520 62.07 -17.48 18.54
N PHE A 521 62.74 -16.68 19.39
CA PHE A 521 64.13 -16.29 19.17
C PHE A 521 65.06 -17.36 19.75
N ARG A 522 64.68 -17.93 20.90
CA ARG A 522 65.38 -19.08 21.44
C ARG A 522 65.22 -20.25 20.47
N CYS A 523 64.04 -20.32 19.84
CA CYS A 523 63.75 -21.29 18.79
C CYS A 523 64.68 -21.06 17.61
N LEU A 524 65.03 -19.78 17.36
CA LEU A 524 65.91 -19.41 16.26
C LEU A 524 67.27 -20.04 16.46
N VAL A 525 67.80 -19.94 17.69
CA VAL A 525 69.16 -20.39 17.99
C VAL A 525 69.15 -21.90 18.25
N GLU A 526 68.25 -22.35 19.13
CA GLU A 526 68.17 -23.74 19.53
C GLU A 526 67.31 -24.50 18.52
N LYS A 527 67.94 -24.96 17.44
CA LYS A 527 67.31 -25.73 16.36
C LYS A 527 66.32 -24.85 15.61
N GLY A 528 66.80 -24.08 14.63
CA GLY A 528 65.95 -23.23 13.82
C GLY A 528 66.72 -22.46 12.76
N ASP A 529 66.07 -22.25 11.60
CA ASP A 529 66.63 -21.45 10.52
C ASP A 529 66.14 -20.01 10.61
N VAL A 530 64.81 -19.84 10.62
CA VAL A 530 64.19 -18.53 10.53
C VAL A 530 63.19 -18.36 11.68
N ALA A 531 63.00 -17.11 12.11
CA ALA A 531 62.11 -16.77 13.21
C ALA A 531 61.43 -15.43 12.94
N PHE A 532 60.12 -15.37 13.20
CA PHE A 532 59.32 -14.18 12.95
C PHE A 532 58.99 -13.51 14.28
N VAL A 533 59.46 -12.26 14.43
CA VAL A 533 59.33 -11.51 15.66
C VAL A 533 59.19 -10.02 15.34
N LYS A 534 59.30 -9.18 16.38
CA LYS A 534 59.24 -7.73 16.25
C LYS A 534 60.65 -7.16 16.12
N HIS A 535 60.74 -5.86 15.84
CA HIS A 535 61.99 -5.21 15.46
C HIS A 535 62.95 -5.09 16.64
N GLN A 536 62.40 -5.09 17.85
CA GLN A 536 63.23 -4.86 19.04
C GLN A 536 63.41 -6.14 19.84
N THR A 537 63.03 -7.28 19.26
CA THR A 537 63.18 -8.58 19.92
C THR A 537 64.65 -8.99 19.96
N VAL A 538 65.37 -8.74 18.86
CA VAL A 538 66.79 -9.07 18.78
C VAL A 538 67.58 -8.23 19.79
N PRO A 539 67.48 -6.87 19.77
CA PRO A 539 68.24 -6.04 20.70
C PRO A 539 67.94 -6.17 22.20
N GLN A 540 66.79 -6.76 22.54
CA GLN A 540 66.37 -6.87 23.92
C GLN A 540 66.70 -8.26 24.48
N ASN A 541 67.22 -9.14 23.62
CA ASN A 541 67.56 -10.50 24.02
C ASN A 541 69.06 -10.74 23.86
N THR A 542 69.72 -9.88 23.08
CA THR A 542 71.17 -9.97 22.88
C THR A 542 71.85 -8.78 23.55
N GLY A 543 73.17 -8.90 23.74
CA GLY A 543 73.95 -7.87 24.40
C GLY A 543 73.94 -8.04 25.92
N GLY A 544 73.44 -9.20 26.37
CA GLY A 544 73.43 -9.55 27.78
C GLY A 544 72.23 -8.95 28.51
N LYS A 545 71.19 -8.59 27.74
CA LYS A 545 69.97 -8.04 28.31
C LYS A 545 69.16 -9.17 28.95
N ASN A 546 69.39 -10.40 28.48
CA ASN A 546 68.67 -11.57 28.94
C ASN A 546 69.65 -12.51 29.64
N PRO A 547 69.52 -12.73 30.97
CA PRO A 547 70.48 -13.52 31.74
C PRO A 547 70.16 -15.01 31.83
N ASP A 548 69.31 -15.50 30.92
CA ASP A 548 68.93 -16.90 30.87
C ASP A 548 70.05 -17.72 30.23
N PRO A 549 70.16 -19.04 30.55
CA PRO A 549 71.29 -19.86 30.09
C PRO A 549 71.72 -19.72 28.64
N TRP A 550 70.75 -19.72 27.73
CA TRP A 550 70.96 -19.77 26.29
C TRP A 550 71.30 -18.39 25.74
N ALA A 551 70.85 -17.34 26.44
CA ALA A 551 70.76 -16.00 25.88
C ALA A 551 71.94 -15.12 26.31
N LYS A 552 72.59 -15.50 27.42
CA LYS A 552 73.64 -14.72 28.05
C LYS A 552 74.50 -14.00 27.01
N ASN A 553 75.09 -14.78 26.10
CA ASN A 553 76.28 -14.39 25.38
C ASN A 553 76.02 -14.20 23.88
N LEU A 554 74.75 -14.07 23.50
CA LEU A 554 74.40 -13.82 22.11
C LEU A 554 74.62 -12.34 21.80
N ASN A 555 74.95 -12.04 20.55
CA ASN A 555 75.18 -10.66 20.14
C ASN A 555 74.42 -10.35 18.85
N GLU A 556 74.17 -9.05 18.62
CA GLU A 556 73.35 -8.56 17.53
C GLU A 556 73.99 -8.86 16.18
N LYS A 557 75.33 -8.77 16.14
CA LYS A 557 76.11 -8.83 14.91
C LYS A 557 75.89 -10.17 14.20
N ASP A 558 75.34 -11.15 14.95
CA ASP A 558 75.26 -12.53 14.50
C ASP A 558 73.98 -12.74 13.68
N TYR A 559 72.93 -11.98 13.99
CA TYR A 559 71.61 -12.22 13.43
C TYR A 559 71.25 -11.08 12.47
N GLU A 560 70.93 -11.46 11.22
CA GLU A 560 70.50 -10.52 10.20
C GLU A 560 68.99 -10.60 10.04
N LEU A 561 68.40 -9.55 9.44
CA LEU A 561 66.98 -9.53 9.14
C LEU A 561 66.76 -9.75 7.64
N LEU A 562 65.82 -10.65 7.32
CA LEU A 562 65.47 -10.96 5.94
C LEU A 562 64.54 -9.89 5.39
N CYS A 563 64.79 -9.47 4.14
CA CYS A 563 64.00 -8.45 3.49
C CYS A 563 63.09 -9.08 2.43
N LEU A 564 62.15 -8.28 1.91
CA LEU A 564 61.16 -8.72 0.95
C LEU A 564 61.79 -8.85 -0.44
N ASP A 565 62.65 -7.88 -0.80
CA ASP A 565 63.26 -7.80 -2.12
C ASP A 565 64.26 -8.94 -2.31
N GLY A 566 64.44 -9.75 -1.26
CA GLY A 566 65.30 -10.92 -1.31
C GLY A 566 66.60 -10.67 -0.55
N THR A 567 66.93 -9.40 -0.32
CA THR A 567 68.21 -9.02 0.27
C THR A 567 68.22 -9.32 1.77
N ARG A 568 69.40 -9.16 2.37
CA ARG A 568 69.59 -9.28 3.80
C ARG A 568 70.10 -7.94 4.33
N LYS A 569 69.99 -7.72 5.65
CA LYS A 569 70.30 -6.43 6.23
C LYS A 569 70.64 -6.63 7.72
N PRO A 570 71.35 -5.67 8.37
CA PRO A 570 71.54 -5.72 9.82
C PRO A 570 70.26 -5.46 10.59
N VAL A 571 70.29 -5.75 11.91
CA VAL A 571 69.10 -5.76 12.74
C VAL A 571 68.53 -4.36 12.89
N GLU A 572 69.41 -3.37 13.10
CA GLU A 572 68.95 -2.01 13.39
C GLU A 572 68.53 -1.30 12.11
N GLU A 573 68.66 -2.01 10.97
CA GLU A 573 68.20 -1.52 9.67
C GLU A 573 66.78 -2.00 9.42
N TYR A 574 66.07 -2.37 10.51
CA TYR A 574 64.73 -2.92 10.45
C TYR A 574 63.82 -1.98 9.67
N ALA A 575 64.10 -0.68 9.77
CA ALA A 575 63.28 0.38 9.20
C ALA A 575 63.11 0.17 7.69
N ASN A 576 64.09 -0.51 7.07
CA ASN A 576 64.13 -0.68 5.64
C ASN A 576 64.07 -2.17 5.27
N CYS A 577 64.20 -3.03 6.27
CA CYS A 577 64.17 -4.47 6.05
C CYS A 577 63.12 -5.11 6.95
N HIS A 578 61.85 -4.84 6.64
CA HIS A 578 60.73 -5.34 7.42
C HIS A 578 59.70 -5.99 6.50
N LEU A 579 58.85 -6.84 7.09
CA LEU A 579 57.80 -7.54 6.38
C LEU A 579 56.54 -6.66 6.31
N ALA A 580 56.05 -6.24 7.49
CA ALA A 580 54.90 -5.36 7.59
C ALA A 580 54.98 -4.53 8.86
N ARG A 581 54.06 -3.57 8.99
CA ARG A 581 54.09 -2.57 10.03
C ARG A 581 52.97 -2.86 11.03
N ALA A 582 53.08 -3.99 11.73
CA ALA A 582 52.07 -4.46 12.66
C ALA A 582 51.51 -3.30 13.48
N PRO A 583 50.24 -2.92 13.27
CA PRO A 583 49.71 -1.65 13.76
C PRO A 583 49.08 -1.72 15.14
N ASN A 584 48.79 -0.54 15.71
CA ASN A 584 48.11 -0.42 16.98
C ASN A 584 46.61 -0.63 16.77
N HIS A 585 45.88 -0.89 17.86
CA HIS A 585 44.43 -0.88 17.82
C HIS A 585 43.97 0.55 17.49
N ALA A 586 42.78 0.65 16.90
CA ALA A 586 42.28 1.95 16.45
C ALA A 586 40.77 2.03 16.60
N VAL A 587 40.30 3.19 17.06
CA VAL A 587 38.89 3.52 17.10
C VAL A 587 38.41 3.73 15.66
N VAL A 588 37.36 2.98 15.31
CA VAL A 588 36.74 3.02 13.99
C VAL A 588 35.35 3.61 14.12
N THR A 589 34.89 4.32 13.08
CA THR A 589 33.54 4.86 13.05
C THR A 589 33.14 5.16 11.60
N ARG A 590 31.86 5.52 11.43
CA ARG A 590 31.33 6.05 10.18
C ARG A 590 32.02 7.38 9.85
N LYS A 591 32.08 7.68 8.55
CA LYS A 591 32.71 8.89 8.04
C LYS A 591 31.95 10.12 8.53
N ASP A 592 30.62 9.98 8.66
CA ASP A 592 29.74 11.10 8.97
C ASP A 592 29.84 11.49 10.43
N LYS A 593 30.43 10.62 11.26
CA LYS A 593 30.58 10.87 12.68
C LYS A 593 32.06 11.04 13.03
N GLU A 594 32.90 11.21 12.01
CA GLU A 594 34.34 11.35 12.19
C GLU A 594 34.63 12.56 13.08
N ALA A 595 33.97 13.68 12.78
CA ALA A 595 34.18 14.95 13.48
C ALA A 595 33.87 14.80 14.96
N CYS A 596 32.72 14.19 15.28
CA CYS A 596 32.23 14.10 16.63
C CYS A 596 33.11 13.19 17.48
N VAL A 597 33.37 11.98 16.99
CA VAL A 597 34.17 10.98 17.69
C VAL A 597 35.49 11.63 18.12
N HIS A 598 36.12 12.36 17.19
CA HIS A 598 37.38 13.04 17.44
C HIS A 598 37.27 13.93 18.68
N LYS A 599 36.26 14.81 18.69
CA LYS A 599 36.12 15.80 19.75
C LYS A 599 35.79 15.11 21.08
N ILE A 600 34.66 14.39 21.11
CA ILE A 600 34.14 13.79 22.33
C ILE A 600 35.24 12.96 23.00
N LEU A 601 35.95 12.15 22.20
CA LEU A 601 36.96 11.24 22.72
C LEU A 601 38.20 12.00 23.19
N ARG A 602 38.48 13.16 22.58
CA ARG A 602 39.60 13.98 23.00
C ARG A 602 39.30 14.61 24.36
N GLN A 603 38.05 15.05 24.54
CA GLN A 603 37.60 15.67 25.78
C GLN A 603 37.53 14.61 26.88
N GLN A 604 37.14 13.39 26.50
CA GLN A 604 36.90 12.30 27.43
C GLN A 604 38.22 11.79 28.01
N GLN A 605 39.26 11.74 27.17
CA GLN A 605 40.55 11.23 27.58
C GLN A 605 41.29 12.30 28.40
N HIS A 606 40.76 13.54 28.37
CA HIS A 606 41.26 14.59 29.24
C HIS A 606 40.77 14.35 30.67
N LEU A 607 39.50 13.98 30.79
CA LEU A 607 38.86 13.81 32.09
C LEU A 607 39.29 12.50 32.74
N PHE A 608 39.31 11.41 31.95
CA PHE A 608 39.46 10.08 32.50
C PHE A 608 40.65 9.37 31.85
N GLY A 609 41.59 10.15 31.29
CA GLY A 609 42.71 9.61 30.55
C GLY A 609 43.75 8.95 31.45
N SER A 610 44.91 8.64 30.86
CA SER A 610 46.02 7.99 31.54
C SER A 610 46.60 8.93 32.60
N ASN A 611 46.05 10.15 32.67
CA ASN A 611 46.65 11.24 33.42
C ASN A 611 46.00 11.36 34.80
N VAL A 612 45.14 10.40 35.15
CA VAL A 612 44.46 10.44 36.43
C VAL A 612 44.92 9.27 37.31
N THR A 613 45.45 9.62 38.49
CA THR A 613 45.66 8.67 39.57
C THR A 613 44.53 8.86 40.58
N ASP A 614 44.38 7.90 41.51
CA ASP A 614 43.18 7.75 42.30
C ASP A 614 42.07 7.28 41.36
N CYS A 615 42.23 6.06 40.84
CA CYS A 615 41.32 5.49 39.87
C CYS A 615 40.23 4.67 40.55
N SER A 616 40.28 4.62 41.88
CA SER A 616 39.32 3.86 42.68
C SER A 616 38.17 4.75 43.12
N GLY A 617 38.46 6.06 43.27
CA GLY A 617 37.46 7.03 43.67
C GLY A 617 36.95 7.83 42.48
N ASN A 618 37.69 7.76 41.36
CA ASN A 618 37.39 8.50 40.15
C ASN A 618 37.51 7.53 38.97
N PHE A 619 36.61 7.66 38.00
CA PHE A 619 36.59 6.76 36.85
C PHE A 619 37.76 7.07 35.92
N CYS A 620 38.40 6.02 35.41
CA CYS A 620 39.43 6.17 34.38
C CYS A 620 39.23 5.14 33.27
N LEU A 621 39.51 5.59 32.05
CA LEU A 621 39.02 4.98 30.83
C LEU A 621 39.92 3.83 30.39
N PHE A 622 41.19 3.87 30.82
CA PHE A 622 42.18 2.95 30.29
C PHE A 622 42.56 1.91 31.35
N ARG A 623 41.69 1.75 32.36
CA ARG A 623 41.83 0.66 33.30
C ARG A 623 40.59 -0.22 33.24
N SER A 624 40.82 -1.54 33.27
CA SER A 624 39.76 -2.53 33.17
C SER A 624 39.63 -3.29 34.49
N GLU A 625 38.44 -3.87 34.70
CA GLU A 625 38.16 -4.72 35.85
C GLU A 625 38.86 -6.07 35.65
N THR A 626 38.73 -6.61 34.43
CA THR A 626 39.38 -7.86 34.05
C THR A 626 40.61 -7.56 33.21
N LYS A 627 40.43 -7.37 31.90
CA LYS A 627 41.54 -7.21 30.97
C LYS A 627 41.09 -6.54 29.69
N ASP A 628 41.67 -5.37 29.40
CA ASP A 628 41.61 -4.69 28.11
C ASP A 628 40.15 -4.50 27.66
N LEU A 629 39.30 -4.01 28.57
CA LEU A 629 37.91 -3.73 28.27
C LEU A 629 37.80 -2.40 27.52
N LEU A 630 37.11 -2.42 26.38
CA LEU A 630 36.84 -1.26 25.55
C LEU A 630 38.11 -0.82 24.82
N PHE A 631 39.18 -0.61 25.58
CA PHE A 631 40.49 -0.25 25.05
C PHE A 631 41.53 -1.17 25.66
N ARG A 632 42.68 -1.32 24.98
CA ARG A 632 43.82 -1.99 25.56
C ARG A 632 44.34 -1.13 26.70
N ASP A 633 44.65 -1.76 27.84
CA ASP A 633 44.99 -1.06 29.07
C ASP A 633 46.32 -0.32 28.94
N ASP A 634 47.08 -0.67 27.91
CA ASP A 634 48.40 -0.09 27.67
C ASP A 634 48.27 1.31 27.06
N THR A 635 47.05 1.66 26.64
CA THR A 635 46.78 2.95 26.02
C THR A 635 47.11 4.07 26.99
N VAL A 636 47.75 5.13 26.47
CA VAL A 636 48.08 6.30 27.25
C VAL A 636 47.22 7.47 26.77
N CYS A 637 46.95 7.49 25.47
CA CYS A 637 46.05 8.45 24.86
C CYS A 637 45.49 7.87 23.57
N LEU A 638 44.65 8.66 22.90
CA LEU A 638 44.12 8.31 21.59
C LEU A 638 44.60 9.35 20.58
N ALA A 639 45.49 8.92 19.68
CA ALA A 639 46.14 9.81 18.73
C ALA A 639 45.19 10.09 17.57
N LYS A 640 45.10 11.38 17.19
CA LYS A 640 44.32 11.75 16.02
C LYS A 640 45.06 11.29 14.77
N LEU A 641 44.31 10.67 13.86
CA LEU A 641 44.87 10.06 12.67
C LEU A 641 44.68 10.99 11.47
N HIS A 642 45.29 12.18 11.54
CA HIS A 642 45.40 13.02 10.36
C HIS A 642 46.11 12.21 9.28
N ASP A 643 45.54 12.20 8.07
CA ASP A 643 46.17 11.66 6.88
C ASP A 643 45.96 10.14 6.81
N ARG A 644 46.14 9.44 7.94
CA ARG A 644 46.06 7.99 7.99
C ARG A 644 44.65 7.53 8.35
N ASN A 645 43.64 8.21 7.77
CA ASN A 645 42.28 8.02 8.21
C ASN A 645 41.46 7.20 7.22
N THR A 646 42.15 6.35 6.44
CA THR A 646 41.50 5.26 5.73
C THR A 646 42.18 3.96 6.14
N TYR A 647 41.50 2.83 5.97
CA TYR A 647 42.01 1.54 6.42
C TYR A 647 43.30 1.22 5.66
N GLU A 648 43.30 1.54 4.35
CA GLU A 648 44.42 1.30 3.47
C GLU A 648 45.62 2.14 3.90
N LYS A 649 45.35 3.31 4.46
CA LYS A 649 46.38 4.28 4.78
C LYS A 649 46.82 4.16 6.25
N TYR A 650 46.01 3.47 7.06
CA TYR A 650 46.35 3.24 8.45
C TYR A 650 47.15 1.94 8.56
N LEU A 651 46.75 0.93 7.77
CA LEU A 651 47.47 -0.32 7.69
C LEU A 651 48.49 -0.23 6.56
N GLY A 652 49.62 -0.92 6.71
CA GLY A 652 50.61 -1.00 5.66
C GLY A 652 50.02 -1.68 4.42
N GLU A 653 50.43 -1.21 3.24
CA GLU A 653 50.05 -1.82 1.98
C GLU A 653 50.37 -3.31 2.04
N GLU A 654 51.43 -3.64 2.78
CA GLU A 654 51.92 -5.00 2.95
C GLU A 654 51.04 -5.75 3.96
N TYR A 655 50.66 -5.05 5.04
CA TYR A 655 49.79 -5.62 6.07
C TYR A 655 48.47 -6.01 5.43
N VAL A 656 47.98 -5.15 4.52
CA VAL A 656 46.72 -5.35 3.80
C VAL A 656 46.82 -6.58 2.92
N LYS A 657 47.93 -6.69 2.17
CA LYS A 657 48.17 -7.81 1.27
C LYS A 657 48.16 -9.10 2.08
N ALA A 658 48.83 -9.08 3.24
CA ALA A 658 49.01 -10.24 4.08
C ALA A 658 47.66 -10.70 4.66
N VAL A 659 46.96 -9.78 5.31
CA VAL A 659 45.70 -10.08 6.00
C VAL A 659 44.65 -10.51 4.98
N GLY A 660 44.69 -9.90 3.79
CA GLY A 660 43.80 -10.26 2.69
C GLY A 660 44.02 -11.71 2.24
N ASN A 661 45.29 -12.13 2.23
CA ASN A 661 45.67 -13.48 1.84
C ASN A 661 45.17 -14.49 2.86
N LEU A 662 45.42 -14.21 4.15
CA LEU A 662 45.04 -15.10 5.23
C LEU A 662 43.52 -15.27 5.29
N ARG A 663 42.80 -14.22 4.89
CA ARG A 663 41.34 -14.24 4.93
C ARG A 663 40.77 -15.11 3.81
N LYS A 664 41.64 -15.63 2.96
CA LYS A 664 41.25 -16.56 1.91
C LYS A 664 41.11 -17.97 2.49
N CYS A 665 41.79 -18.21 3.62
CA CYS A 665 41.75 -19.51 4.28
C CYS A 665 40.80 -19.50 5.47
N SER A 666 40.56 -18.31 6.04
CA SER A 666 39.65 -18.18 7.17
C SER A 666 38.59 -17.12 6.85
N THR A 667 37.44 -17.58 6.34
CA THR A 667 36.39 -16.71 5.84
C THR A 667 35.68 -16.01 7.00
N SER A 668 35.26 -14.76 6.72
CA SER A 668 34.44 -13.95 7.61
C SER A 668 33.16 -13.57 6.88
N SER A 669 32.03 -14.06 7.38
CA SER A 669 30.74 -13.90 6.72
C SER A 669 30.41 -12.42 6.53
N LEU A 670 30.87 -11.59 7.46
CA LEU A 670 30.72 -10.14 7.36
C LEU A 670 31.57 -9.62 6.20
N LEU A 671 32.86 -10.01 6.20
CA LEU A 671 33.81 -9.57 5.21
C LEU A 671 33.33 -9.93 3.81
N GLU A 672 32.83 -11.16 3.65
CA GLU A 672 32.40 -11.65 2.35
C GLU A 672 31.17 -10.88 1.88
N ALA A 673 30.37 -10.41 2.84
CA ALA A 673 29.18 -9.62 2.56
C ALA A 673 29.59 -8.21 2.13
N CYS A 674 30.58 -7.65 2.83
CA CYS A 674 31.04 -6.29 2.57
C CYS A 674 31.75 -6.23 1.23
N THR A 675 32.54 -7.27 0.92
CA THR A 675 33.29 -7.35 -0.32
C THR A 675 32.32 -7.59 -1.48
N PHE A 676 31.10 -8.04 -1.17
CA PHE A 676 30.07 -8.23 -2.18
C PHE A 676 29.61 -6.86 -2.68
N ARG A 677 29.40 -5.93 -1.75
CA ARG A 677 28.93 -4.60 -2.07
C ARG A 677 30.07 -3.78 -2.68
N ARG A 678 31.30 -4.06 -2.23
CA ARG A 678 32.48 -3.38 -2.71
C ARG A 678 33.51 -4.41 -3.15
N PRO A 679 33.41 -4.95 -4.39
CA PRO A 679 34.35 -5.95 -4.89
C PRO A 679 35.70 -5.32 -5.22
N LYS B 4 -10.02 27.82 -7.02
CA LYS B 4 -10.67 27.55 -8.33
C LYS B 4 -9.72 26.71 -9.19
N THR B 5 -8.94 25.85 -8.53
CA THR B 5 -7.97 24.99 -9.19
C THR B 5 -8.13 23.57 -8.66
N VAL B 6 -8.28 22.62 -9.58
CA VAL B 6 -8.40 21.20 -9.27
C VAL B 6 -7.03 20.55 -9.45
N ARG B 7 -6.56 19.89 -8.39
CA ARG B 7 -5.28 19.19 -8.41
C ARG B 7 -5.52 17.71 -8.71
N TRP B 8 -5.22 17.32 -9.95
CA TRP B 8 -5.42 15.94 -10.37
C TRP B 8 -4.18 15.11 -10.02
N CYS B 9 -4.41 13.85 -9.62
CA CYS B 9 -3.33 12.98 -9.20
C CYS B 9 -3.04 11.95 -10.29
N ALA B 10 -1.75 11.79 -10.61
CA ALA B 10 -1.26 10.84 -11.60
C ALA B 10 -0.44 9.75 -10.91
N VAL B 11 -0.36 8.58 -11.54
CA VAL B 11 0.24 7.40 -10.92
C VAL B 11 1.49 6.98 -11.70
N SER B 12 1.60 7.44 -12.95
CA SER B 12 2.78 7.20 -13.76
C SER B 12 3.25 8.52 -14.38
N GLU B 13 4.43 8.50 -15.01
CA GLU B 13 4.96 9.67 -15.68
C GLU B 13 4.16 9.92 -16.96
N HIS B 14 3.85 8.83 -17.69
CA HIS B 14 3.03 8.89 -18.89
C HIS B 14 1.71 9.59 -18.57
N GLU B 15 1.15 9.28 -17.39
CA GLU B 15 -0.08 9.89 -16.91
C GLU B 15 0.13 11.40 -16.71
N ALA B 16 1.17 11.75 -15.96
CA ALA B 16 1.47 13.14 -15.62
C ALA B 16 1.49 14.01 -16.87
N THR B 17 2.00 13.45 -17.98
CA THR B 17 2.14 14.17 -19.23
C THR B 17 0.77 14.44 -19.84
N LYS B 18 -0.06 13.40 -19.93
CA LYS B 18 -1.42 13.53 -20.45
C LYS B 18 -2.15 14.60 -19.64
N CYS B 19 -1.88 14.62 -18.33
CA CYS B 19 -2.46 15.58 -17.41
C CYS B 19 -1.96 17.00 -17.72
N GLN B 20 -0.69 17.10 -18.14
CA GLN B 20 -0.06 18.39 -18.37
C GLN B 20 -0.63 19.05 -19.63
N SER B 21 -0.73 18.27 -20.72
CA SER B 21 -1.31 18.77 -21.95
C SER B 21 -2.82 18.96 -21.79
N PHE B 22 -3.41 18.22 -20.83
CA PHE B 22 -4.80 18.40 -20.45
C PHE B 22 -4.96 19.78 -19.81
N ARG B 23 -4.09 20.08 -18.83
CA ARG B 23 -4.06 21.37 -18.15
C ARG B 23 -3.94 22.50 -19.17
N ASP B 24 -3.09 22.29 -20.18
CA ASP B 24 -2.72 23.33 -21.14
C ASP B 24 -3.85 23.58 -22.12
N HIS B 25 -4.53 22.51 -22.54
CA HIS B 25 -5.60 22.63 -23.52
C HIS B 25 -6.86 23.18 -22.87
N MET B 26 -7.05 22.89 -21.57
CA MET B 26 -8.16 23.42 -20.81
C MET B 26 -7.97 24.93 -20.63
N LYS B 27 -6.70 25.33 -20.47
CA LYS B 27 -6.32 26.73 -20.25
C LYS B 27 -6.79 27.58 -21.41
N SER B 28 -6.82 26.98 -22.62
CA SER B 28 -7.21 27.68 -23.83
C SER B 28 -8.72 27.86 -23.90
N VAL B 29 -9.46 26.81 -23.53
CA VAL B 29 -10.91 26.78 -23.69
C VAL B 29 -11.59 26.98 -22.34
N ILE B 30 -11.08 27.93 -21.55
CA ILE B 30 -11.65 28.27 -20.26
C ILE B 30 -11.45 29.77 -20.02
N PRO B 31 -12.39 30.47 -19.33
CA PRO B 31 -12.20 31.88 -19.00
C PRO B 31 -11.14 32.12 -17.92
N SER B 32 -10.86 33.41 -17.67
CA SER B 32 -10.01 33.84 -16.57
C SER B 32 -10.54 33.27 -15.26
N ASP B 33 -11.88 33.26 -15.12
CA ASP B 33 -12.56 32.74 -13.97
C ASP B 33 -12.91 31.27 -14.20
N GLY B 34 -13.38 30.60 -13.14
CA GLY B 34 -13.77 29.20 -13.22
C GLY B 34 -12.59 28.26 -13.01
N PRO B 35 -12.62 27.05 -13.60
CA PRO B 35 -11.68 25.98 -13.24
C PRO B 35 -10.33 25.99 -13.94
N SER B 36 -9.33 25.41 -13.25
CA SER B 36 -7.95 25.31 -13.70
C SER B 36 -7.38 23.97 -13.26
N VAL B 37 -6.53 23.39 -14.12
CA VAL B 37 -5.98 22.06 -13.90
C VAL B 37 -4.58 22.17 -13.31
N ALA B 38 -4.28 21.30 -12.33
CA ALA B 38 -2.97 21.21 -11.72
C ALA B 38 -2.61 19.73 -11.57
N CYS B 39 -1.40 19.37 -12.02
CA CYS B 39 -0.99 17.98 -12.10
C CYS B 39 -0.06 17.62 -10.95
N VAL B 40 -0.50 16.66 -10.13
CA VAL B 40 0.28 16.13 -9.03
C VAL B 40 0.58 14.66 -9.33
N LYS B 41 1.87 14.29 -9.24
CA LYS B 41 2.31 12.94 -9.59
C LYS B 41 2.72 12.20 -8.33
N LYS B 42 2.22 10.95 -8.20
CA LYS B 42 2.55 10.07 -7.09
C LYS B 42 2.97 8.71 -7.64
N ALA B 43 3.16 7.73 -6.74
CA ALA B 43 3.72 6.44 -7.10
C ALA B 43 2.62 5.46 -7.51
N SER B 44 1.57 5.36 -6.68
CA SER B 44 0.49 4.42 -6.92
C SER B 44 -0.86 5.06 -6.59
N TYR B 45 -1.93 4.27 -6.77
CA TYR B 45 -3.29 4.72 -6.50
C TYR B 45 -3.45 4.99 -5.01
N LEU B 46 -2.93 4.07 -4.19
CA LEU B 46 -2.96 4.21 -2.74
C LEU B 46 -2.30 5.53 -2.33
N ASP B 47 -1.22 5.88 -3.02
CA ASP B 47 -0.51 7.14 -2.78
C ASP B 47 -1.45 8.31 -3.10
N CYS B 48 -2.11 8.25 -4.27
CA CYS B 48 -3.03 9.28 -4.70
C CYS B 48 -4.19 9.41 -3.72
N ILE B 49 -4.64 8.27 -3.18
CA ILE B 49 -5.74 8.22 -2.24
C ILE B 49 -5.37 8.99 -0.97
N ARG B 50 -4.21 8.66 -0.41
CA ARG B 50 -3.71 9.32 0.80
C ARG B 50 -3.43 10.79 0.51
N ALA B 51 -2.89 11.05 -0.69
CA ALA B 51 -2.52 12.38 -1.14
C ALA B 51 -3.74 13.31 -1.15
N ILE B 52 -4.84 12.81 -1.74
CA ILE B 52 -6.09 13.55 -1.80
C ILE B 52 -6.63 13.75 -0.39
N ALA B 53 -6.56 12.68 0.41
CA ALA B 53 -7.07 12.69 1.78
C ALA B 53 -6.31 13.72 2.62
N ALA B 54 -5.05 13.97 2.27
CA ALA B 54 -4.18 14.87 3.03
C ALA B 54 -4.24 16.28 2.45
N ASN B 55 -5.05 16.46 1.40
CA ASN B 55 -5.27 17.76 0.79
C ASN B 55 -4.03 18.19 0.01
N GLU B 56 -3.40 17.22 -0.66
CA GLU B 56 -2.23 17.47 -1.50
C GLU B 56 -2.65 17.38 -2.97
N ALA B 57 -3.72 16.61 -3.22
CA ALA B 57 -4.40 16.56 -4.50
C ALA B 57 -5.90 16.65 -4.26
N ASP B 58 -6.69 16.71 -5.34
CA ASP B 58 -8.11 16.94 -5.23
C ASP B 58 -8.89 15.73 -5.74
N ALA B 59 -8.50 15.20 -6.91
CA ALA B 59 -9.27 14.17 -7.58
C ALA B 59 -8.37 13.13 -8.25
N VAL B 60 -8.82 11.88 -8.20
CA VAL B 60 -8.24 10.76 -8.93
C VAL B 60 -9.39 9.85 -9.37
N THR B 61 -9.16 9.09 -10.45
CA THR B 61 -10.21 8.29 -11.04
C THR B 61 -9.86 6.80 -10.92
N LEU B 62 -10.76 6.05 -10.26
CA LEU B 62 -10.43 4.76 -9.68
C LEU B 62 -11.34 3.66 -10.20
N ASP B 63 -10.83 2.42 -10.11
CA ASP B 63 -11.60 1.21 -10.35
C ASP B 63 -12.25 0.79 -9.03
N ALA B 64 -13.36 0.03 -9.14
CA ALA B 64 -14.25 -0.30 -8.04
C ALA B 64 -13.49 -0.66 -6.76
N GLY B 65 -12.47 -1.52 -6.89
CA GLY B 65 -11.69 -1.99 -5.76
C GLY B 65 -11.08 -0.85 -4.96
N LEU B 66 -10.46 0.11 -5.67
CA LEU B 66 -9.79 1.24 -5.07
C LEU B 66 -10.80 2.25 -4.54
N VAL B 67 -12.01 2.25 -5.14
CA VAL B 67 -13.09 3.10 -4.68
C VAL B 67 -13.44 2.71 -3.24
N TYR B 68 -13.47 1.40 -2.99
CA TYR B 68 -13.70 0.87 -1.65
C TYR B 68 -12.54 1.27 -0.74
N ASP B 69 -11.31 1.12 -1.26
CA ASP B 69 -10.10 1.49 -0.53
C ASP B 69 -10.16 2.95 -0.13
N ALA B 70 -10.55 3.82 -1.08
CA ALA B 70 -10.57 5.25 -0.89
C ALA B 70 -11.60 5.65 0.17
N TYR B 71 -12.66 4.85 0.29
CA TYR B 71 -13.76 5.10 1.21
C TYR B 71 -13.30 4.90 2.65
N LEU B 72 -12.45 3.90 2.87
CA LEU B 72 -12.07 3.45 4.20
C LEU B 72 -11.37 4.58 4.96
N ALA B 73 -11.57 4.59 6.28
CA ALA B 73 -10.85 5.47 7.18
C ALA B 73 -9.35 5.16 7.09
N PRO B 74 -8.46 6.18 7.17
CA PRO B 74 -8.84 7.57 7.44
C PRO B 74 -9.06 8.47 6.22
N ASN B 75 -8.97 7.87 5.02
CA ASN B 75 -9.06 8.60 3.77
C ASN B 75 -10.48 9.12 3.60
N ASN B 76 -11.44 8.19 3.59
CA ASN B 76 -12.87 8.47 3.51
C ASN B 76 -13.14 9.45 2.36
N LEU B 77 -12.97 8.94 1.13
CA LEU B 77 -13.24 9.68 -0.09
C LEU B 77 -14.56 9.19 -0.68
N LYS B 78 -15.29 10.09 -1.35
CA LYS B 78 -16.59 9.75 -1.91
C LYS B 78 -16.54 9.85 -3.44
N PRO B 79 -17.30 9.00 -4.17
CA PRO B 79 -17.43 9.13 -5.62
C PRO B 79 -18.22 10.39 -5.97
N VAL B 80 -17.81 11.06 -7.05
CA VAL B 80 -18.36 12.38 -7.38
C VAL B 80 -18.70 12.47 -8.86
N VAL B 81 -17.88 11.85 -9.71
CA VAL B 81 -18.10 11.83 -11.15
C VAL B 81 -17.86 10.42 -11.67
N ALA B 82 -18.62 10.03 -12.70
CA ALA B 82 -18.53 8.69 -13.26
C ALA B 82 -18.35 8.74 -14.77
N GLU B 83 -17.42 7.91 -15.27
CA GLU B 83 -17.26 7.66 -16.69
C GLU B 83 -18.41 6.79 -17.18
N PHE B 84 -18.97 7.15 -18.35
CA PHE B 84 -20.00 6.33 -18.98
C PHE B 84 -19.50 5.87 -20.35
N TYR B 85 -20.09 4.78 -20.87
CA TYR B 85 -19.46 4.00 -21.92
C TYR B 85 -20.38 3.82 -23.14
N GLY B 86 -21.58 4.40 -23.11
CA GLY B 86 -22.51 4.24 -24.20
C GLY B 86 -22.98 5.58 -24.76
N SER B 87 -24.27 5.63 -25.14
CA SER B 87 -24.92 6.86 -25.53
C SER B 87 -25.54 7.50 -24.29
N LYS B 88 -26.11 8.70 -24.45
CA LYS B 88 -26.82 9.35 -23.35
C LYS B 88 -28.17 8.66 -23.17
N GLU B 89 -28.57 7.89 -24.20
CA GLU B 89 -29.69 6.97 -24.15
C GLU B 89 -29.34 5.82 -23.20
N ASP B 90 -28.24 5.11 -23.51
CA ASP B 90 -27.81 3.94 -22.76
C ASP B 90 -26.41 4.17 -22.23
N PRO B 91 -26.26 4.76 -21.01
CA PRO B 91 -24.95 5.09 -20.46
C PRO B 91 -24.00 3.92 -20.22
N GLN B 92 -24.51 2.87 -19.55
CA GLN B 92 -23.70 1.74 -19.12
C GLN B 92 -22.62 2.23 -18.17
N THR B 93 -23.05 2.91 -17.09
CA THR B 93 -22.16 3.49 -16.10
C THR B 93 -21.61 2.38 -15.20
N PHE B 94 -22.28 1.22 -15.21
CA PHE B 94 -21.88 0.08 -14.41
C PHE B 94 -21.82 -1.17 -15.30
N TYR B 95 -21.17 -2.22 -14.78
CA TYR B 95 -21.26 -3.56 -15.33
C TYR B 95 -21.70 -4.51 -14.22
N TYR B 96 -22.20 -5.68 -14.60
CA TYR B 96 -22.79 -6.62 -13.66
C TYR B 96 -22.05 -7.96 -13.73
N ALA B 97 -21.49 -8.37 -12.58
CA ALA B 97 -20.92 -9.70 -12.43
C ALA B 97 -22.07 -10.71 -12.37
N VAL B 98 -21.97 -11.76 -13.19
CA VAL B 98 -23.06 -12.72 -13.33
C VAL B 98 -22.53 -14.14 -13.12
N ALA B 99 -23.48 -15.08 -13.02
CA ALA B 99 -23.19 -16.51 -13.03
C ALA B 99 -24.07 -17.18 -14.06
N VAL B 100 -23.55 -17.30 -15.29
CA VAL B 100 -24.26 -17.88 -16.41
C VAL B 100 -24.16 -19.40 -16.32
N VAL B 101 -25.30 -20.07 -16.56
CA VAL B 101 -25.42 -21.51 -16.46
C VAL B 101 -26.22 -22.02 -17.65
N LYS B 102 -26.33 -23.36 -17.75
CA LYS B 102 -27.17 -23.99 -18.75
C LYS B 102 -28.64 -23.90 -18.33
N LYS B 103 -29.54 -23.96 -19.31
CA LYS B 103 -30.97 -23.90 -19.07
C LYS B 103 -31.46 -25.25 -18.55
N ASP B 104 -30.53 -26.17 -18.32
CA ASP B 104 -30.84 -27.56 -18.01
C ASP B 104 -30.08 -28.01 -16.76
N SER B 105 -29.50 -27.05 -16.02
CA SER B 105 -28.65 -27.39 -14.90
C SER B 105 -29.47 -27.61 -13.62
N GLY B 106 -30.44 -26.72 -13.37
CA GLY B 106 -31.38 -26.85 -12.27
C GLY B 106 -30.66 -26.94 -10.92
N PHE B 107 -29.76 -25.99 -10.67
CA PHE B 107 -29.19 -25.77 -9.36
C PHE B 107 -29.26 -24.26 -9.07
N GLN B 108 -29.13 -23.90 -7.80
CA GLN B 108 -29.22 -22.50 -7.41
C GLN B 108 -27.87 -22.03 -6.85
N MET B 109 -27.78 -20.74 -6.57
CA MET B 109 -26.56 -20.09 -6.09
C MET B 109 -26.05 -20.79 -4.82
N ASN B 110 -26.98 -21.17 -3.95
CA ASN B 110 -26.65 -21.74 -2.65
C ASN B 110 -26.29 -23.21 -2.78
N GLN B 111 -26.30 -23.73 -4.02
CA GLN B 111 -26.05 -25.13 -4.28
C GLN B 111 -24.88 -25.27 -5.25
N LEU B 112 -23.86 -24.41 -5.09
CA LEU B 112 -22.71 -24.41 -5.98
C LEU B 112 -21.65 -25.39 -5.48
N ARG B 113 -21.74 -25.79 -4.20
CA ARG B 113 -20.76 -26.70 -3.62
C ARG B 113 -20.72 -27.99 -4.43
N GLY B 114 -19.55 -28.30 -4.99
CA GLY B 114 -19.30 -29.57 -5.64
C GLY B 114 -19.57 -29.53 -7.14
N LYS B 115 -19.88 -28.33 -7.66
CA LYS B 115 -20.12 -28.13 -9.09
C LYS B 115 -18.79 -27.81 -9.79
N LYS B 116 -18.86 -27.56 -11.10
CA LYS B 116 -17.71 -27.20 -11.90
C LYS B 116 -17.82 -25.73 -12.31
N SER B 117 -16.74 -24.99 -12.09
CA SER B 117 -16.75 -23.54 -12.26
C SER B 117 -15.79 -23.11 -13.38
N CYS B 118 -16.17 -22.04 -14.07
CA CYS B 118 -15.34 -21.41 -15.09
C CYS B 118 -15.14 -19.94 -14.71
N HIS B 119 -13.90 -19.59 -14.39
CA HIS B 119 -13.54 -18.23 -14.00
C HIS B 119 -12.81 -17.58 -15.17
N THR B 120 -12.88 -16.24 -15.23
CA THR B 120 -12.20 -15.49 -16.29
C THR B 120 -10.70 -15.49 -16.02
N GLY B 121 -10.34 -15.39 -14.73
CA GLY B 121 -8.96 -15.39 -14.29
C GLY B 121 -8.91 -15.11 -12.79
N LEU B 122 -7.96 -15.75 -12.10
CA LEU B 122 -7.80 -15.56 -10.67
C LEU B 122 -7.40 -14.11 -10.40
N GLY B 123 -8.21 -13.43 -9.57
CA GLY B 123 -7.94 -12.06 -9.19
C GLY B 123 -8.79 -11.06 -9.97
N ARG B 124 -9.41 -11.54 -11.06
CA ARG B 124 -10.37 -10.74 -11.81
C ARG B 124 -11.61 -10.52 -10.95
N SER B 125 -12.18 -9.33 -11.04
CA SER B 125 -13.27 -8.94 -10.16
C SER B 125 -14.50 -9.80 -10.40
N ALA B 126 -15.08 -9.70 -11.61
CA ALA B 126 -16.30 -10.38 -11.97
C ALA B 126 -16.10 -11.89 -12.00
N GLY B 127 -14.87 -12.32 -12.32
CA GLY B 127 -14.57 -13.72 -12.56
C GLY B 127 -14.16 -14.46 -11.29
N TRP B 128 -13.68 -13.72 -10.28
CA TRP B 128 -13.09 -14.34 -9.10
C TRP B 128 -13.52 -13.64 -7.82
N ASN B 129 -13.05 -12.40 -7.63
CA ASN B 129 -13.16 -11.68 -6.37
C ASN B 129 -14.60 -11.64 -5.89
N ILE B 130 -15.50 -11.20 -6.78
CA ILE B 130 -16.92 -11.04 -6.46
C ILE B 130 -17.53 -12.41 -6.15
N PRO B 131 -17.47 -13.42 -7.05
CA PRO B 131 -18.02 -14.75 -6.77
C PRO B 131 -17.48 -15.38 -5.49
N ILE B 132 -16.16 -15.52 -5.42
CA ILE B 132 -15.49 -16.16 -4.29
C ILE B 132 -15.77 -15.36 -3.03
N GLY B 133 -15.83 -14.02 -3.17
CA GLY B 133 -16.17 -13.12 -2.07
C GLY B 133 -17.54 -13.45 -1.48
N LEU B 134 -18.53 -13.60 -2.37
CA LEU B 134 -19.89 -13.93 -1.97
C LEU B 134 -19.93 -15.34 -1.38
N LEU B 135 -19.19 -16.27 -1.98
CA LEU B 135 -19.20 -17.67 -1.60
C LEU B 135 -18.42 -17.89 -0.31
N TYR B 136 -17.60 -16.92 0.09
CA TYR B 136 -16.52 -17.09 1.06
C TYR B 136 -16.90 -18.05 2.18
N CYS B 137 -18.08 -17.84 2.78
CA CYS B 137 -18.43 -18.53 4.02
C CYS B 137 -18.89 -19.96 3.75
N ASP B 138 -19.11 -20.30 2.48
CA ASP B 138 -19.56 -21.64 2.10
C ASP B 138 -18.35 -22.52 1.82
N LEU B 139 -17.17 -21.90 1.71
CA LEU B 139 -15.92 -22.62 1.50
C LEU B 139 -15.56 -23.38 2.77
N PRO B 140 -14.90 -24.57 2.67
CA PRO B 140 -14.47 -25.31 3.85
C PRO B 140 -13.32 -24.67 4.61
N GLU B 141 -13.47 -24.63 5.95
CA GLU B 141 -12.40 -24.20 6.85
C GLU B 141 -11.28 -25.24 6.77
N PRO B 142 -9.99 -24.84 6.67
CA PRO B 142 -9.60 -23.43 6.71
C PRO B 142 -9.75 -22.67 5.40
N ARG B 143 -10.12 -21.38 5.51
CA ARG B 143 -10.41 -20.53 4.37
C ARG B 143 -9.10 -20.00 3.77
N LYS B 144 -8.03 -19.99 4.58
CA LYS B 144 -6.71 -19.58 4.15
C LYS B 144 -5.81 -20.81 4.06
N PRO B 145 -5.08 -21.00 2.93
CA PRO B 145 -5.17 -20.14 1.76
C PRO B 145 -6.49 -20.29 0.99
N LEU B 146 -6.84 -19.25 0.25
CA LEU B 146 -8.12 -19.15 -0.44
C LEU B 146 -8.18 -20.16 -1.59
N GLU B 147 -7.06 -20.29 -2.31
CA GLU B 147 -6.96 -21.15 -3.49
C GLU B 147 -7.28 -22.60 -3.11
N LYS B 148 -6.80 -23.03 -1.94
CA LYS B 148 -7.00 -24.40 -1.47
C LYS B 148 -8.47 -24.62 -1.12
N ALA B 149 -9.08 -23.60 -0.50
CA ALA B 149 -10.46 -23.68 -0.02
C ALA B 149 -11.43 -23.74 -1.19
N VAL B 150 -11.06 -23.08 -2.30
CA VAL B 150 -11.91 -23.00 -3.48
C VAL B 150 -11.92 -24.35 -4.20
N ALA B 151 -10.77 -25.04 -4.19
CA ALA B 151 -10.62 -26.32 -4.86
C ALA B 151 -11.31 -27.43 -4.06
N ASN B 152 -11.52 -27.18 -2.76
CA ASN B 152 -12.20 -28.11 -1.88
C ASN B 152 -13.69 -27.80 -1.86
N PHE B 153 -14.09 -26.77 -2.61
CA PHE B 153 -15.49 -26.38 -2.74
C PHE B 153 -16.04 -26.96 -4.04
N PHE B 154 -15.72 -26.30 -5.15
CA PHE B 154 -16.01 -26.82 -6.48
C PHE B 154 -15.24 -28.13 -6.67
N SER B 155 -15.86 -29.09 -7.37
CA SER B 155 -15.25 -30.38 -7.65
C SER B 155 -14.03 -30.17 -8.55
N GLY B 156 -14.24 -29.53 -9.70
CA GLY B 156 -13.19 -29.14 -10.62
C GLY B 156 -13.47 -27.74 -11.18
N SER B 157 -12.39 -27.01 -11.50
CA SER B 157 -12.51 -25.62 -11.90
C SER B 157 -11.59 -25.31 -13.08
N CYS B 158 -11.85 -24.18 -13.74
CA CYS B 158 -10.86 -23.53 -14.58
C CYS B 158 -10.60 -22.13 -14.04
N ALA B 159 -9.47 -21.99 -13.32
CA ALA B 159 -9.08 -20.73 -12.71
C ALA B 159 -7.81 -20.23 -13.38
N PRO B 160 -7.91 -19.42 -14.45
CA PRO B 160 -6.72 -18.88 -15.12
C PRO B 160 -5.84 -18.13 -14.14
N CYS B 161 -4.53 -18.39 -14.21
CA CYS B 161 -3.51 -17.74 -13.40
C CYS B 161 -3.60 -18.22 -11.95
N ALA B 162 -4.20 -19.41 -11.74
CA ALA B 162 -4.18 -20.05 -10.44
C ALA B 162 -2.93 -20.90 -10.32
N ASP B 163 -2.58 -21.25 -9.07
CA ASP B 163 -1.41 -22.07 -8.80
C ASP B 163 -1.77 -23.54 -9.03
N GLY B 164 -1.67 -23.97 -10.30
CA GLY B 164 -2.14 -25.27 -10.74
C GLY B 164 -1.32 -26.42 -10.14
N THR B 165 -0.03 -26.17 -9.92
CA THR B 165 0.87 -27.21 -9.42
C THR B 165 0.55 -27.50 -7.95
N ASP B 166 0.26 -26.45 -7.18
CA ASP B 166 -0.04 -26.59 -5.75
C ASP B 166 -1.50 -27.02 -5.55
N PHE B 167 -2.39 -26.54 -6.43
CA PHE B 167 -3.81 -26.81 -6.30
C PHE B 167 -4.36 -27.26 -7.65
N PRO B 168 -4.22 -28.57 -7.99
CA PRO B 168 -4.54 -29.05 -9.34
C PRO B 168 -5.99 -28.92 -9.80
N GLN B 169 -6.94 -29.00 -8.85
CA GLN B 169 -8.35 -29.06 -9.15
C GLN B 169 -8.83 -27.76 -9.79
N LEU B 170 -8.13 -26.67 -9.49
CA LEU B 170 -8.49 -25.35 -10.00
C LEU B 170 -8.24 -25.28 -11.51
N CYS B 171 -7.81 -26.41 -12.09
CA CYS B 171 -7.49 -26.48 -13.51
C CYS B 171 -7.80 -27.85 -14.09
N GLN B 172 -8.78 -28.54 -13.48
CA GLN B 172 -9.29 -29.80 -13.97
C GLN B 172 -9.95 -29.58 -15.33
N LEU B 173 -10.29 -28.31 -15.62
CA LEU B 173 -11.07 -27.93 -16.78
C LEU B 173 -10.19 -27.31 -17.86
N CYS B 174 -9.05 -26.73 -17.44
CA CYS B 174 -8.10 -26.12 -18.35
C CYS B 174 -6.69 -26.38 -17.84
N PRO B 175 -6.04 -27.50 -18.26
CA PRO B 175 -4.84 -27.99 -17.59
C PRO B 175 -3.66 -27.02 -17.71
N GLY B 176 -3.08 -26.66 -16.56
CA GLY B 176 -1.88 -25.84 -16.52
C GLY B 176 -2.14 -24.41 -16.07
N CYS B 177 -3.43 -24.02 -16.07
CA CYS B 177 -3.87 -22.72 -15.55
C CYS B 177 -3.34 -21.57 -16.40
N GLY B 178 -3.31 -21.79 -17.72
CA GLY B 178 -2.78 -20.82 -18.67
C GLY B 178 -3.35 -19.41 -18.43
N CYS B 179 -2.46 -18.42 -18.36
CA CYS B 179 -2.83 -17.06 -17.98
C CYS B 179 -2.76 -16.14 -19.20
N SER B 180 -2.89 -16.73 -20.39
CA SER B 180 -3.00 -15.99 -21.63
C SER B 180 -4.01 -16.70 -22.54
N THR B 181 -4.28 -16.09 -23.70
CA THR B 181 -5.31 -16.55 -24.63
C THR B 181 -4.98 -17.95 -25.15
N LEU B 182 -3.81 -18.46 -24.76
CA LEU B 182 -3.40 -19.83 -25.09
C LEU B 182 -4.34 -20.81 -24.40
N ASN B 183 -4.81 -20.44 -23.21
CA ASN B 183 -5.91 -21.15 -22.57
C ASN B 183 -7.20 -20.78 -23.27
N GLN B 184 -7.81 -21.76 -23.94
CA GLN B 184 -9.06 -21.58 -24.66
C GLN B 184 -10.17 -21.24 -23.68
N TYR B 185 -9.94 -21.53 -22.39
CA TYR B 185 -10.89 -21.26 -21.33
C TYR B 185 -10.38 -20.11 -20.46
N PHE B 186 -9.71 -19.14 -21.10
CA PHE B 186 -9.15 -17.98 -20.41
C PHE B 186 -9.92 -16.72 -20.81
N GLY B 187 -10.18 -15.88 -19.82
CA GLY B 187 -10.82 -14.59 -20.03
C GLY B 187 -12.34 -14.72 -20.05
N TYR B 188 -13.01 -13.71 -20.61
CA TYR B 188 -14.46 -13.67 -20.71
C TYR B 188 -14.93 -14.70 -21.73
N SER B 189 -14.42 -14.60 -22.96
CA SER B 189 -14.76 -15.51 -24.04
C SER B 189 -14.35 -16.94 -23.69
N GLY B 190 -13.24 -17.06 -22.95
CA GLY B 190 -12.69 -18.34 -22.55
C GLY B 190 -13.54 -19.02 -21.49
N ALA B 191 -13.86 -18.29 -20.42
CA ALA B 191 -14.69 -18.80 -19.34
C ALA B 191 -16.09 -19.11 -19.86
N PHE B 192 -16.53 -18.35 -20.87
CA PHE B 192 -17.83 -18.56 -21.48
C PHE B 192 -17.82 -19.88 -22.28
N LYS B 193 -16.73 -20.10 -23.03
CA LYS B 193 -16.56 -21.30 -23.83
C LYS B 193 -16.47 -22.52 -22.92
N CYS B 194 -15.91 -22.30 -21.72
CA CYS B 194 -15.79 -23.33 -20.70
C CYS B 194 -17.18 -23.86 -20.33
N LEU B 195 -18.16 -22.96 -20.31
CA LEU B 195 -19.55 -23.30 -20.01
C LEU B 195 -20.19 -23.96 -21.23
N LYS B 196 -20.01 -23.34 -22.40
CA LYS B 196 -20.66 -23.76 -23.64
C LYS B 196 -20.24 -25.19 -24.00
N ASP B 197 -18.98 -25.53 -23.71
CA ASP B 197 -18.45 -26.85 -24.00
C ASP B 197 -18.92 -27.84 -22.93
N GLY B 198 -19.63 -27.33 -21.93
CA GLY B 198 -20.14 -28.16 -20.85
C GLY B 198 -19.01 -28.73 -20.01
N ALA B 199 -17.83 -28.10 -20.10
CA ALA B 199 -16.70 -28.44 -19.27
C ALA B 199 -17.00 -28.04 -17.83
N GLY B 200 -17.66 -26.88 -17.69
CA GLY B 200 -18.09 -26.38 -16.39
C GLY B 200 -19.61 -26.20 -16.35
N ASP B 201 -20.13 -26.09 -15.12
CA ASP B 201 -21.57 -26.01 -14.87
C ASP B 201 -22.01 -24.55 -14.78
N VAL B 202 -21.10 -23.70 -14.29
CA VAL B 202 -21.36 -22.27 -14.13
C VAL B 202 -20.14 -21.50 -14.62
N ALA B 203 -20.38 -20.34 -15.24
CA ALA B 203 -19.31 -19.48 -15.74
C ALA B 203 -19.51 -18.05 -15.23
N PHE B 204 -18.62 -17.64 -14.32
CA PHE B 204 -18.65 -16.32 -13.72
C PHE B 204 -18.04 -15.31 -14.70
N VAL B 205 -18.91 -14.59 -15.40
CA VAL B 205 -18.48 -13.65 -16.42
C VAL B 205 -19.22 -12.32 -16.21
N LYS B 206 -19.30 -11.52 -17.27
CA LYS B 206 -19.92 -10.22 -17.25
C LYS B 206 -21.28 -10.33 -17.95
N HIS B 207 -22.18 -9.39 -17.63
CA HIS B 207 -23.54 -9.39 -18.14
C HIS B 207 -23.54 -9.45 -19.66
N SER B 208 -22.48 -8.91 -20.25
CA SER B 208 -22.38 -8.67 -21.68
C SER B 208 -21.73 -9.85 -22.39
N THR B 209 -20.97 -10.65 -21.62
CA THR B 209 -20.15 -11.72 -22.17
C THR B 209 -20.98 -12.63 -23.07
N ILE B 210 -22.15 -13.03 -22.58
CA ILE B 210 -23.05 -13.94 -23.27
C ILE B 210 -23.40 -13.39 -24.66
N PHE B 211 -23.70 -12.09 -24.72
CA PHE B 211 -24.18 -11.45 -25.94
C PHE B 211 -23.07 -11.36 -26.98
N GLU B 212 -21.82 -11.34 -26.50
CA GLU B 212 -20.66 -11.13 -27.36
C GLU B 212 -20.24 -12.44 -28.02
N ASN B 213 -20.75 -13.56 -27.50
CA ASN B 213 -20.26 -14.88 -27.90
C ASN B 213 -21.33 -15.65 -28.66
N LEU B 214 -22.60 -15.28 -28.46
CA LEU B 214 -23.71 -15.90 -29.18
C LEU B 214 -24.57 -14.80 -29.79
N ALA B 215 -24.67 -14.82 -31.13
CA ALA B 215 -25.28 -13.72 -31.88
C ALA B 215 -26.80 -13.85 -31.90
N ASN B 216 -27.29 -15.10 -31.94
CA ASN B 216 -28.72 -15.36 -32.04
C ASN B 216 -29.31 -15.47 -30.64
N LYS B 217 -30.48 -14.83 -30.46
CA LYS B 217 -31.24 -14.90 -29.23
C LYS B 217 -31.56 -16.37 -28.92
N ALA B 218 -31.51 -17.20 -29.97
CA ALA B 218 -31.99 -18.57 -29.95
C ALA B 218 -31.09 -19.47 -29.09
N ASP B 219 -29.77 -19.37 -29.30
CA ASP B 219 -28.81 -20.24 -28.63
CA ASP B 219 -28.81 -20.24 -28.63
C ASP B 219 -28.63 -19.76 -27.19
N ARG B 220 -28.92 -18.48 -26.95
CA ARG B 220 -28.78 -17.86 -25.64
C ARG B 220 -29.91 -18.35 -24.73
N ASP B 221 -31.03 -18.75 -25.33
CA ASP B 221 -32.19 -19.20 -24.58
C ASP B 221 -31.99 -20.61 -24.04
N GLN B 222 -30.75 -21.11 -24.13
CA GLN B 222 -30.36 -22.29 -23.39
C GLN B 222 -29.45 -21.87 -22.23
N TYR B 223 -29.57 -20.60 -21.84
CA TYR B 223 -28.73 -20.04 -20.79
C TYR B 223 -29.57 -19.20 -19.83
N GLU B 224 -29.21 -19.30 -18.54
CA GLU B 224 -29.82 -18.54 -17.47
C GLU B 224 -28.72 -17.95 -16.59
N LEU B 225 -29.15 -17.08 -15.67
CA LEU B 225 -28.31 -16.49 -14.65
C LEU B 225 -28.77 -16.98 -13.28
N LEU B 226 -27.80 -17.33 -12.42
CA LEU B 226 -28.08 -17.57 -11.01
C LEU B 226 -28.31 -16.22 -10.33
N CYS B 227 -29.44 -16.10 -9.63
CA CYS B 227 -29.72 -14.92 -8.83
C CYS B 227 -29.35 -15.20 -7.38
N LEU B 228 -29.19 -14.14 -6.58
CA LEU B 228 -28.74 -14.25 -5.20
C LEU B 228 -29.80 -14.92 -4.32
N ASP B 229 -31.08 -14.76 -4.70
CA ASP B 229 -32.18 -15.27 -3.91
C ASP B 229 -32.50 -16.71 -4.30
N ASN B 230 -31.55 -17.37 -4.98
CA ASN B 230 -31.69 -18.74 -5.42
C ASN B 230 -32.91 -18.88 -6.33
N THR B 231 -33.04 -17.93 -7.26
CA THR B 231 -33.91 -18.10 -8.42
C THR B 231 -33.06 -17.96 -9.68
N ARG B 232 -33.67 -18.22 -10.83
CA ARG B 232 -32.98 -18.06 -12.11
C ARG B 232 -33.80 -17.17 -13.03
N LYS B 233 -33.11 -16.28 -13.74
CA LYS B 233 -33.71 -15.39 -14.71
C LYS B 233 -33.01 -15.59 -16.06
N PRO B 234 -33.61 -15.13 -17.19
CA PRO B 234 -32.94 -15.18 -18.48
C PRO B 234 -31.74 -14.23 -18.49
N VAL B 235 -30.84 -14.45 -19.46
CA VAL B 235 -29.60 -13.70 -19.60
C VAL B 235 -29.91 -12.24 -19.87
N ASP B 236 -31.14 -11.97 -20.34
CA ASP B 236 -31.60 -10.64 -20.71
C ASP B 236 -31.80 -9.78 -19.46
N GLU B 237 -32.25 -10.41 -18.37
CA GLU B 237 -32.68 -9.69 -17.18
C GLU B 237 -31.57 -9.72 -16.13
N TYR B 238 -30.39 -9.22 -16.50
CA TYR B 238 -29.23 -9.25 -15.62
C TYR B 238 -29.34 -8.19 -14.53
N LYS B 239 -30.10 -7.12 -14.83
CA LYS B 239 -30.23 -5.99 -13.92
C LYS B 239 -31.03 -6.40 -12.68
N ASP B 240 -31.70 -7.56 -12.76
CA ASP B 240 -32.49 -8.10 -11.67
C ASP B 240 -31.93 -9.46 -11.24
N CYS B 241 -30.85 -9.90 -11.92
CA CYS B 241 -30.23 -11.17 -11.60
C CYS B 241 -28.72 -11.08 -11.83
N HIS B 242 -28.04 -10.41 -10.89
CA HIS B 242 -26.60 -10.24 -10.95
C HIS B 242 -25.99 -10.60 -9.60
N LEU B 243 -24.67 -10.85 -9.60
CA LEU B 243 -23.92 -11.15 -8.40
C LEU B 243 -23.49 -9.85 -7.72
N ALA B 244 -23.30 -8.80 -8.54
CA ALA B 244 -22.93 -7.47 -8.07
C ALA B 244 -23.06 -6.47 -9.22
N GLN B 245 -23.13 -5.20 -8.85
CA GLN B 245 -23.17 -4.10 -9.81
C GLN B 245 -21.95 -3.21 -9.57
N VAL B 246 -21.05 -3.19 -10.56
CA VAL B 246 -19.72 -2.63 -10.38
C VAL B 246 -19.58 -1.37 -11.21
N PRO B 247 -19.32 -0.20 -10.59
CA PRO B 247 -18.97 1.02 -11.34
C PRO B 247 -17.66 0.83 -12.11
N SER B 248 -17.68 1.24 -13.38
CA SER B 248 -16.59 0.97 -14.31
C SER B 248 -15.35 1.76 -13.91
N HIS B 249 -15.44 3.10 -14.01
CA HIS B 249 -14.37 3.98 -13.59
C HIS B 249 -15.00 5.18 -12.89
N THR B 250 -14.50 5.49 -11.69
CA THR B 250 -15.15 6.46 -10.81
C THR B 250 -14.13 7.47 -10.30
N VAL B 251 -14.49 8.76 -10.37
CA VAL B 251 -13.67 9.83 -9.80
C VAL B 251 -14.09 10.03 -8.35
N VAL B 252 -13.12 9.94 -7.44
CA VAL B 252 -13.38 10.12 -6.02
C VAL B 252 -12.74 11.45 -5.57
N ALA B 253 -13.28 12.01 -4.49
CA ALA B 253 -12.77 13.23 -3.88
C ALA B 253 -13.04 13.19 -2.37
N ARG B 254 -12.54 14.22 -1.66
CA ARG B 254 -12.77 14.36 -0.23
C ARG B 254 -14.25 14.51 0.06
N SER B 255 -14.70 13.85 1.12
CA SER B 255 -16.11 13.83 1.53
C SER B 255 -16.61 15.25 1.74
N MET B 256 -15.92 16.00 2.60
CA MET B 256 -16.23 17.39 2.86
C MET B 256 -15.06 18.26 2.43
N GLY B 257 -15.36 19.35 1.71
CA GLY B 257 -14.37 20.26 1.18
C GLY B 257 -13.56 19.60 0.06
N GLY B 258 -14.21 18.69 -0.67
CA GLY B 258 -13.55 17.89 -1.70
C GLY B 258 -13.44 18.63 -3.04
N LYS B 259 -14.22 19.71 -3.18
CA LYS B 259 -14.28 20.54 -4.38
C LYS B 259 -14.99 19.78 -5.50
N GLU B 260 -15.99 18.98 -5.13
CA GLU B 260 -16.76 18.15 -6.04
C GLU B 260 -17.40 18.98 -7.16
N ASP B 261 -17.93 20.15 -6.78
CA ASP B 261 -18.60 21.04 -7.72
C ASP B 261 -17.59 21.60 -8.73
N LEU B 262 -16.34 21.77 -8.27
CA LEU B 262 -15.24 22.17 -9.14
C LEU B 262 -14.94 21.04 -10.14
N ILE B 263 -14.75 19.83 -9.63
CA ILE B 263 -14.39 18.67 -10.44
C ILE B 263 -15.35 18.54 -11.61
N TRP B 264 -16.66 18.56 -11.31
CA TRP B 264 -17.68 18.41 -12.34
C TRP B 264 -17.52 19.48 -13.41
N GLU B 265 -17.44 20.75 -12.97
CA GLU B 265 -17.37 21.91 -13.86
C GLU B 265 -16.23 21.72 -14.86
N LEU B 266 -15.12 21.16 -14.39
CA LEU B 266 -13.91 20.99 -15.18
C LEU B 266 -14.11 19.84 -16.17
N LEU B 267 -14.47 18.67 -15.64
CA LEU B 267 -14.64 17.46 -16.43
C LEU B 267 -15.77 17.63 -17.44
N ASN B 268 -16.83 18.34 -17.04
CA ASN B 268 -18.02 18.51 -17.85
C ASN B 268 -17.69 19.34 -19.09
N GLN B 269 -16.90 20.41 -18.88
CA GLN B 269 -16.48 21.27 -19.97
C GLN B 269 -15.42 20.57 -20.80
N ALA B 270 -14.64 19.71 -20.15
CA ALA B 270 -13.57 18.97 -20.81
C ALA B 270 -14.15 18.05 -21.89
N GLN B 271 -15.26 17.38 -21.57
CA GLN B 271 -15.88 16.40 -22.45
C GLN B 271 -16.61 17.10 -23.59
N GLU B 272 -16.99 18.36 -23.35
CA GLU B 272 -17.64 19.21 -24.34
C GLU B 272 -16.62 19.60 -25.41
N HIS B 273 -15.43 19.99 -24.96
CA HIS B 273 -14.41 20.57 -25.82
C HIS B 273 -13.51 19.49 -26.42
N PHE B 274 -13.15 18.49 -25.61
CA PHE B 274 -12.15 17.51 -26.02
C PHE B 274 -12.64 16.09 -25.77
N GLY B 275 -13.97 15.92 -25.69
CA GLY B 275 -14.54 14.62 -25.39
C GLY B 275 -14.39 13.64 -26.54
N LYS B 276 -15.38 12.75 -26.68
CA LYS B 276 -15.42 11.77 -27.75
C LYS B 276 -15.53 12.49 -29.09
N ASP B 277 -14.39 12.61 -29.79
CA ASP B 277 -14.33 13.08 -31.16
C ASP B 277 -14.72 14.56 -31.27
N LYS B 278 -14.68 15.28 -30.14
CA LYS B 278 -15.18 16.65 -30.11
C LYS B 278 -14.04 17.64 -30.35
N SER B 279 -12.86 17.10 -30.71
CA SER B 279 -11.70 17.88 -31.12
C SER B 279 -10.63 16.95 -31.66
N LYS B 280 -9.98 17.39 -32.75
CA LYS B 280 -8.87 16.65 -33.35
C LYS B 280 -7.55 17.24 -32.87
N GLU B 281 -7.64 18.12 -31.86
CA GLU B 281 -6.47 18.79 -31.28
C GLU B 281 -5.94 18.01 -30.10
N PHE B 282 -6.83 17.63 -29.17
CA PHE B 282 -6.44 16.88 -27.98
C PHE B 282 -7.57 15.96 -27.55
N GLN B 283 -7.25 14.67 -27.43
CA GLN B 283 -8.23 13.67 -26.99
C GLN B 283 -8.04 13.40 -25.50
N LEU B 284 -9.13 13.55 -24.74
CA LEU B 284 -9.16 13.35 -23.31
C LEU B 284 -9.24 11.86 -22.99
N PHE B 285 -9.85 11.10 -23.90
CA PHE B 285 -10.07 9.67 -23.72
C PHE B 285 -9.12 8.90 -24.62
N SER B 286 -8.10 9.60 -25.13
CA SER B 286 -7.10 9.01 -26.00
C SER B 286 -5.71 9.31 -25.45
N SER B 287 -4.95 8.24 -25.21
CA SER B 287 -3.60 8.34 -24.67
C SER B 287 -2.58 8.17 -25.79
N PRO B 288 -1.85 9.24 -26.17
CA PRO B 288 -0.83 9.16 -27.23
C PRO B 288 0.47 8.54 -26.73
N HIS B 289 0.57 8.37 -25.40
CA HIS B 289 1.77 7.90 -24.74
C HIS B 289 1.60 6.45 -24.27
N GLY B 290 0.35 6.05 -24.01
CA GLY B 290 0.07 4.71 -23.50
C GLY B 290 -1.37 4.29 -23.76
N LYS B 291 -2.00 3.69 -22.74
CA LYS B 291 -3.38 3.22 -22.81
C LYS B 291 -4.05 3.48 -21.47
N ASP B 292 -5.24 4.08 -21.51
CA ASP B 292 -6.08 4.31 -20.33
C ASP B 292 -5.39 5.23 -19.32
N LEU B 293 -4.77 6.30 -19.83
CA LEU B 293 -4.13 7.28 -18.97
C LEU B 293 -5.18 8.28 -18.49
N LEU B 294 -5.26 8.44 -17.16
CA LEU B 294 -6.19 9.33 -16.48
C LEU B 294 -7.61 8.76 -16.52
N PHE B 295 -8.04 8.30 -17.70
CA PHE B 295 -9.37 7.74 -17.87
C PHE B 295 -9.28 6.53 -18.81
N LYS B 296 -10.22 5.60 -18.68
CA LYS B 296 -10.31 4.47 -19.61
C LYS B 296 -10.56 5.02 -21.01
N ASP B 297 -9.93 4.36 -22.00
CA ASP B 297 -9.99 4.79 -23.39
C ASP B 297 -11.35 4.43 -23.99
N SER B 298 -12.12 3.61 -23.27
CA SER B 298 -13.45 3.19 -23.67
C SER B 298 -14.42 4.36 -23.51
N ALA B 299 -14.18 5.19 -22.49
CA ALA B 299 -15.10 6.20 -21.99
C ALA B 299 -15.65 7.05 -23.13
N HIS B 300 -16.97 7.31 -23.06
CA HIS B 300 -17.65 8.17 -24.02
C HIS B 300 -18.18 9.42 -23.32
N GLY B 301 -17.78 9.64 -22.05
CA GLY B 301 -18.12 10.89 -21.38
C GLY B 301 -18.22 10.74 -19.85
N PHE B 302 -18.75 11.79 -19.21
CA PHE B 302 -18.84 11.89 -17.76
C PHE B 302 -20.27 12.19 -17.34
N LEU B 303 -20.64 11.68 -16.16
CA LEU B 303 -21.88 12.02 -15.49
C LEU B 303 -21.56 12.41 -14.04
N LYS B 304 -22.28 13.42 -13.54
CA LYS B 304 -22.17 13.82 -12.15
C LYS B 304 -22.88 12.79 -11.28
N VAL B 305 -22.17 12.30 -10.25
CA VAL B 305 -22.74 11.35 -9.30
C VAL B 305 -23.63 12.13 -8.34
N PRO B 306 -24.90 11.69 -8.13
CA PRO B 306 -25.81 12.34 -7.19
C PRO B 306 -25.16 12.54 -5.82
N PRO B 307 -25.43 13.67 -5.13
CA PRO B 307 -24.63 14.07 -3.96
C PRO B 307 -24.85 13.34 -2.64
N ARG B 308 -26.00 12.66 -2.49
CA ARG B 308 -26.27 11.96 -1.24
C ARG B 308 -25.58 10.61 -1.23
N MET B 309 -24.88 10.30 -2.34
CA MET B 309 -24.25 9.00 -2.55
C MET B 309 -22.96 8.92 -1.72
N ASP B 310 -22.80 7.80 -1.01
CA ASP B 310 -21.51 7.43 -0.44
C ASP B 310 -20.95 6.25 -1.23
N ALA B 311 -19.79 5.74 -0.80
CA ALA B 311 -19.09 4.70 -1.53
C ALA B 311 -19.80 3.36 -1.38
N LYS B 312 -20.24 3.06 -0.15
CA LYS B 312 -20.94 1.81 0.15
C LYS B 312 -22.24 1.72 -0.62
N MET B 313 -22.85 2.88 -0.89
CA MET B 313 -24.12 2.94 -1.60
C MET B 313 -23.87 2.80 -3.10
N TYR B 314 -22.79 3.43 -3.59
CA TYR B 314 -22.47 3.47 -5.00
C TYR B 314 -21.94 2.11 -5.45
N LEU B 315 -21.23 1.42 -4.54
CA LEU B 315 -20.71 0.08 -4.80
C LEU B 315 -21.85 -0.94 -4.79
N GLY B 316 -22.74 -0.79 -3.81
CA GLY B 316 -23.82 -1.75 -3.61
C GLY B 316 -23.44 -2.78 -2.54
N TYR B 317 -24.47 -3.35 -1.91
CA TYR B 317 -24.31 -4.26 -0.79
C TYR B 317 -23.55 -5.51 -1.23
N GLU B 318 -23.97 -6.08 -2.37
CA GLU B 318 -23.39 -7.31 -2.91
C GLU B 318 -21.87 -7.16 -3.02
N TYR B 319 -21.43 -6.06 -3.64
CA TYR B 319 -20.02 -5.81 -3.88
C TYR B 319 -19.28 -5.72 -2.54
N VAL B 320 -19.82 -4.93 -1.61
CA VAL B 320 -19.15 -4.65 -0.35
C VAL B 320 -19.07 -5.92 0.48
N THR B 321 -20.10 -6.76 0.39
CA THR B 321 -20.12 -8.03 1.11
C THR B 321 -18.98 -8.90 0.60
N ALA B 322 -18.75 -8.85 -0.72
CA ALA B 322 -17.78 -9.71 -1.39
C ALA B 322 -16.36 -9.42 -0.90
N ILE B 323 -15.91 -8.17 -1.10
CA ILE B 323 -14.55 -7.78 -0.75
C ILE B 323 -14.39 -7.73 0.76
N ARG B 324 -15.46 -7.33 1.46
CA ARG B 324 -15.45 -7.25 2.91
C ARG B 324 -15.15 -8.63 3.48
N ASN B 325 -15.67 -9.68 2.83
CA ASN B 325 -15.42 -11.06 3.22
C ASN B 325 -13.99 -11.45 2.87
N LEU B 326 -13.56 -11.13 1.65
CA LEU B 326 -12.21 -11.43 1.18
C LEU B 326 -11.20 -10.81 2.13
N ARG B 327 -11.40 -9.53 2.45
CA ARG B 327 -10.46 -8.73 3.22
C ARG B 327 -10.52 -9.12 4.69
N GLU B 328 -11.72 -9.03 5.29
CA GLU B 328 -11.89 -9.30 6.71
C GLU B 328 -11.75 -10.80 6.98
N GLY B 329 -12.60 -11.59 6.33
CA GLY B 329 -12.52 -13.05 6.39
C GLY B 329 -13.04 -13.61 7.70
N THR B 330 -14.24 -13.17 8.10
CA THR B 330 -14.85 -13.59 9.35
C THR B 330 -16.28 -14.05 9.08
N CYS B 331 -16.50 -15.37 9.23
CA CYS B 331 -17.81 -15.98 9.06
C CYS B 331 -18.39 -16.30 10.43
N PRO B 332 -19.73 -16.29 10.60
CA PRO B 332 -20.34 -16.65 11.87
C PRO B 332 -20.34 -18.16 12.08
N GLU B 333 -20.29 -18.58 13.35
CA GLU B 333 -20.60 -19.96 13.71
C GLU B 333 -21.99 -19.97 14.35
N ALA B 334 -22.79 -18.94 14.03
CA ALA B 334 -24.19 -18.90 14.34
C ALA B 334 -24.92 -19.93 13.47
N PRO B 335 -25.83 -20.75 14.04
CA PRO B 335 -26.60 -21.73 13.27
C PRO B 335 -27.20 -21.07 12.02
N THR B 336 -26.97 -21.71 10.87
CA THR B 336 -27.29 -21.12 9.57
C THR B 336 -28.80 -21.16 9.32
N ASP B 337 -29.53 -21.88 10.18
CA ASP B 337 -30.95 -22.08 10.00
C ASP B 337 -31.75 -21.16 10.93
N GLU B 338 -31.04 -20.46 11.83
CA GLU B 338 -31.69 -19.54 12.76
C GLU B 338 -31.53 -18.11 12.26
N CYS B 339 -32.55 -17.28 12.54
CA CYS B 339 -32.55 -15.88 12.16
C CYS B 339 -31.71 -15.08 13.15
N LYS B 340 -30.79 -14.27 12.59
CA LYS B 340 -30.04 -13.29 13.36
C LYS B 340 -30.99 -12.16 13.76
N PRO B 341 -30.74 -11.47 14.90
CA PRO B 341 -31.70 -10.49 15.41
C PRO B 341 -31.93 -9.36 14.41
N VAL B 342 -33.20 -8.94 14.29
CA VAL B 342 -33.58 -7.91 13.34
C VAL B 342 -33.27 -6.54 13.93
N LYS B 343 -32.49 -5.75 13.19
CA LYS B 343 -32.05 -4.43 13.60
C LYS B 343 -33.04 -3.39 13.09
N TRP B 344 -33.78 -2.79 14.02
CA TRP B 344 -34.79 -1.80 13.69
C TRP B 344 -34.16 -0.41 13.69
N CYS B 345 -34.60 0.43 12.74
CA CYS B 345 -34.05 1.77 12.61
C CYS B 345 -34.98 2.78 13.27
N ALA B 346 -34.43 3.49 14.26
CA ALA B 346 -35.11 4.59 14.93
C ALA B 346 -34.59 5.91 14.37
N LEU B 347 -35.49 6.89 14.24
CA LEU B 347 -35.17 8.14 13.56
C LEU B 347 -35.40 9.33 14.50
N SER B 348 -35.78 9.04 15.75
CA SER B 348 -35.91 10.07 16.77
C SER B 348 -35.31 9.56 18.08
N HIS B 349 -35.15 10.48 19.04
CA HIS B 349 -34.63 10.12 20.36
C HIS B 349 -35.66 9.28 21.09
N HIS B 350 -36.94 9.68 20.98
CA HIS B 350 -38.05 8.96 21.58
C HIS B 350 -38.22 7.60 20.92
N GLU B 351 -38.06 7.55 19.59
CA GLU B 351 -38.16 6.30 18.85
C GLU B 351 -37.10 5.32 19.35
N ARG B 352 -35.89 5.82 19.61
CA ARG B 352 -34.80 5.01 20.09
C ARG B 352 -35.17 4.41 21.46
N LEU B 353 -35.78 5.23 22.31
CA LEU B 353 -36.11 4.85 23.67
C LEU B 353 -37.18 3.75 23.68
N LYS B 354 -38.14 3.86 22.76
CA LYS B 354 -39.18 2.84 22.61
C LYS B 354 -38.57 1.57 22.04
N CYS B 355 -37.65 1.74 21.08
CA CYS B 355 -36.98 0.62 20.44
C CYS B 355 -36.18 -0.17 21.47
N ASP B 356 -35.55 0.55 22.40
CA ASP B 356 -34.71 -0.06 23.42
C ASP B 356 -35.56 -0.86 24.40
N GLU B 357 -36.72 -0.31 24.76
CA GLU B 357 -37.67 -1.01 25.62
C GLU B 357 -38.06 -2.33 24.97
N TRP B 358 -38.37 -2.27 23.67
CA TRP B 358 -38.73 -3.43 22.87
C TRP B 358 -37.59 -4.45 22.87
N SER B 359 -36.38 -3.96 22.57
CA SER B 359 -35.20 -4.79 22.39
C SER B 359 -34.98 -5.69 23.60
N VAL B 360 -35.17 -5.13 24.80
CA VAL B 360 -34.92 -5.84 26.05
C VAL B 360 -36.04 -6.86 26.28
N ASN B 361 -37.28 -6.48 25.93
CA ASN B 361 -38.45 -7.33 26.11
C ASN B 361 -38.44 -8.45 25.06
N SER B 362 -37.79 -8.19 23.92
CA SER B 362 -37.78 -9.13 22.81
C SER B 362 -36.77 -10.25 23.07
N VAL B 363 -36.12 -10.20 24.24
CA VAL B 363 -35.09 -11.14 24.67
C VAL B 363 -34.01 -11.26 23.59
N GLY B 364 -33.61 -10.13 23.03
CA GLY B 364 -32.47 -10.03 22.13
C GLY B 364 -32.82 -10.35 20.68
N LYS B 365 -34.11 -10.53 20.38
CA LYS B 365 -34.55 -10.87 19.04
C LYS B 365 -34.69 -9.61 18.19
N ILE B 366 -35.00 -8.48 18.86
CA ILE B 366 -35.03 -7.18 18.22
C ILE B 366 -33.84 -6.38 18.72
N GLU B 367 -33.16 -5.69 17.78
CA GLU B 367 -32.09 -4.76 18.11
C GLU B 367 -32.46 -3.38 17.58
N CYS B 368 -31.60 -2.38 17.84
CA CYS B 368 -31.91 -1.00 17.54
C CYS B 368 -30.73 -0.30 16.89
N VAL B 369 -31.05 0.60 15.95
CA VAL B 369 -30.08 1.46 15.28
C VAL B 369 -30.71 2.85 15.13
N SER B 370 -29.96 3.88 15.53
CA SER B 370 -30.38 5.26 15.35
C SER B 370 -29.86 5.80 14.02
N ALA B 371 -30.59 6.77 13.44
CA ALA B 371 -30.21 7.45 12.22
C ALA B 371 -30.97 8.78 12.10
N GLU B 372 -30.32 9.77 11.49
CA GLU B 372 -30.78 11.15 11.53
C GLU B 372 -32.20 11.27 10.98
N THR B 373 -32.43 10.78 9.76
CA THR B 373 -33.69 10.99 9.07
C THR B 373 -34.28 9.65 8.61
N THR B 374 -35.43 9.73 7.94
CA THR B 374 -36.10 8.58 7.33
C THR B 374 -35.23 8.05 6.19
N GLU B 375 -34.75 8.96 5.34
CA GLU B 375 -33.95 8.60 4.17
C GLU B 375 -32.67 7.91 4.62
N ASP B 376 -32.07 8.42 5.70
CA ASP B 376 -30.84 7.89 6.26
C ASP B 376 -31.06 6.44 6.72
N CYS B 377 -32.20 6.21 7.39
CA CYS B 377 -32.57 4.88 7.86
C CYS B 377 -32.67 3.90 6.69
N ILE B 378 -33.27 4.35 5.59
CA ILE B 378 -33.46 3.52 4.41
C ILE B 378 -32.09 3.13 3.83
N ALA B 379 -31.16 4.08 3.83
CA ALA B 379 -29.81 3.84 3.38
C ALA B 379 -29.14 2.77 4.25
N LYS B 380 -29.44 2.80 5.56
CA LYS B 380 -28.91 1.85 6.52
C LYS B 380 -29.50 0.47 6.27
N ILE B 381 -30.72 0.42 5.75
CA ILE B 381 -31.38 -0.83 5.39
C ILE B 381 -30.61 -1.44 4.21
N MET B 382 -30.30 -0.62 3.20
CA MET B 382 -29.76 -1.09 1.94
C MET B 382 -28.33 -1.61 2.13
N ASN B 383 -27.59 -0.99 3.05
CA ASN B 383 -26.17 -1.30 3.22
C ASN B 383 -25.97 -2.33 4.34
N GLY B 384 -27.07 -2.71 5.00
CA GLY B 384 -27.07 -3.84 5.91
C GLY B 384 -26.85 -3.44 7.37
N GLU B 385 -26.76 -2.13 7.62
CA GLU B 385 -26.58 -1.61 8.97
C GLU B 385 -27.91 -1.65 9.73
N ALA B 386 -29.01 -1.75 8.98
CA ALA B 386 -30.35 -1.86 9.53
C ALA B 386 -31.15 -2.89 8.74
N ASP B 387 -32.15 -3.48 9.39
CA ASP B 387 -32.90 -4.58 8.81
C ASP B 387 -34.28 -4.11 8.35
N ALA B 388 -35.06 -3.53 9.28
CA ALA B 388 -36.44 -3.20 8.99
C ALA B 388 -36.86 -1.89 9.68
N MET B 389 -37.84 -1.22 9.07
CA MET B 389 -38.50 -0.04 9.62
C MET B 389 -39.90 0.05 9.04
N SER B 390 -40.71 0.98 9.57
CA SER B 390 -42.05 1.21 9.06
C SER B 390 -42.10 2.52 8.28
N LEU B 391 -42.69 2.46 7.08
CA LEU B 391 -42.69 3.59 6.15
C LEU B 391 -44.10 3.85 5.62
N ASP B 392 -44.33 5.09 5.19
CA ASP B 392 -45.55 5.51 4.54
C ASP B 392 -45.43 5.24 3.04
N GLY B 393 -46.51 5.49 2.30
CA GLY B 393 -46.55 5.28 0.86
C GLY B 393 -45.36 5.93 0.16
N GLY B 394 -45.24 7.26 0.34
CA GLY B 394 -44.22 8.06 -0.31
C GLY B 394 -42.81 7.49 -0.16
N PHE B 395 -42.57 6.82 0.99
CA PHE B 395 -41.24 6.29 1.29
C PHE B 395 -41.14 4.83 0.83
N VAL B 396 -42.26 4.10 0.87
CA VAL B 396 -42.30 2.74 0.37
C VAL B 396 -41.87 2.74 -1.09
N TYR B 397 -42.29 3.79 -1.82
CA TYR B 397 -41.91 3.98 -3.21
C TYR B 397 -40.40 4.24 -3.31
N ILE B 398 -39.90 5.12 -2.43
CA ILE B 398 -38.51 5.52 -2.45
C ILE B 398 -37.64 4.33 -2.05
N ALA B 399 -38.07 3.60 -1.00
CA ALA B 399 -37.40 2.39 -0.58
C ALA B 399 -37.44 1.36 -1.71
N GLY B 400 -38.55 1.34 -2.44
CA GLY B 400 -38.75 0.44 -3.56
C GLY B 400 -37.75 0.69 -4.69
N LYS B 401 -37.65 1.96 -5.12
CA LYS B 401 -36.75 2.36 -6.18
C LYS B 401 -35.31 2.11 -5.76
N CYS B 402 -35.09 1.95 -4.45
CA CYS B 402 -33.78 1.69 -3.89
C CYS B 402 -33.55 0.19 -3.75
N GLY B 403 -34.62 -0.61 -3.96
CA GLY B 403 -34.50 -2.05 -4.04
C GLY B 403 -35.00 -2.75 -2.78
N LEU B 404 -35.74 -2.03 -1.94
CA LEU B 404 -36.33 -2.60 -0.75
C LEU B 404 -37.74 -3.09 -1.06
N VAL B 405 -38.27 -3.94 -0.17
CA VAL B 405 -39.57 -4.58 -0.37
C VAL B 405 -40.42 -4.44 0.89
N PRO B 406 -41.76 -4.24 0.75
CA PRO B 406 -42.68 -4.38 1.87
C PRO B 406 -42.93 -5.85 2.21
N VAL B 407 -43.26 -6.13 3.47
CA VAL B 407 -43.41 -7.49 3.97
C VAL B 407 -44.64 -7.58 4.87
N LEU B 408 -44.91 -6.50 5.62
CA LEU B 408 -46.04 -6.45 6.54
C LEU B 408 -46.66 -5.05 6.46
N ALA B 409 -48.00 -5.01 6.47
CA ALA B 409 -48.72 -3.75 6.51
C ALA B 409 -49.30 -3.54 7.91
N GLU B 410 -49.35 -2.27 8.33
CA GLU B 410 -50.04 -1.87 9.55
C GLU B 410 -51.55 -1.95 9.29
N ASN B 411 -52.27 -2.62 10.19
CA ASN B 411 -53.72 -2.76 10.07
C ASN B 411 -54.41 -1.92 11.13
N TYR B 412 -55.36 -1.09 10.68
CA TYR B 412 -55.98 -0.08 11.53
C TYR B 412 -57.34 -0.56 12.02
N ASN B 413 -57.99 -1.42 11.23
CA ASN B 413 -59.28 -1.99 11.56
C ASN B 413 -59.07 -3.19 12.49
N LYS B 414 -60.03 -3.40 13.40
CA LYS B 414 -59.95 -4.46 14.38
C LYS B 414 -60.29 -5.80 13.73
N SER B 415 -59.33 -6.28 12.92
CA SER B 415 -59.39 -7.60 12.32
C SER B 415 -58.10 -8.35 12.67
N ASP B 416 -57.92 -8.62 13.98
CA ASP B 416 -56.72 -9.25 14.51
C ASP B 416 -56.44 -10.57 13.78
N ASN B 417 -57.47 -11.09 13.09
CA ASN B 417 -57.34 -12.25 12.23
C ASN B 417 -56.56 -11.87 10.97
N CYS B 418 -55.65 -10.90 11.12
CA CYS B 418 -54.84 -10.39 10.03
C CYS B 418 -53.78 -11.42 9.63
N GLU B 419 -54.06 -12.69 9.91
CA GLU B 419 -53.28 -13.80 9.40
C GLU B 419 -53.16 -13.64 7.89
N ASP B 420 -54.32 -13.45 7.24
CA ASP B 420 -54.42 -13.16 5.81
C ASP B 420 -55.60 -12.21 5.60
N THR B 421 -55.40 -10.92 5.90
CA THR B 421 -56.49 -9.96 5.91
C THR B 421 -56.24 -8.83 4.91
N PRO B 422 -57.25 -8.40 4.13
CA PRO B 422 -57.09 -7.31 3.17
C PRO B 422 -57.11 -5.92 3.82
N GLU B 423 -56.32 -5.01 3.24
CA GLU B 423 -56.27 -3.62 3.67
C GLU B 423 -56.26 -2.70 2.44
N ALA B 424 -55.09 -2.14 2.13
CA ALA B 424 -54.86 -1.22 1.03
C ALA B 424 -55.52 0.14 1.28
N GLY B 425 -56.04 0.32 2.50
CA GLY B 425 -56.42 1.62 3.03
C GLY B 425 -57.66 2.20 2.34
N TYR B 426 -57.78 3.53 2.43
CA TYR B 426 -58.95 4.28 1.96
C TYR B 426 -58.70 4.74 0.53
N PHE B 427 -59.73 5.38 -0.05
CA PHE B 427 -59.72 5.80 -1.44
C PHE B 427 -59.61 7.32 -1.52
N ALA B 428 -58.79 7.79 -2.47
CA ALA B 428 -58.67 9.21 -2.78
C ALA B 428 -59.53 9.53 -4.00
N VAL B 429 -60.44 10.50 -3.83
CA VAL B 429 -61.41 10.85 -4.85
C VAL B 429 -61.34 12.34 -5.15
N ALA B 430 -61.93 12.73 -6.28
CA ALA B 430 -62.07 14.13 -6.65
C ALA B 430 -63.56 14.47 -6.73
N VAL B 431 -64.03 15.26 -5.76
CA VAL B 431 -65.45 15.55 -5.63
C VAL B 431 -65.77 16.88 -6.33
N VAL B 432 -66.94 16.92 -6.96
CA VAL B 432 -67.42 18.05 -7.74
C VAL B 432 -68.94 18.02 -7.74
N LYS B 433 -69.57 19.21 -7.78
CA LYS B 433 -71.01 19.36 -7.76
C LYS B 433 -71.58 19.22 -9.16
N LYS B 434 -72.76 18.60 -9.26
CA LYS B 434 -73.40 18.26 -10.53
C LYS B 434 -73.72 19.52 -11.32
N SER B 435 -73.71 20.68 -10.64
CA SER B 435 -74.05 21.96 -11.21
C SER B 435 -73.28 22.22 -12.51
N ALA B 436 -71.96 22.41 -12.38
CA ALA B 436 -71.09 22.57 -13.53
C ALA B 436 -70.92 21.22 -14.22
N SER B 437 -71.91 20.86 -15.04
CA SER B 437 -72.04 19.51 -15.57
C SER B 437 -71.18 19.33 -16.82
N ASP B 438 -70.36 20.35 -17.12
CA ASP B 438 -69.44 20.30 -18.24
C ASP B 438 -68.07 19.81 -17.78
N LEU B 439 -67.92 19.63 -16.46
CA LEU B 439 -66.66 19.26 -15.85
C LEU B 439 -66.41 17.76 -15.99
N THR B 440 -65.30 17.43 -16.68
CA THR B 440 -64.73 16.09 -16.64
C THR B 440 -63.29 16.19 -16.16
N TRP B 441 -62.57 15.06 -16.20
CA TRP B 441 -61.20 14.97 -15.73
C TRP B 441 -60.25 15.71 -16.66
N ASP B 442 -60.65 15.85 -17.93
CA ASP B 442 -59.76 16.32 -18.98
C ASP B 442 -59.85 17.84 -19.14
N ASN B 443 -60.99 18.43 -18.76
CA ASN B 443 -61.19 19.86 -18.91
C ASN B 443 -61.05 20.56 -17.55
N LEU B 444 -60.21 19.97 -16.67
CA LEU B 444 -59.97 20.53 -15.36
C LEU B 444 -59.00 21.70 -15.45
N LYS B 445 -58.29 21.79 -16.57
CA LYS B 445 -57.25 22.79 -16.76
C LYS B 445 -57.84 24.19 -16.56
N GLY B 446 -57.35 24.87 -15.51
CA GLY B 446 -57.63 26.28 -15.29
C GLY B 446 -58.88 26.51 -14.43
N LYS B 447 -59.45 25.43 -13.88
CA LYS B 447 -60.62 25.56 -13.02
C LYS B 447 -60.17 25.95 -11.62
N LYS B 448 -61.13 26.32 -10.76
CA LYS B 448 -60.87 26.58 -9.35
C LYS B 448 -60.81 25.24 -8.61
N SER B 449 -59.83 25.11 -7.71
CA SER B 449 -59.57 23.85 -7.04
C SER B 449 -59.47 24.02 -5.53
N CYS B 450 -59.59 22.90 -4.80
CA CYS B 450 -59.51 22.86 -3.35
C CYS B 450 -58.73 21.62 -2.92
N HIS B 451 -57.70 21.84 -2.09
CA HIS B 451 -56.83 20.77 -1.61
C HIS B 451 -56.83 20.79 -0.09
N THR B 452 -56.72 19.60 0.52
CA THR B 452 -56.69 19.45 1.96
C THR B 452 -55.49 20.25 2.50
N ALA B 453 -54.31 19.92 1.96
CA ALA B 453 -53.06 20.65 2.21
C ALA B 453 -52.03 20.19 1.19
N VAL B 454 -50.97 20.99 1.02
CA VAL B 454 -49.90 20.64 0.11
C VAL B 454 -49.07 19.52 0.73
N GLY B 455 -48.79 18.48 -0.06
CA GLY B 455 -47.97 17.37 0.37
C GLY B 455 -48.80 16.18 0.85
N ARG B 456 -50.05 16.47 1.26
CA ARG B 456 -50.97 15.44 1.72
C ARG B 456 -51.25 14.46 0.59
N THR B 457 -51.58 13.22 0.95
CA THR B 457 -51.68 12.11 0.00
C THR B 457 -52.90 12.31 -0.90
N ALA B 458 -54.07 12.45 -0.27
CA ALA B 458 -55.33 12.50 -0.98
C ALA B 458 -55.54 13.86 -1.64
N GLY B 459 -55.12 14.92 -0.94
CA GLY B 459 -55.45 16.28 -1.32
C GLY B 459 -54.44 16.88 -2.29
N TRP B 460 -53.30 16.21 -2.48
CA TRP B 460 -52.24 16.81 -3.28
C TRP B 460 -51.51 15.76 -4.12
N ASN B 461 -50.82 14.84 -3.46
CA ASN B 461 -49.80 14.02 -4.09
C ASN B 461 -50.41 13.16 -5.20
N ILE B 462 -51.51 12.48 -4.90
CA ILE B 462 -52.17 11.59 -5.84
C ILE B 462 -52.75 12.41 -6.99
N PRO B 463 -53.66 13.38 -6.75
CA PRO B 463 -54.25 14.17 -7.83
C PRO B 463 -53.21 14.87 -8.71
N MET B 464 -52.43 15.77 -8.10
CA MET B 464 -51.48 16.60 -8.82
C MET B 464 -50.45 15.72 -9.53
N GLY B 465 -50.11 14.58 -8.90
CA GLY B 465 -49.19 13.61 -9.47
C GLY B 465 -49.76 12.97 -10.73
N LEU B 466 -51.07 12.74 -10.73
CA LEU B 466 -51.77 12.16 -11.86
C LEU B 466 -51.93 13.20 -12.96
N LEU B 467 -52.03 14.48 -12.57
CA LEU B 467 -52.22 15.57 -13.51
C LEU B 467 -50.90 15.93 -14.19
N TYR B 468 -49.77 15.43 -13.66
CA TYR B 468 -48.45 15.83 -14.11
C TYR B 468 -48.29 15.59 -15.61
N ASN B 469 -48.99 14.58 -16.14
CA ASN B 469 -48.96 14.27 -17.56
C ASN B 469 -49.35 15.51 -18.36
N LYS B 470 -50.29 16.28 -17.82
CA LYS B 470 -50.81 17.49 -18.44
C LYS B 470 -50.07 18.71 -17.90
N ILE B 471 -49.88 18.73 -16.57
CA ILE B 471 -49.27 19.85 -15.85
C ILE B 471 -47.95 20.23 -16.52
N ASN B 472 -47.26 19.23 -17.06
CA ASN B 472 -46.00 19.37 -17.81
C ASN B 472 -44.87 19.85 -16.90
N HIS B 473 -45.05 21.03 -16.27
CA HIS B 473 -44.00 21.64 -15.47
C HIS B 473 -44.44 21.79 -14.00
N CYS B 474 -43.44 21.81 -13.12
CA CYS B 474 -43.62 21.81 -11.67
C CYS B 474 -44.30 23.09 -11.20
N ARG B 475 -44.85 23.83 -12.17
CA ARG B 475 -45.64 25.01 -11.93
C ARG B 475 -47.10 24.57 -11.77
N PHE B 476 -47.43 24.10 -10.56
CA PHE B 476 -48.71 23.47 -10.27
C PHE B 476 -49.79 24.52 -10.08
N ASP B 477 -49.38 25.70 -9.57
CA ASP B 477 -50.28 26.83 -9.39
C ASP B 477 -50.72 27.36 -10.76
N GLU B 478 -50.11 26.82 -11.82
CA GLU B 478 -50.35 27.27 -13.18
C GLU B 478 -51.45 26.44 -13.83
N PHE B 479 -51.61 25.20 -13.37
CA PHE B 479 -52.60 24.28 -13.93
C PHE B 479 -54.01 24.77 -13.60
N PHE B 480 -54.17 25.31 -12.38
CA PHE B 480 -55.44 25.89 -11.95
C PHE B 480 -55.30 27.41 -11.91
N SER B 481 -56.33 28.10 -12.44
CA SER B 481 -56.38 29.56 -12.44
C SER B 481 -56.22 30.08 -11.01
N GLU B 482 -57.10 29.60 -10.12
CA GLU B 482 -57.04 29.88 -8.70
C GLU B 482 -57.25 28.57 -7.94
N GLY B 483 -56.88 28.57 -6.65
CA GLY B 483 -57.07 27.41 -5.80
C GLY B 483 -56.90 27.75 -4.33
N CYS B 484 -57.11 26.74 -3.47
CA CYS B 484 -56.74 26.80 -2.08
C CYS B 484 -56.06 25.49 -1.69
N ALA B 485 -54.73 25.56 -1.50
CA ALA B 485 -53.94 24.43 -1.08
C ALA B 485 -53.08 24.83 0.13
N PRO B 486 -53.68 24.87 1.35
CA PRO B 486 -52.98 25.38 2.53
C PRO B 486 -51.56 24.84 2.67
N GLY B 487 -50.61 25.76 2.90
CA GLY B 487 -49.20 25.43 3.02
C GLY B 487 -48.39 26.01 1.87
N SER B 488 -49.09 26.42 0.80
CA SER B 488 -48.49 27.02 -0.38
C SER B 488 -48.03 28.44 -0.07
N LYS B 489 -47.28 29.04 -1.01
CA LYS B 489 -46.79 30.39 -0.91
C LYS B 489 -47.96 31.35 -0.72
N LYS B 490 -47.73 32.41 0.06
CA LYS B 490 -48.77 33.33 0.49
C LYS B 490 -49.39 34.05 -0.71
N ASP B 491 -48.61 34.21 -1.78
CA ASP B 491 -48.96 35.13 -2.86
C ASP B 491 -49.15 34.39 -4.18
N SER B 492 -49.14 33.05 -4.13
CA SER B 492 -49.39 32.23 -5.31
C SER B 492 -50.88 32.06 -5.54
N SER B 493 -51.24 31.40 -6.65
CA SER B 493 -52.63 31.29 -7.08
C SER B 493 -53.36 30.21 -6.30
N LEU B 494 -52.63 29.48 -5.45
CA LEU B 494 -53.19 28.39 -4.66
C LEU B 494 -53.56 28.89 -3.26
N CYS B 495 -53.64 30.22 -3.10
CA CYS B 495 -54.04 30.82 -1.84
C CYS B 495 -54.96 32.02 -2.09
N LYS B 496 -55.65 32.02 -3.23
CA LYS B 496 -56.55 33.11 -3.59
C LYS B 496 -57.97 32.82 -3.09
N LEU B 497 -58.22 31.58 -2.66
CA LEU B 497 -59.57 31.14 -2.31
C LEU B 497 -59.71 30.95 -0.80
N CYS B 498 -58.58 30.69 -0.13
CA CYS B 498 -58.57 30.30 1.27
C CYS B 498 -59.21 31.39 2.14
N MET B 499 -60.39 31.10 2.68
CA MET B 499 -61.12 31.98 3.56
C MET B 499 -60.47 32.02 4.94
N GLY B 500 -59.18 32.37 4.98
CA GLY B 500 -58.43 32.48 6.21
C GLY B 500 -58.18 33.96 6.57
N SER B 501 -58.63 34.34 7.77
CA SER B 501 -58.56 35.72 8.22
C SER B 501 -57.17 36.04 8.76
N GLY B 502 -56.49 36.98 8.09
CA GLY B 502 -55.21 37.50 8.56
C GLY B 502 -54.03 36.76 7.93
N LEU B 503 -53.13 36.27 8.79
CA LEU B 503 -51.97 35.50 8.35
C LEU B 503 -52.32 34.01 8.32
N ASN B 504 -53.49 33.67 8.88
CA ASN B 504 -54.05 32.33 8.78
C ASN B 504 -54.60 32.13 7.37
N LEU B 505 -54.09 32.93 6.42
CA LEU B 505 -54.66 33.09 5.10
C LEU B 505 -54.41 31.83 4.26
N CYS B 506 -53.31 31.13 4.53
CA CYS B 506 -52.98 29.93 3.77
C CYS B 506 -52.13 28.98 4.62
N GLU B 507 -52.46 28.92 5.92
CA GLU B 507 -51.72 28.08 6.86
C GLU B 507 -52.35 26.70 6.92
N PRO B 508 -51.54 25.61 6.87
CA PRO B 508 -52.05 24.25 7.04
C PRO B 508 -52.43 23.92 8.48
N ASN B 509 -53.54 24.50 8.95
CA ASN B 509 -54.05 24.23 10.29
C ASN B 509 -55.56 24.47 10.34
N ASN B 510 -56.18 24.10 11.47
CA ASN B 510 -57.61 24.16 11.70
C ASN B 510 -58.12 25.60 11.57
N LYS B 511 -57.23 26.57 11.74
CA LYS B 511 -57.60 27.98 11.75
C LYS B 511 -57.55 28.54 10.33
N GLU B 512 -57.36 27.66 9.34
CA GLU B 512 -57.54 28.01 7.94
C GLU B 512 -59.03 27.91 7.59
N GLY B 513 -59.61 26.72 7.83
CA GLY B 513 -61.01 26.49 7.56
C GLY B 513 -61.22 25.70 6.27
N TYR B 514 -60.50 26.09 5.21
CA TYR B 514 -60.51 25.40 3.93
C TYR B 514 -59.42 24.33 3.94
N TYR B 515 -58.97 23.98 5.15
CA TYR B 515 -57.90 23.02 5.36
C TYR B 515 -58.48 21.68 5.80
N GLY B 516 -57.93 20.60 5.23
CA GLY B 516 -58.28 19.25 5.63
C GLY B 516 -59.42 18.68 4.77
N TYR B 517 -59.89 17.49 5.16
CA TYR B 517 -60.91 16.77 4.42
C TYR B 517 -62.23 17.54 4.49
N THR B 518 -62.57 18.02 5.69
CA THR B 518 -63.76 18.83 5.89
C THR B 518 -63.55 20.22 5.30
N GLY B 519 -62.29 20.65 5.27
CA GLY B 519 -61.92 21.99 4.83
C GLY B 519 -62.14 22.18 3.32
N ALA B 520 -61.56 21.27 2.53
CA ALA B 520 -61.60 21.36 1.08
C ALA B 520 -63.02 21.13 0.56
N PHE B 521 -63.86 20.51 1.39
CA PHE B 521 -65.24 20.23 1.02
C PHE B 521 -66.08 21.50 1.10
N ARG B 522 -65.85 22.30 2.15
CA ARG B 522 -66.47 23.62 2.27
C ARG B 522 -66.01 24.50 1.11
N CYS B 523 -64.73 24.37 0.77
CA CYS B 523 -64.12 25.08 -0.35
C CYS B 523 -64.82 24.71 -1.66
N LEU B 524 -65.23 23.43 -1.76
CA LEU B 524 -65.90 22.91 -2.94
C LEU B 524 -67.27 23.58 -3.08
N VAL B 525 -68.04 23.61 -1.98
CA VAL B 525 -69.42 24.06 -2.01
C VAL B 525 -69.48 25.58 -2.10
N GLU B 526 -68.47 26.25 -1.54
CA GLU B 526 -68.51 27.70 -1.40
C GLU B 526 -67.91 28.37 -2.63
N LYS B 527 -66.63 28.12 -2.90
CA LYS B 527 -65.89 28.96 -3.84
C LYS B 527 -65.03 28.13 -4.80
N GLY B 528 -65.46 26.91 -5.13
CA GLY B 528 -64.61 26.01 -5.90
C GLY B 528 -65.37 25.18 -6.94
N ASP B 529 -64.60 24.55 -7.83
CA ASP B 529 -65.12 23.65 -8.85
C ASP B 529 -64.84 22.20 -8.45
N VAL B 530 -63.61 21.93 -8.00
CA VAL B 530 -63.16 20.58 -7.66
C VAL B 530 -62.48 20.59 -6.30
N ALA B 531 -62.71 19.52 -5.52
CA ALA B 531 -62.05 19.31 -4.24
C ALA B 531 -61.49 17.88 -4.18
N PHE B 532 -60.30 17.74 -3.62
CA PHE B 532 -59.62 16.45 -3.55
C PHE B 532 -59.62 15.95 -2.11
N VAL B 533 -60.26 14.79 -1.90
CA VAL B 533 -60.50 14.25 -0.57
C VAL B 533 -60.57 12.73 -0.64
N LYS B 534 -60.94 12.12 0.50
CA LYS B 534 -61.15 10.69 0.60
C LYS B 534 -62.59 10.36 0.24
N HIS B 535 -62.90 9.06 0.16
CA HIS B 535 -64.19 8.56 -0.29
C HIS B 535 -65.28 8.92 0.73
N GLN B 536 -64.92 8.90 2.01
CA GLN B 536 -65.89 9.03 3.09
C GLN B 536 -65.99 10.48 3.57
N THR B 537 -65.58 11.42 2.72
CA THR B 537 -65.61 12.83 3.09
C THR B 537 -67.00 13.41 2.80
N VAL B 538 -67.51 13.16 1.59
CA VAL B 538 -68.81 13.66 1.18
C VAL B 538 -69.91 13.02 2.04
N PRO B 539 -70.00 11.66 2.10
CA PRO B 539 -71.01 11.00 2.93
C PRO B 539 -71.15 11.53 4.36
N GLN B 540 -70.02 11.90 4.98
CA GLN B 540 -70.00 12.21 6.40
C GLN B 540 -70.20 13.70 6.64
N ASN B 541 -70.49 14.47 5.58
CA ASN B 541 -70.66 15.91 5.73
C ASN B 541 -72.01 16.36 5.14
N THR B 542 -72.70 15.45 4.45
CA THR B 542 -74.04 15.73 3.94
C THR B 542 -75.05 14.95 4.76
N GLY B 543 -76.34 15.12 4.42
CA GLY B 543 -77.43 14.41 5.06
C GLY B 543 -77.63 14.86 6.50
N GLY B 544 -77.17 16.07 6.81
CA GLY B 544 -77.25 16.63 8.16
C GLY B 544 -76.38 15.87 9.15
N LYS B 545 -75.37 15.16 8.64
CA LYS B 545 -74.44 14.42 9.47
C LYS B 545 -73.41 15.39 10.05
N ASN B 546 -73.34 16.59 9.45
CA ASN B 546 -72.44 17.63 9.88
C ASN B 546 -73.26 18.79 10.46
N PRO B 547 -73.19 19.03 11.79
CA PRO B 547 -74.03 20.03 12.45
C PRO B 547 -73.70 21.49 12.14
N ASP B 548 -72.51 21.71 11.55
CA ASP B 548 -71.95 23.04 11.33
C ASP B 548 -72.82 23.83 10.34
N PRO B 549 -72.80 25.19 10.40
CA PRO B 549 -73.73 26.02 9.61
C PRO B 549 -73.86 25.68 8.13
N TRP B 550 -72.72 25.63 7.43
CA TRP B 550 -72.65 25.54 5.99
C TRP B 550 -73.03 24.12 5.51
N ALA B 551 -72.91 23.14 6.41
CA ALA B 551 -73.10 21.75 6.05
C ALA B 551 -74.40 21.19 6.64
N LYS B 552 -75.12 22.05 7.39
CA LYS B 552 -76.39 21.68 8.00
C LYS B 552 -77.28 20.99 6.98
N ASN B 553 -77.33 21.55 5.77
CA ASN B 553 -78.19 21.03 4.72
C ASN B 553 -77.42 20.94 3.40
N LEU B 554 -76.75 19.80 3.22
CA LEU B 554 -76.18 19.37 1.94
C LEU B 554 -76.56 17.91 1.74
N ASN B 555 -76.43 17.41 0.50
CA ASN B 555 -76.82 16.04 0.20
C ASN B 555 -75.85 15.41 -0.80
N GLU B 556 -75.69 14.09 -0.68
CA GLU B 556 -74.81 13.30 -1.52
C GLU B 556 -75.25 13.38 -2.98
N LYS B 557 -76.54 13.67 -3.18
CA LYS B 557 -77.17 13.70 -4.50
C LYS B 557 -76.53 14.79 -5.37
N ASP B 558 -76.14 15.90 -4.73
CA ASP B 558 -75.68 17.09 -5.41
C ASP B 558 -74.32 16.83 -6.07
N TYR B 559 -73.48 16.06 -5.38
CA TYR B 559 -72.09 15.90 -5.79
C TYR B 559 -71.88 14.49 -6.34
N GLU B 560 -71.37 14.43 -7.57
CA GLU B 560 -70.83 13.22 -8.15
C GLU B 560 -69.32 13.23 -7.88
N LEU B 561 -68.59 12.30 -8.50
CA LEU B 561 -67.15 12.32 -8.42
C LEU B 561 -66.54 11.95 -9.78
N LEU B 562 -65.41 12.60 -10.10
CA LEU B 562 -64.75 12.45 -11.38
C LEU B 562 -63.91 11.18 -11.40
N CYS B 563 -63.83 10.55 -12.58
CA CYS B 563 -63.05 9.35 -12.79
C CYS B 563 -62.01 9.61 -13.88
N LEU B 564 -61.03 8.71 -13.98
CA LEU B 564 -59.87 8.89 -14.85
C LEU B 564 -60.25 8.72 -16.32
N ASP B 565 -61.16 7.77 -16.57
CA ASP B 565 -61.56 7.38 -17.91
C ASP B 565 -62.27 8.54 -18.63
N GLY B 566 -62.71 9.52 -17.84
CA GLY B 566 -63.39 10.70 -18.36
C GLY B 566 -64.83 10.78 -17.88
N THR B 567 -65.28 9.70 -17.22
CA THR B 567 -66.66 9.60 -16.76
C THR B 567 -66.80 10.29 -15.41
N ARG B 568 -68.05 10.35 -14.92
CA ARG B 568 -68.38 10.72 -13.56
C ARG B 568 -69.38 9.70 -13.01
N LYS B 569 -69.46 9.60 -11.68
CA LYS B 569 -70.35 8.65 -11.02
C LYS B 569 -70.82 9.22 -9.68
N PRO B 570 -71.83 8.61 -9.02
CA PRO B 570 -72.23 9.02 -7.67
C PRO B 570 -71.19 8.70 -6.61
N VAL B 571 -71.25 9.44 -5.48
CA VAL B 571 -70.22 9.42 -4.45
C VAL B 571 -70.26 8.11 -3.66
N GLU B 572 -71.37 7.38 -3.76
CA GLU B 572 -71.58 6.16 -2.99
C GLU B 572 -70.77 5.00 -3.57
N GLU B 573 -70.33 5.14 -4.83
CA GLU B 573 -69.66 4.06 -5.53
C GLU B 573 -68.19 4.01 -5.12
N TYR B 574 -67.38 4.93 -5.67
CA TYR B 574 -65.99 5.17 -5.32
C TYR B 574 -65.09 3.98 -5.68
N ALA B 575 -65.46 2.77 -5.25
CA ALA B 575 -64.67 1.57 -5.46
C ALA B 575 -64.35 1.40 -6.95
N ASN B 576 -65.18 2.02 -7.80
CA ASN B 576 -65.00 1.99 -9.24
C ASN B 576 -64.50 3.35 -9.72
N CYS B 577 -64.90 4.41 -9.02
CA CYS B 577 -64.50 5.76 -9.37
C CYS B 577 -63.66 6.38 -8.25
N HIS B 578 -62.34 6.21 -8.37
CA HIS B 578 -61.37 6.82 -7.47
C HIS B 578 -60.17 7.27 -8.29
N LEU B 579 -59.21 7.93 -7.64
CA LEU B 579 -57.95 8.30 -8.27
C LEU B 579 -56.93 7.20 -8.01
N ALA B 580 -56.67 6.94 -6.72
CA ALA B 580 -55.85 5.83 -6.27
C ALA B 580 -56.19 5.52 -4.80
N ARG B 581 -55.90 4.29 -4.38
CA ARG B 581 -56.09 3.90 -2.99
C ARG B 581 -54.88 4.34 -2.18
N ALA B 582 -55.11 5.19 -1.18
CA ALA B 582 -54.05 5.68 -0.31
C ALA B 582 -53.62 4.57 0.64
N PRO B 583 -52.39 4.03 0.48
CA PRO B 583 -51.98 2.82 1.19
C PRO B 583 -51.68 3.06 2.65
N ASN B 584 -51.72 1.99 3.45
CA ASN B 584 -51.35 2.04 4.85
C ASN B 584 -49.83 2.03 4.97
N HIS B 585 -49.33 2.40 6.15
CA HIS B 585 -47.92 2.30 6.48
C HIS B 585 -47.51 0.83 6.43
N ALA B 586 -46.26 0.58 6.02
CA ALA B 586 -45.78 -0.78 5.81
C ALA B 586 -44.37 -0.95 6.37
N VAL B 587 -44.06 -2.19 6.78
CA VAL B 587 -42.74 -2.59 7.21
C VAL B 587 -41.93 -2.96 5.96
N VAL B 588 -40.69 -2.45 5.90
CA VAL B 588 -39.85 -2.58 4.71
C VAL B 588 -38.50 -3.15 5.12
N THR B 589 -38.00 -4.09 4.31
CA THR B 589 -36.72 -4.75 4.58
C THR B 589 -35.99 -5.04 3.26
N ARG B 590 -34.75 -5.53 3.38
CA ARG B 590 -33.99 -6.09 2.27
C ARG B 590 -34.56 -7.46 1.92
N LYS B 591 -34.34 -7.87 0.66
CA LYS B 591 -34.92 -9.08 0.11
C LYS B 591 -34.44 -10.29 0.91
N ASP B 592 -33.16 -10.28 1.31
CA ASP B 592 -32.54 -11.41 1.98
C ASP B 592 -33.19 -11.65 3.35
N LYS B 593 -33.49 -10.56 4.06
CA LYS B 593 -33.94 -10.66 5.44
C LYS B 593 -35.47 -10.66 5.52
N GLU B 594 -36.13 -10.92 4.38
CA GLU B 594 -37.59 -10.89 4.30
C GLU B 594 -38.20 -11.96 5.19
N ALA B 595 -37.81 -13.22 4.95
CA ALA B 595 -38.36 -14.38 5.65
C ALA B 595 -38.19 -14.23 7.15
N CYS B 596 -37.02 -13.72 7.56
CA CYS B 596 -36.69 -13.52 8.97
C CYS B 596 -37.62 -12.47 9.58
N VAL B 597 -37.83 -11.36 8.86
CA VAL B 597 -38.62 -10.25 9.36
C VAL B 597 -40.07 -10.69 9.56
N HIS B 598 -40.64 -11.36 8.55
CA HIS B 598 -41.99 -11.89 8.65
C HIS B 598 -42.19 -12.62 9.97
N LYS B 599 -41.24 -13.53 10.28
CA LYS B 599 -41.38 -14.44 11.41
C LYS B 599 -41.29 -13.65 12.72
N ILE B 600 -40.15 -12.99 12.95
CA ILE B 600 -39.84 -12.34 14.22
C ILE B 600 -40.98 -11.40 14.60
N LEU B 601 -41.36 -10.52 13.67
CA LEU B 601 -42.39 -9.51 13.90
C LEU B 601 -43.70 -10.18 14.28
N ARG B 602 -44.05 -11.26 13.57
CA ARG B 602 -45.32 -11.96 13.78
C ARG B 602 -45.31 -12.72 15.10
N GLN B 603 -44.11 -13.01 15.60
CA GLN B 603 -43.94 -13.58 16.93
C GLN B 603 -43.96 -12.46 17.96
N GLN B 604 -43.41 -11.29 17.57
CA GLN B 604 -43.26 -10.15 18.46
C GLN B 604 -44.63 -9.55 18.79
N GLN B 605 -45.48 -9.40 17.76
CA GLN B 605 -46.79 -8.80 17.96
C GLN B 605 -47.72 -9.79 18.64
N HIS B 606 -47.25 -11.03 18.80
CA HIS B 606 -48.02 -12.04 19.53
C HIS B 606 -47.80 -11.87 21.02
N LEU B 607 -46.69 -11.21 21.39
CA LEU B 607 -46.34 -10.97 22.77
C LEU B 607 -46.81 -9.58 23.20
N PHE B 608 -46.73 -8.60 22.28
CA PHE B 608 -46.86 -7.20 22.67
C PHE B 608 -47.88 -6.48 21.79
N GLY B 609 -48.61 -7.23 20.96
CA GLY B 609 -49.58 -6.65 20.04
C GLY B 609 -50.81 -6.12 20.77
N SER B 610 -51.82 -5.67 19.99
CA SER B 610 -53.06 -5.11 20.48
C SER B 610 -53.69 -6.03 21.54
N ASN B 611 -53.22 -7.28 21.57
CA ASN B 611 -53.77 -8.35 22.39
C ASN B 611 -53.54 -8.08 23.87
N VAL B 612 -52.42 -7.43 24.20
CA VAL B 612 -52.05 -7.21 25.59
C VAL B 612 -52.71 -5.93 26.10
N THR B 613 -53.48 -6.07 27.17
CA THR B 613 -54.02 -4.95 27.93
C THR B 613 -53.12 -4.72 29.13
N ASP B 614 -53.53 -3.81 30.03
CA ASP B 614 -52.74 -3.41 31.19
C ASP B 614 -51.38 -2.91 30.70
N CYS B 615 -51.43 -2.10 29.63
CA CYS B 615 -50.25 -1.66 28.90
C CYS B 615 -49.22 -1.03 29.82
N SER B 616 -49.68 -0.13 30.71
CA SER B 616 -48.83 0.66 31.59
C SER B 616 -47.86 -0.23 32.36
N GLY B 617 -48.35 -1.36 32.85
CA GLY B 617 -47.59 -2.26 33.69
C GLY B 617 -46.64 -3.16 32.88
N ASN B 618 -46.90 -3.25 31.57
CA ASN B 618 -46.11 -4.09 30.68
C ASN B 618 -45.54 -3.24 29.56
N PHE B 619 -45.34 -3.84 28.39
CA PHE B 619 -44.86 -3.15 27.21
C PHE B 619 -45.81 -3.42 26.05
N CYS B 620 -46.31 -2.33 25.44
CA CYS B 620 -47.20 -2.42 24.29
C CYS B 620 -46.50 -1.83 23.07
N LEU B 621 -46.38 -2.66 22.04
CA LEU B 621 -45.61 -2.36 20.84
C LEU B 621 -46.28 -1.22 20.07
N PHE B 622 -47.61 -1.14 20.17
CA PHE B 622 -48.40 -0.24 19.34
C PHE B 622 -48.90 0.94 20.16
N ARG B 623 -48.35 1.12 21.37
CA ARG B 623 -48.59 2.31 22.17
C ARG B 623 -47.27 3.06 22.37
N SER B 624 -47.32 4.37 22.14
CA SER B 624 -46.13 5.21 22.17
C SER B 624 -46.14 6.08 23.44
N GLU B 625 -44.93 6.51 23.84
CA GLU B 625 -44.77 7.48 24.91
C GLU B 625 -45.34 8.83 24.44
N THR B 626 -44.79 9.33 23.32
CA THR B 626 -45.31 10.53 22.70
C THR B 626 -46.42 10.15 21.71
N LYS B 627 -46.08 10.01 20.42
CA LYS B 627 -47.08 9.76 19.40
C LYS B 627 -46.45 9.08 18.19
N ASP B 628 -46.87 7.83 17.94
CA ASP B 628 -46.58 7.08 16.73
C ASP B 628 -45.07 6.81 16.63
N LEU B 629 -44.53 6.14 17.64
CA LEU B 629 -43.13 5.74 17.64
C LEU B 629 -43.00 4.34 17.06
N LEU B 630 -42.15 4.20 16.04
CA LEU B 630 -41.88 2.95 15.34
C LEU B 630 -43.07 2.57 14.46
N PHE B 631 -44.28 2.68 15.02
CA PHE B 631 -45.51 2.35 14.32
C PHE B 631 -46.56 3.39 14.67
N ARG B 632 -47.56 3.55 13.78
CA ARG B 632 -48.76 4.30 14.11
C ARG B 632 -49.44 3.60 15.30
N ASP B 633 -50.12 4.39 16.13
CA ASP B 633 -50.74 3.89 17.35
C ASP B 633 -52.07 3.24 17.02
N ASP B 634 -52.61 3.56 15.85
CA ASP B 634 -53.89 3.04 15.37
C ASP B 634 -53.77 1.55 15.10
N THR B 635 -52.55 1.10 14.79
CA THR B 635 -52.31 -0.26 14.33
C THR B 635 -52.75 -1.26 15.40
N VAL B 636 -53.43 -2.31 14.95
CA VAL B 636 -53.88 -3.38 15.83
C VAL B 636 -52.92 -4.55 15.67
N CYS B 637 -52.36 -4.69 14.45
CA CYS B 637 -51.48 -5.79 14.11
C CYS B 637 -50.75 -5.50 12.81
N LEU B 638 -49.80 -6.36 12.45
CA LEU B 638 -49.11 -6.31 11.18
C LEU B 638 -49.59 -7.45 10.31
N ALA B 639 -49.99 -7.13 9.07
CA ALA B 639 -50.64 -8.08 8.18
C ALA B 639 -49.64 -8.62 7.16
N LYS B 640 -49.86 -9.87 6.75
CA LYS B 640 -49.08 -10.53 5.71
C LYS B 640 -49.53 -9.98 4.36
N LEU B 641 -48.57 -9.88 3.42
CA LEU B 641 -48.74 -9.11 2.20
C LEU B 641 -48.66 -10.00 0.96
N HIS B 642 -49.06 -11.28 1.09
CA HIS B 642 -48.95 -12.26 0.03
C HIS B 642 -49.23 -11.59 -1.31
N ASP B 643 -48.38 -11.87 -2.31
CA ASP B 643 -48.63 -11.44 -3.68
C ASP B 643 -48.17 -10.01 -3.90
N ARG B 644 -48.31 -9.18 -2.86
CA ARG B 644 -48.10 -7.75 -2.96
C ARG B 644 -46.78 -7.39 -2.26
N ASN B 645 -45.73 -8.15 -2.56
CA ASN B 645 -44.48 -8.08 -1.81
C ASN B 645 -43.43 -7.26 -2.57
N THR B 646 -43.90 -6.39 -3.47
CA THR B 646 -43.05 -5.38 -4.08
C THR B 646 -43.73 -4.02 -3.94
N TYR B 647 -42.96 -2.94 -4.10
CA TYR B 647 -43.49 -1.59 -4.00
C TYR B 647 -44.50 -1.37 -5.11
N GLU B 648 -44.20 -1.92 -6.30
CA GLU B 648 -45.03 -1.81 -7.48
C GLU B 648 -46.39 -2.45 -7.23
N LYS B 649 -46.40 -3.56 -6.50
CA LYS B 649 -47.59 -4.37 -6.32
C LYS B 649 -48.36 -3.95 -5.06
N TYR B 650 -47.65 -3.37 -4.09
CA TYR B 650 -48.26 -2.98 -2.82
C TYR B 650 -49.10 -1.71 -3.03
N LEU B 651 -48.44 -0.67 -3.57
CA LEU B 651 -49.09 0.58 -3.90
C LEU B 651 -49.85 0.39 -5.20
N GLY B 652 -50.89 1.21 -5.43
CA GLY B 652 -51.58 1.21 -6.70
C GLY B 652 -50.64 1.61 -7.82
N GLU B 653 -50.82 0.99 -9.00
CA GLU B 653 -50.08 1.40 -10.19
C GLU B 653 -50.37 2.89 -10.45
N GLU B 654 -51.55 3.33 -10.00
CA GLU B 654 -51.96 4.71 -10.05
C GLU B 654 -51.20 5.52 -9.01
N TYR B 655 -51.03 4.93 -7.82
CA TYR B 655 -50.28 5.56 -6.73
C TYR B 655 -48.83 5.77 -7.17
N VAL B 656 -48.27 4.75 -7.85
CA VAL B 656 -46.89 4.76 -8.32
C VAL B 656 -46.73 5.82 -9.40
N LYS B 657 -47.72 5.93 -10.29
CA LYS B 657 -47.71 6.94 -11.34
C LYS B 657 -47.66 8.31 -10.70
N ALA B 658 -48.51 8.53 -9.69
CA ALA B 658 -48.69 9.81 -9.05
C ALA B 658 -47.45 10.23 -8.27
N VAL B 659 -46.89 9.29 -7.49
CA VAL B 659 -45.78 9.58 -6.60
C VAL B 659 -44.50 9.73 -7.43
N GLY B 660 -44.36 8.91 -8.48
CA GLY B 660 -43.20 8.92 -9.34
C GLY B 660 -43.04 10.26 -10.08
N ASN B 661 -44.17 10.84 -10.49
CA ASN B 661 -44.22 12.09 -11.22
C ASN B 661 -43.82 13.24 -10.30
N LEU B 662 -44.32 13.20 -9.06
CA LEU B 662 -44.09 14.26 -8.09
C LEU B 662 -42.62 14.31 -7.67
N ARG B 663 -41.94 13.16 -7.78
CA ARG B 663 -40.57 13.02 -7.32
C ARG B 663 -39.59 13.57 -8.34
N LYS B 664 -40.10 14.03 -9.48
CA LYS B 664 -39.31 14.71 -10.49
C LYS B 664 -39.31 16.22 -10.20
N CYS B 665 -40.24 16.64 -9.34
CA CYS B 665 -40.45 18.06 -9.04
C CYS B 665 -40.05 18.38 -7.61
N SER B 666 -40.15 17.40 -6.71
CA SER B 666 -39.72 17.56 -5.33
C SER B 666 -38.65 16.53 -5.02
N THR B 667 -37.43 16.77 -5.55
CA THR B 667 -36.38 15.78 -5.62
C THR B 667 -35.97 15.33 -4.21
N SER B 668 -35.88 14.01 -4.06
CA SER B 668 -35.35 13.36 -2.87
C SER B 668 -33.90 12.95 -3.15
N SER B 669 -32.98 13.48 -2.34
CA SER B 669 -31.55 13.28 -2.53
C SER B 669 -31.20 11.79 -2.61
N LEU B 670 -31.96 10.96 -1.87
CA LEU B 670 -31.75 9.54 -1.84
C LEU B 670 -32.35 8.89 -3.09
N LEU B 671 -33.53 9.35 -3.49
CA LEU B 671 -34.20 8.81 -4.66
C LEU B 671 -33.30 8.95 -5.88
N GLU B 672 -32.81 10.18 -6.11
CA GLU B 672 -31.99 10.50 -7.27
C GLU B 672 -30.67 9.72 -7.23
N ALA B 673 -30.26 9.31 -6.02
CA ALA B 673 -29.09 8.49 -5.86
C ALA B 673 -29.38 7.05 -6.30
N CYS B 674 -30.56 6.55 -5.92
CA CYS B 674 -30.94 5.17 -6.18
C CYS B 674 -31.27 4.98 -7.67
N THR B 675 -31.88 5.99 -8.28
CA THR B 675 -32.35 5.90 -9.66
C THR B 675 -31.16 6.01 -10.63
N PHE B 676 -30.13 6.74 -10.21
CA PHE B 676 -28.90 6.83 -10.98
C PHE B 676 -28.28 5.43 -11.10
N ARG B 677 -28.45 4.63 -10.04
CA ARG B 677 -27.89 3.29 -9.97
C ARG B 677 -28.73 2.30 -10.76
N ARG B 678 -30.03 2.60 -10.92
CA ARG B 678 -30.94 1.71 -11.62
C ARG B 678 -32.10 2.53 -12.20
N PRO B 679 -31.95 3.07 -13.44
CA PRO B 679 -32.98 3.92 -14.04
C PRO B 679 -34.24 3.14 -14.39
C1 CIT C . 31.71 -12.56 31.00
O1 CIT C . 31.97 -11.35 31.12
O2 CIT C . 32.57 -13.44 30.80
C2 CIT C . 30.26 -12.99 31.11
C3 CIT C . 29.44 -12.99 29.81
O7 CIT C . 28.32 -12.15 29.98
C4 CIT C . 28.94 -14.42 29.54
C5 CIT C . 27.77 -14.55 28.57
O3 CIT C . 26.75 -13.88 28.80
O4 CIT C . 27.91 -15.32 27.60
C6 CIT C . 30.31 -12.50 28.62
O5 CIT C . 30.75 -13.36 27.83
O6 CIT C . 30.51 -11.27 28.52
C1 CIT D . 50.06 -7.85 20.18
O1 CIT D . 50.32 -6.71 20.62
O2 CIT D . 50.91 -8.61 19.67
C2 CIT D . 48.63 -8.34 20.23
C3 CIT D . 47.77 -8.12 18.97
O7 CIT D . 46.52 -7.58 19.37
C4 CIT D . 47.52 -9.46 18.26
C5 CIT D . 48.57 -10.54 18.45
O3 CIT D . 49.62 -10.46 17.79
O4 CIT D . 48.32 -11.47 19.24
C6 CIT D . 48.48 -7.13 18.00
O5 CIT D . 49.40 -7.58 17.28
O6 CIT D . 48.09 -5.94 18.02
C1 CIT E . 16.49 3.13 -11.66
O1 CIT E . 17.13 3.74 -10.79
O2 CIT E . 16.95 2.21 -12.37
C2 CIT E . 15.04 3.54 -11.90
C3 CIT E . 14.80 5.00 -12.29
O7 CIT E . 15.72 5.83 -11.60
C4 CIT E . 13.37 5.40 -11.90
C5 CIT E . 13.08 5.51 -10.41
O3 CIT E . 14.05 5.58 -9.62
O4 CIT E . 11.89 5.54 -10.04
C6 CIT E . 14.99 5.17 -13.83
O5 CIT E . 14.14 5.85 -14.44
O6 CIT E . 15.97 4.60 -14.35
C1 CIT F . 14.59 8.61 -19.19
O1 CIT F . 13.72 7.81 -18.82
O2 CIT F . 15.34 9.22 -18.39
C2 CIT F . 14.76 8.87 -20.68
C3 CIT F . 16.20 8.95 -21.21
O7 CIT F . 17.04 9.50 -20.21
C4 CIT F . 16.68 7.54 -21.56
C5 CIT F . 17.05 6.65 -20.39
O3 CIT F . 16.41 5.57 -20.25
O4 CIT F . 17.96 7.01 -19.62
C6 CIT F . 16.23 9.85 -22.46
O5 CIT F . 16.14 9.29 -23.58
O6 CIT F . 16.32 11.08 -22.28
AU AU G . 19.42 -26.19 -22.04
AU AU H . 41.88 -24.65 -1.89
AU AU I . 41.87 15.97 10.57
AU AU J . 12.30 -25.29 -23.12
AU AU K . 45.05 14.85 27.69
AU AU K . 40.41 19.49 27.02
AU AU K . 44.36 17.63 29.85
AU AU L . 10.89 -4.11 -10.83
AU AU M . 38.38 16.13 13.40
AU AU N . 29.77 3.85 -13.67
AU AU O . 21.77 -5.68 -22.43
C1 CIT P . -53.43 10.77 7.35
O1 CIT P . -54.64 10.87 7.09
O2 CIT P . -52.96 9.98 8.21
C2 CIT P . -52.45 11.66 6.60
C3 CIT P . -52.12 11.22 5.17
O7 CIT P . -53.18 10.44 4.65
C4 CIT P . -50.84 10.39 5.18
C5 CIT P . -50.95 9.00 5.81
O3 CIT P . -50.25 8.76 6.81
O4 CIT P . -51.74 8.19 5.29
C6 CIT P . -51.91 12.48 4.27
O5 CIT P . -50.74 12.81 4.01
O6 CIT P . -52.94 13.08 3.90
C1 CIT Q . -11.28 -6.83 -13.38
O1 CIT Q . -10.80 -6.34 -12.33
O2 CIT Q . -11.03 -7.99 -13.77
C2 CIT Q . -12.20 -5.96 -14.21
C3 CIT Q . -12.31 -6.30 -15.71
O7 CIT Q . -12.43 -7.70 -15.86
C4 CIT Q . -11.03 -5.80 -16.42
C5 CIT Q . -10.33 -6.82 -17.30
O3 CIT Q . -10.45 -6.70 -18.54
O4 CIT Q . -9.67 -7.72 -16.76
C6 CIT Q . -13.55 -5.59 -16.30
O5 CIT Q . -13.43 -4.40 -16.64
O6 CIT Q . -14.60 -6.25 -16.39
C1 CIT R . -9.36 -9.91 -21.55
O1 CIT R . -8.43 -9.23 -22.03
O2 CIT R . -10.15 -9.49 -20.68
C2 CIT R . -9.53 -11.34 -22.04
C3 CIT R . -10.65 -11.57 -23.06
O7 CIT R . -11.90 -11.32 -22.44
C4 CIT R . -10.48 -10.60 -24.23
C5 CIT R . -11.37 -10.84 -25.44
O3 CIT R . -10.81 -10.90 -26.57
O4 CIT R . -12.59 -10.97 -25.25
C6 CIT R . -10.59 -13.03 -23.58
O5 CIT R . -11.53 -13.79 -23.25
O6 CIT R . -9.61 -13.35 -24.27
C1 CIT S . -55.97 14.02 8.53
O1 CIT S . -55.34 14.55 7.60
O2 CIT S . -55.43 13.29 9.40
C2 CIT S . -57.46 14.24 8.63
C3 CIT S . -57.93 15.71 8.64
O7 CIT S . -57.46 16.37 7.48
C4 CIT S . -59.46 15.73 8.66
C5 CIT S . -60.11 17.08 8.91
O3 CIT S . -60.84 17.19 9.91
O4 CIT S . -59.88 18.01 8.11
C6 CIT S . -57.38 16.42 9.91
O5 CIT S . -56.78 17.49 9.75
O6 CIT S . -57.58 15.86 11.01
AU AU T . -13.79 23.72 -27.87
AU AU U . -38.20 22.20 -16.75
AU AU V . -52.72 -9.54 1.81
AU AU W . -6.68 23.69 -27.48
AU AU X . -51.25 -13.06 18.42
AU AU Y . -8.02 2.30 -14.13
AU AU Z . -43.37 -15.12 4.33
AU AU AA . 5.09 8.85 -25.49
AU AU BA . -1.71 19.04 -27.29
AU AU CA . -44.57 7.23 8.96
C1 NAG DA . -62.66 -5.09 10.24
C2 NAG DA . -63.28 -5.24 8.84
C3 NAG DA . -64.57 -6.05 8.91
C4 NAG DA . -64.31 -7.39 9.58
C5 NAG DA . -63.67 -7.15 10.96
C6 NAG DA . -63.29 -8.44 11.67
C7 NAG DA . -64.31 -3.04 8.17
C8 NAG DA . -63.80 -1.66 8.45
N2 NAG DA . -63.39 -4.01 8.07
O3 NAG DA . -65.13 -6.21 7.62
O4 NAG DA . -65.54 -8.09 9.74
O5 NAG DA . -62.47 -6.37 10.83
O6 NAG DA . -62.39 -9.23 10.90
O7 NAG DA . -65.51 -3.27 8.01
#